data_1ILY
#
_entry.id   1ILY
#
_entity_poly.entity_id   1
_entity_poly.type   'polypeptide(L)'
_entity_poly.pdbx_seq_one_letter_code
;RLRLSVFRSLKHIYAQIIDDEKGVTLVSASSLALKLKGNKTEVARQVGRALAEKALALGIKQVAFDRGPYKYHGRVKALA
EGAREGGLEF
;
_entity_poly.pdbx_strand_id   A
#
# COMPACT_ATOMS: atom_id res chain seq x y z
N ARG A 1 5.88 13.03 6.60
CA ARG A 1 6.64 12.48 5.45
C ARG A 1 6.58 10.95 5.43
N LEU A 2 5.51 10.39 5.98
CA LEU A 2 5.33 8.95 6.02
C LEU A 2 5.73 8.31 4.70
N ARG A 3 6.66 7.36 4.75
CA ARG A 3 7.15 6.69 3.54
C ARG A 3 6.37 5.41 3.27
N LEU A 4 5.83 5.31 2.06
CA LEU A 4 5.07 4.14 1.64
C LEU A 4 6.00 3.11 1.01
N SER A 5 5.72 1.84 1.25
CA SER A 5 6.54 0.77 0.70
C SER A 5 5.68 -0.45 0.35
N VAL A 6 5.49 -0.70 -0.93
CA VAL A 6 4.68 -1.82 -1.37
C VAL A 6 5.54 -3.02 -1.75
N PHE A 7 5.27 -4.14 -1.10
CA PHE A 7 6.00 -5.37 -1.36
C PHE A 7 5.16 -6.37 -2.12
N ARG A 8 5.82 -7.13 -2.99
CA ARG A 8 5.17 -8.15 -3.79
C ARG A 8 6.16 -9.28 -4.09
N SER A 9 5.83 -10.47 -3.64
CA SER A 9 6.70 -11.63 -3.86
C SER A 9 6.34 -12.32 -5.18
N LEU A 10 5.18 -12.95 -5.19
CA LEU A 10 4.68 -13.64 -6.38
C LEU A 10 3.17 -13.56 -6.42
N LYS A 11 2.53 -14.07 -5.39
CA LYS A 11 1.08 -14.05 -5.27
C LYS A 11 0.66 -13.27 -4.02
N HIS A 12 1.65 -12.70 -3.32
CA HIS A 12 1.39 -11.93 -2.11
C HIS A 12 1.61 -10.44 -2.33
N ILE A 13 0.53 -9.68 -2.19
CA ILE A 13 0.59 -8.23 -2.36
C ILE A 13 0.54 -7.55 -1.00
N TYR A 14 1.46 -6.65 -0.73
CA TYR A 14 1.51 -5.96 0.54
C TYR A 14 1.93 -4.50 0.40
N ALA A 15 1.46 -3.68 1.33
CA ALA A 15 1.80 -2.27 1.36
C ALA A 15 2.07 -1.84 2.80
N GLN A 16 3.25 -1.32 3.04
CA GLN A 16 3.63 -0.89 4.38
C GLN A 16 3.78 0.62 4.42
N ILE A 17 2.89 1.26 5.16
CA ILE A 17 2.93 2.71 5.30
C ILE A 17 3.66 3.06 6.59
N ILE A 18 4.93 3.44 6.43
CA ILE A 18 5.79 3.76 7.56
C ILE A 18 5.96 5.26 7.77
N ASP A 19 6.43 5.62 8.96
CA ASP A 19 6.71 7.00 9.30
C ASP A 19 8.18 7.29 9.00
N ASP A 20 8.39 8.16 8.02
CA ASP A 20 9.73 8.54 7.57
C ASP A 20 10.29 9.74 8.33
N GLU A 21 9.82 9.92 9.56
CA GLU A 21 10.29 10.99 10.43
C GLU A 21 11.06 10.28 11.52
N LYS A 22 10.40 9.27 12.03
CA LYS A 22 10.94 8.37 13.01
C LYS A 22 10.56 6.99 12.51
N GLY A 23 11.55 6.16 12.21
CA GLY A 23 11.26 4.83 11.68
C GLY A 23 10.13 4.16 12.41
N VAL A 24 8.90 4.38 11.96
CA VAL A 24 7.74 3.80 12.63
C VAL A 24 6.70 3.26 11.66
N THR A 25 6.52 1.94 11.64
CA THR A 25 5.51 1.32 10.79
C THR A 25 4.14 1.51 11.42
N LEU A 26 3.25 2.20 10.72
CA LEU A 26 1.92 2.48 11.25
C LEU A 26 0.85 1.56 10.66
N VAL A 27 0.72 1.57 9.35
CA VAL A 27 -0.29 0.75 8.70
C VAL A 27 0.32 -0.21 7.68
N SER A 28 -0.28 -1.39 7.57
CA SER A 28 0.16 -2.41 6.63
C SER A 28 -1.01 -3.25 6.18
N ALA A 29 -1.34 -3.17 4.90
CA ALA A 29 -2.47 -3.91 4.34
C ALA A 29 -2.04 -4.85 3.22
N SER A 30 -2.75 -5.97 3.11
CA SER A 30 -2.44 -6.97 2.08
C SER A 30 -3.70 -7.72 1.66
N SER A 31 -3.86 -7.92 0.36
CA SER A 31 -5.03 -8.63 -0.17
C SER A 31 -5.08 -10.07 0.38
N LEU A 32 -4.03 -10.83 0.16
CA LEU A 32 -3.95 -12.21 0.62
C LEU A 32 -3.95 -12.28 2.15
N ALA A 33 -3.71 -11.14 2.79
CA ALA A 33 -3.67 -11.06 4.25
C ALA A 33 -5.06 -11.08 4.86
N LEU A 34 -5.86 -10.06 4.54
CA LEU A 34 -7.20 -9.93 5.10
C LEU A 34 -8.00 -11.21 4.90
N LYS A 35 -8.05 -11.67 3.66
CA LYS A 35 -8.79 -12.89 3.34
C LYS A 35 -8.74 -13.16 1.85
N LEU A 36 -8.94 -12.11 1.06
CA LEU A 36 -8.95 -12.21 -0.39
C LEU A 36 -7.70 -12.92 -0.91
N LYS A 37 -7.90 -14.08 -1.51
CA LYS A 37 -6.80 -14.86 -2.05
C LYS A 37 -6.97 -15.10 -3.55
N GLY A 38 -7.72 -14.22 -4.21
CA GLY A 38 -7.95 -14.35 -5.62
C GLY A 38 -6.80 -13.81 -6.46
N ASN A 39 -7.08 -12.76 -7.24
CA ASN A 39 -6.06 -12.14 -8.07
C ASN A 39 -5.16 -11.24 -7.25
N LYS A 40 -4.16 -10.65 -7.90
CA LYS A 40 -3.22 -9.76 -7.22
C LYS A 40 -3.46 -8.32 -7.63
N THR A 41 -3.76 -8.11 -8.91
CA THR A 41 -4.00 -6.76 -9.42
C THR A 41 -5.49 -6.43 -9.38
N GLU A 42 -6.33 -7.46 -9.47
CA GLU A 42 -7.77 -7.27 -9.44
C GLU A 42 -8.20 -6.58 -8.16
N VAL A 43 -7.81 -7.15 -7.02
CA VAL A 43 -8.15 -6.57 -5.73
C VAL A 43 -7.14 -5.51 -5.31
N ALA A 44 -5.94 -5.57 -5.89
CA ALA A 44 -4.88 -4.62 -5.56
C ALA A 44 -5.43 -3.25 -5.17
N ARG A 45 -6.42 -2.78 -5.91
CA ARG A 45 -7.04 -1.50 -5.60
C ARG A 45 -7.73 -1.58 -4.27
N GLN A 46 -8.69 -2.49 -4.21
CA GLN A 46 -9.42 -2.73 -2.99
C GLN A 46 -8.44 -2.90 -1.83
N VAL A 47 -7.20 -3.32 -2.16
CA VAL A 47 -6.18 -3.47 -1.15
C VAL A 47 -5.58 -2.11 -0.81
N GLY A 48 -5.50 -1.25 -1.83
CA GLY A 48 -4.97 0.07 -1.61
C GLY A 48 -5.98 0.97 -0.93
N ARG A 49 -7.27 0.68 -1.15
CA ARG A 49 -8.33 1.47 -0.54
C ARG A 49 -8.44 1.11 0.93
N ALA A 50 -8.27 -0.17 1.24
CA ALA A 50 -8.31 -0.60 2.63
C ALA A 50 -7.05 -0.10 3.33
N LEU A 51 -5.96 -0.06 2.57
CA LEU A 51 -4.68 0.43 3.07
C LEU A 51 -4.78 1.92 3.29
N ALA A 52 -5.18 2.60 2.24
CA ALA A 52 -5.36 4.04 2.29
C ALA A 52 -6.42 4.39 3.30
N GLU A 53 -7.32 3.46 3.55
CA GLU A 53 -8.36 3.66 4.52
C GLU A 53 -7.75 3.46 5.91
N LYS A 54 -6.74 2.60 5.96
CA LYS A 54 -6.00 2.32 7.17
C LYS A 54 -5.12 3.50 7.51
N ALA A 55 -4.10 3.69 6.68
CA ALA A 55 -3.15 4.80 6.84
C ALA A 55 -3.89 6.09 7.14
N LEU A 56 -4.99 6.30 6.43
CA LEU A 56 -5.81 7.47 6.62
C LEU A 56 -6.26 7.59 8.07
N ALA A 57 -6.59 6.46 8.66
CA ALA A 57 -7.03 6.42 10.05
C ALA A 57 -6.03 7.11 10.97
N LEU A 58 -4.77 7.17 10.52
CA LEU A 58 -3.72 7.83 11.27
C LEU A 58 -3.68 9.30 10.86
N GLY A 59 -4.10 9.54 9.63
CA GLY A 59 -4.11 10.87 9.07
C GLY A 59 -3.05 11.02 7.99
N ILE A 60 -2.54 9.88 7.51
CA ILE A 60 -1.53 9.89 6.46
C ILE A 60 -2.14 10.32 5.15
N LYS A 61 -1.81 11.54 4.75
CA LYS A 61 -2.32 12.11 3.53
C LYS A 61 -1.36 11.89 2.37
N GLN A 62 -0.11 12.27 2.58
CA GLN A 62 0.93 12.12 1.57
C GLN A 62 1.98 11.13 2.02
N VAL A 63 2.49 10.33 1.10
CA VAL A 63 3.51 9.34 1.45
C VAL A 63 4.72 9.44 0.55
N ALA A 64 5.82 8.86 1.03
CA ALA A 64 7.08 8.83 0.29
C ALA A 64 7.24 7.45 -0.34
N PHE A 65 6.96 7.35 -1.62
CA PHE A 65 7.06 6.08 -2.32
C PHE A 65 8.50 5.79 -2.73
N ASP A 66 9.12 4.86 -2.01
CA ASP A 66 10.49 4.46 -2.28
C ASP A 66 10.63 2.94 -2.21
N ARG A 67 9.65 2.25 -2.81
CA ARG A 67 9.63 0.80 -2.83
C ARG A 67 11.02 0.20 -3.01
N GLY A 68 11.83 0.85 -3.85
CA GLY A 68 13.17 0.37 -4.10
C GLY A 68 13.26 -0.40 -5.42
N PRO A 69 13.60 -1.70 -5.39
CA PRO A 69 13.70 -2.51 -6.59
C PRO A 69 12.33 -3.00 -7.08
N TYR A 70 11.39 -2.06 -7.20
CA TYR A 70 10.04 -2.39 -7.65
C TYR A 70 9.66 -1.58 -8.88
N LYS A 71 9.72 -2.23 -10.04
CA LYS A 71 9.38 -1.57 -11.29
C LYS A 71 7.87 -1.35 -11.36
N TYR A 72 7.47 -0.18 -11.85
CA TYR A 72 6.05 0.15 -11.96
C TYR A 72 5.29 -0.95 -12.69
N HIS A 73 4.82 -1.93 -11.92
CA HIS A 73 4.08 -3.06 -12.49
C HIS A 73 2.59 -2.92 -12.23
N GLY A 74 1.85 -4.01 -12.43
CA GLY A 74 0.41 -3.99 -12.22
C GLY A 74 0.02 -3.85 -10.77
N ARG A 75 0.51 -4.77 -9.93
CA ARG A 75 0.20 -4.75 -8.50
C ARG A 75 0.34 -3.33 -7.94
N VAL A 76 1.58 -2.85 -7.83
CA VAL A 76 1.86 -1.53 -7.34
C VAL A 76 0.89 -0.50 -7.93
N LYS A 77 0.45 -0.75 -9.16
CA LYS A 77 -0.48 0.15 -9.83
C LYS A 77 -1.84 0.15 -9.13
N ALA A 78 -2.64 -0.88 -9.42
CA ALA A 78 -3.97 -1.02 -8.85
C ALA A 78 -3.92 -0.79 -7.34
N LEU A 79 -2.84 -1.23 -6.72
CA LEU A 79 -2.67 -1.06 -5.30
C LEU A 79 -2.43 0.41 -4.97
N ALA A 80 -1.63 1.05 -5.80
CA ALA A 80 -1.31 2.45 -5.60
C ALA A 80 -2.52 3.34 -5.80
N GLU A 81 -3.42 2.98 -6.73
CA GLU A 81 -4.63 3.78 -6.90
C GLU A 81 -5.45 3.64 -5.63
N GLY A 82 -5.56 2.41 -5.15
CA GLY A 82 -6.28 2.18 -3.90
C GLY A 82 -5.80 3.12 -2.82
N ALA A 83 -4.49 3.02 -2.60
CA ALA A 83 -3.80 3.83 -1.60
C ALA A 83 -3.93 5.31 -1.89
N ARG A 84 -3.95 5.66 -3.18
CA ARG A 84 -4.07 7.06 -3.58
C ARG A 84 -5.54 7.45 -3.72
N GLU A 85 -6.39 6.47 -4.00
CA GLU A 85 -7.82 6.70 -4.15
C GLU A 85 -8.45 6.76 -2.77
N GLY A 86 -7.88 5.97 -1.84
CA GLY A 86 -8.38 5.94 -0.49
C GLY A 86 -8.04 7.21 0.28
N GLY A 87 -6.78 7.67 0.18
CA GLY A 87 -6.40 8.89 0.88
C GLY A 87 -4.93 9.28 0.73
N LEU A 88 -4.05 8.29 0.60
CA LEU A 88 -2.62 8.55 0.49
C LEU A 88 -2.22 9.17 -0.84
N GLU A 89 -1.24 10.06 -0.76
CA GLU A 89 -0.72 10.73 -1.95
C GLU A 89 0.80 10.59 -2.00
N PHE A 90 1.26 9.59 -2.73
CA PHE A 90 2.70 9.33 -2.85
C PHE A 90 3.13 9.32 -4.31
N ARG A 1 6.79 13.56 7.58
CA ARG A 1 6.26 12.85 6.38
C ARG A 1 6.35 11.34 6.54
N LEU A 2 5.42 10.62 5.92
CA LEU A 2 5.39 9.17 5.99
C LEU A 2 5.83 8.56 4.66
N ARG A 3 6.68 7.54 4.73
CA ARG A 3 7.19 6.87 3.54
C ARG A 3 6.45 5.57 3.29
N LEU A 4 5.92 5.41 2.08
CA LEU A 4 5.19 4.20 1.72
C LEU A 4 6.16 3.17 1.14
N SER A 5 5.95 1.91 1.48
CA SER A 5 6.82 0.83 1.01
C SER A 5 6.01 -0.42 0.68
N VAL A 6 5.94 -0.77 -0.60
CA VAL A 6 5.20 -1.95 -1.04
C VAL A 6 6.10 -3.16 -1.12
N PHE A 7 5.60 -4.29 -0.62
CA PHE A 7 6.35 -5.52 -0.64
C PHE A 7 5.59 -6.64 -1.33
N ARG A 8 6.14 -7.10 -2.44
CA ARG A 8 5.54 -8.18 -3.21
C ARG A 8 6.57 -9.29 -3.41
N SER A 9 6.29 -10.48 -2.90
CA SER A 9 7.21 -11.59 -3.03
C SER A 9 6.96 -12.39 -4.31
N LEU A 10 5.70 -12.71 -4.54
CA LEU A 10 5.28 -13.46 -5.72
C LEU A 10 3.76 -13.47 -5.81
N LYS A 11 3.15 -14.11 -4.82
CA LYS A 11 1.69 -14.18 -4.74
C LYS A 11 1.23 -13.48 -3.46
N HIS A 12 2.09 -12.61 -2.94
CA HIS A 12 1.79 -11.86 -1.72
C HIS A 12 2.00 -10.37 -1.93
N ILE A 13 1.04 -9.58 -1.49
CA ILE A 13 1.10 -8.14 -1.61
C ILE A 13 0.99 -7.48 -0.24
N TYR A 14 2.03 -6.76 0.16
CA TYR A 14 2.03 -6.10 1.47
C TYR A 14 2.56 -4.67 1.39
N ALA A 15 1.68 -3.68 1.55
CA ALA A 15 2.11 -2.29 1.55
C ALA A 15 2.27 -1.82 2.98
N GLN A 16 3.43 -1.30 3.28
CA GLN A 16 3.74 -0.80 4.61
C GLN A 16 3.89 0.70 4.60
N ILE A 17 3.00 1.37 5.31
CA ILE A 17 3.03 2.82 5.38
C ILE A 17 3.74 3.23 6.66
N ILE A 18 5.02 3.57 6.51
CA ILE A 18 5.88 3.94 7.64
C ILE A 18 6.06 5.44 7.77
N ASP A 19 6.57 5.85 8.94
CA ASP A 19 6.85 7.24 9.23
C ASP A 19 8.32 7.51 8.97
N ASP A 20 8.58 8.31 7.93
CA ASP A 20 9.95 8.65 7.52
C ASP A 20 10.46 9.92 8.19
N GLU A 21 9.94 10.20 9.37
CA GLU A 21 10.37 11.34 10.17
C GLU A 21 11.10 10.75 11.35
N LYS A 22 10.43 9.75 11.91
CA LYS A 22 10.94 8.94 12.97
C LYS A 22 10.60 7.52 12.56
N GLY A 23 11.61 6.69 12.38
CA GLY A 23 11.36 5.32 11.94
C GLY A 23 10.21 4.68 12.67
N VAL A 24 9.00 4.83 12.14
CA VAL A 24 7.83 4.29 12.80
C VAL A 24 6.81 3.68 11.82
N THR A 25 6.65 2.36 11.88
CA THR A 25 5.67 1.70 11.03
C THR A 25 4.26 1.93 11.60
N LEU A 26 3.38 2.50 10.80
CA LEU A 26 2.04 2.81 11.27
C LEU A 26 1.00 1.84 10.74
N VAL A 27 0.84 1.79 9.42
CA VAL A 27 -0.15 0.91 8.82
C VAL A 27 0.49 -0.10 7.87
N SER A 28 -0.07 -1.30 7.85
CA SER A 28 0.40 -2.37 6.98
C SER A 28 -0.75 -3.28 6.59
N ALA A 29 -1.06 -3.32 5.30
CA ALA A 29 -2.14 -4.16 4.80
C ALA A 29 -1.67 -5.06 3.68
N SER A 30 -2.31 -6.22 3.53
CA SER A 30 -1.94 -7.17 2.50
C SER A 30 -3.13 -8.00 2.03
N SER A 31 -3.26 -8.15 0.72
CA SER A 31 -4.35 -8.93 0.13
C SER A 31 -4.41 -10.32 0.74
N LEU A 32 -3.27 -10.81 1.23
CA LEU A 32 -3.21 -12.14 1.84
C LEU A 32 -4.20 -12.25 2.99
N ALA A 33 -4.02 -11.43 4.02
CA ALA A 33 -4.93 -11.44 5.17
C ALA A 33 -6.35 -11.19 4.70
N LEU A 34 -6.46 -10.51 3.56
CA LEU A 34 -7.74 -10.19 2.95
C LEU A 34 -8.17 -11.29 1.98
N LYS A 35 -7.48 -12.44 2.05
CA LYS A 35 -7.73 -13.59 1.17
C LYS A 35 -8.81 -13.32 0.12
N LEU A 36 -8.50 -12.34 -0.74
CA LEU A 36 -9.40 -11.94 -1.82
C LEU A 36 -9.94 -13.15 -2.57
N LYS A 37 -10.89 -12.92 -3.47
CA LYS A 37 -11.48 -13.98 -4.26
C LYS A 37 -11.26 -13.75 -5.75
N GLY A 38 -10.12 -13.14 -6.09
CA GLY A 38 -9.80 -12.87 -7.47
C GLY A 38 -8.45 -13.42 -7.87
N ASN A 39 -7.86 -12.83 -8.91
CA ASN A 39 -6.56 -13.25 -9.40
C ASN A 39 -5.44 -12.77 -8.48
N LYS A 40 -5.19 -11.47 -8.51
CA LYS A 40 -4.15 -10.88 -7.67
C LYS A 40 -4.12 -9.36 -7.83
N THR A 41 -4.29 -8.88 -9.06
CA THR A 41 -4.28 -7.46 -9.34
C THR A 41 -5.70 -6.89 -9.32
N GLU A 42 -6.70 -7.76 -9.27
CA GLU A 42 -8.09 -7.34 -9.27
C GLU A 42 -8.44 -6.63 -7.95
N VAL A 43 -7.97 -7.17 -6.84
CA VAL A 43 -8.24 -6.58 -5.53
C VAL A 43 -7.13 -5.63 -5.09
N ALA A 44 -5.95 -5.75 -5.70
CA ALA A 44 -4.82 -4.89 -5.35
C ALA A 44 -5.28 -3.49 -4.98
N ARG A 45 -6.26 -2.98 -5.73
CA ARG A 45 -6.80 -1.66 -5.45
C ARG A 45 -7.51 -1.69 -4.12
N GLN A 46 -8.51 -2.54 -4.04
CA GLN A 46 -9.26 -2.70 -2.81
C GLN A 46 -8.28 -2.91 -1.65
N VAL A 47 -7.11 -3.45 -1.96
CA VAL A 47 -6.11 -3.65 -0.92
C VAL A 47 -5.48 -2.32 -0.56
N GLY A 48 -5.35 -1.44 -1.57
CA GLY A 48 -4.81 -0.13 -1.35
C GLY A 48 -5.83 0.76 -0.69
N ARG A 49 -7.10 0.47 -0.93
CA ARG A 49 -8.18 1.25 -0.34
C ARG A 49 -8.20 0.97 1.16
N ALA A 50 -7.85 -0.28 1.51
CA ALA A 50 -7.78 -0.66 2.91
C ALA A 50 -6.49 -0.11 3.51
N LEU A 51 -5.43 -0.10 2.69
CA LEU A 51 -4.14 0.43 3.10
C LEU A 51 -4.28 1.92 3.33
N ALA A 52 -4.94 2.56 2.38
CA ALA A 52 -5.18 4.00 2.43
C ALA A 52 -6.22 4.33 3.46
N GLU A 53 -7.17 3.44 3.63
CA GLU A 53 -8.21 3.66 4.62
C GLU A 53 -7.59 3.49 6.01
N LYS A 54 -6.61 2.59 6.07
CA LYS A 54 -5.87 2.33 7.28
C LYS A 54 -4.98 3.52 7.58
N ALA A 55 -4.00 3.71 6.72
CA ALA A 55 -3.06 4.83 6.85
C ALA A 55 -3.82 6.12 7.12
N LEU A 56 -4.93 6.27 6.43
CA LEU A 56 -5.77 7.44 6.59
C LEU A 56 -6.23 7.58 8.03
N ALA A 57 -6.54 6.45 8.65
CA ALA A 57 -6.99 6.44 10.04
C ALA A 57 -6.01 7.17 10.94
N LEU A 58 -4.75 7.25 10.49
CA LEU A 58 -3.73 7.96 11.24
C LEU A 58 -3.72 9.43 10.80
N GLY A 59 -4.15 9.63 9.56
CA GLY A 59 -4.19 10.96 8.98
C GLY A 59 -3.14 11.11 7.91
N ILE A 60 -2.61 9.98 7.43
CA ILE A 60 -1.60 9.99 6.39
C ILE A 60 -2.20 10.37 5.07
N LYS A 61 -1.87 11.58 4.63
CA LYS A 61 -2.38 12.12 3.41
C LYS A 61 -1.41 11.89 2.26
N GLN A 62 -0.16 12.30 2.46
CA GLN A 62 0.87 12.14 1.43
C GLN A 62 1.95 11.20 1.93
N VAL A 63 2.48 10.37 1.02
CA VAL A 63 3.52 9.44 1.40
C VAL A 63 4.73 9.53 0.47
N ALA A 64 5.84 8.96 0.93
CA ALA A 64 7.08 8.93 0.18
C ALA A 64 7.28 7.54 -0.37
N PHE A 65 6.94 7.33 -1.63
CA PHE A 65 7.08 6.01 -2.24
C PHE A 65 8.50 5.75 -2.69
N ASP A 66 9.13 4.79 -2.03
CA ASP A 66 10.49 4.40 -2.34
C ASP A 66 10.69 2.92 -2.02
N ARG A 67 9.63 2.14 -2.21
CA ARG A 67 9.67 0.71 -1.94
C ARG A 67 10.97 0.09 -2.45
N GLY A 68 11.37 0.52 -3.64
CA GLY A 68 12.59 -0.01 -4.24
C GLY A 68 12.60 0.14 -5.75
N PRO A 69 13.03 -0.91 -6.49
CA PRO A 69 13.08 -0.90 -7.94
C PRO A 69 11.86 -1.53 -8.58
N TYR A 70 10.69 -1.29 -7.98
CA TYR A 70 9.45 -1.84 -8.51
C TYR A 70 8.81 -0.92 -9.53
N LYS A 71 9.25 -1.03 -10.79
CA LYS A 71 8.70 -0.20 -11.85
C LYS A 71 7.29 -0.67 -12.18
N TYR A 72 6.36 0.28 -12.30
CA TYR A 72 4.95 0.00 -12.60
C TYR A 72 4.67 -1.49 -12.73
N HIS A 73 4.61 -2.18 -11.60
CA HIS A 73 4.37 -3.62 -11.58
C HIS A 73 2.88 -3.92 -11.40
N GLY A 74 2.44 -5.04 -12.00
CA GLY A 74 1.04 -5.45 -11.91
C GLY A 74 0.33 -5.00 -10.65
N ARG A 75 1.03 -5.06 -9.52
CA ARG A 75 0.46 -4.67 -8.25
C ARG A 75 0.46 -3.16 -8.08
N VAL A 76 1.65 -2.57 -8.01
CA VAL A 76 1.83 -1.12 -7.84
C VAL A 76 0.70 -0.32 -8.46
N LYS A 77 0.36 -0.60 -9.71
CA LYS A 77 -0.72 0.15 -10.36
C LYS A 77 -1.99 0.12 -9.51
N ALA A 78 -2.62 -1.06 -9.48
CA ALA A 78 -3.86 -1.25 -8.74
C ALA A 78 -3.68 -1.03 -7.24
N LEU A 79 -2.57 -1.50 -6.68
CA LEU A 79 -2.31 -1.34 -5.27
C LEU A 79 -2.18 0.13 -4.92
N ALA A 80 -1.43 0.84 -5.74
CA ALA A 80 -1.19 2.25 -5.53
C ALA A 80 -2.44 3.09 -5.71
N GLU A 81 -3.37 2.67 -6.57
CA GLU A 81 -4.60 3.44 -6.72
C GLU A 81 -5.40 3.32 -5.42
N GLY A 82 -5.52 2.10 -4.92
CA GLY A 82 -6.21 1.89 -3.65
C GLY A 82 -5.72 2.88 -2.62
N ALA A 83 -4.40 2.86 -2.45
CA ALA A 83 -3.72 3.70 -1.50
C ALA A 83 -3.85 5.17 -1.86
N ARG A 84 -3.84 5.47 -3.15
CA ARG A 84 -3.97 6.84 -3.63
C ARG A 84 -5.43 7.23 -3.78
N GLU A 85 -6.28 6.23 -3.97
CA GLU A 85 -7.71 6.43 -4.12
C GLU A 85 -8.33 6.56 -2.73
N GLY A 86 -7.80 5.76 -1.80
CA GLY A 86 -8.27 5.77 -0.44
C GLY A 86 -7.97 7.08 0.26
N GLY A 87 -6.72 7.56 0.16
CA GLY A 87 -6.37 8.82 0.79
C GLY A 87 -4.90 9.21 0.64
N LEU A 88 -4.01 8.23 0.55
CA LEU A 88 -2.57 8.50 0.45
C LEU A 88 -2.17 9.07 -0.90
N GLU A 89 -1.20 9.97 -0.85
CA GLU A 89 -0.68 10.60 -2.06
C GLU A 89 0.84 10.47 -2.09
N PHE A 90 1.32 9.49 -2.85
CA PHE A 90 2.75 9.23 -2.94
C PHE A 90 3.19 9.13 -4.40
N ARG A 1 7.90 13.17 7.14
CA ARG A 1 6.64 12.62 6.60
C ARG A 1 6.61 11.09 6.67
N LEU A 2 5.58 10.49 6.09
CA LEU A 2 5.44 9.05 6.08
C LEU A 2 5.84 8.47 4.73
N ARG A 3 6.67 7.44 4.75
CA ARG A 3 7.14 6.81 3.52
C ARG A 3 6.38 5.51 3.24
N LEU A 4 5.80 5.43 2.05
CA LEU A 4 5.04 4.26 1.63
C LEU A 4 5.97 3.25 0.96
N SER A 5 5.72 1.97 1.19
CA SER A 5 6.55 0.93 0.59
C SER A 5 5.73 -0.31 0.28
N VAL A 6 5.49 -0.57 -1.01
CA VAL A 6 4.71 -1.73 -1.40
C VAL A 6 5.60 -2.93 -1.71
N PHE A 7 5.37 -4.00 -0.95
CA PHE A 7 6.13 -5.22 -1.12
C PHE A 7 5.34 -6.29 -1.87
N ARG A 8 6.03 -7.00 -2.75
CA ARG A 8 5.43 -8.06 -3.53
C ARG A 8 6.46 -9.13 -3.85
N SER A 9 6.22 -10.35 -3.39
CA SER A 9 7.16 -11.44 -3.63
C SER A 9 6.81 -12.16 -4.92
N LEU A 10 5.63 -12.77 -4.94
CA LEU A 10 5.14 -13.49 -6.11
C LEU A 10 3.62 -13.47 -6.12
N LYS A 11 3.04 -13.98 -5.05
CA LYS A 11 1.60 -14.02 -4.89
C LYS A 11 1.18 -13.24 -3.64
N HIS A 12 2.15 -12.64 -2.95
CA HIS A 12 1.87 -11.89 -1.72
C HIS A 12 2.08 -10.40 -1.92
N ILE A 13 0.99 -9.64 -1.75
CA ILE A 13 1.03 -8.20 -1.88
C ILE A 13 0.93 -7.56 -0.49
N TYR A 14 1.81 -6.61 -0.19
CA TYR A 14 1.80 -5.97 1.12
C TYR A 14 2.28 -4.52 1.06
N ALA A 15 1.39 -3.56 1.30
CA ALA A 15 1.78 -2.16 1.30
C ALA A 15 2.10 -1.74 2.73
N GLN A 16 3.30 -1.24 2.92
CA GLN A 16 3.75 -0.81 4.22
C GLN A 16 3.87 0.71 4.29
N ILE A 17 3.02 1.31 5.10
CA ILE A 17 3.03 2.75 5.28
C ILE A 17 3.80 3.09 6.54
N ILE A 18 5.07 3.42 6.36
CA ILE A 18 5.96 3.73 7.47
C ILE A 18 6.12 5.23 7.69
N ASP A 19 6.65 5.59 8.85
CA ASP A 19 6.90 6.99 9.19
C ASP A 19 8.34 7.32 8.86
N ASP A 20 8.51 8.18 7.86
CA ASP A 20 9.84 8.59 7.37
C ASP A 20 10.38 9.80 8.13
N GLU A 21 9.87 10.01 9.33
CA GLU A 21 10.34 11.08 10.21
C GLU A 21 11.08 10.39 11.33
N LYS A 22 10.39 9.40 11.85
CA LYS A 22 10.90 8.50 12.85
C LYS A 22 10.61 7.12 12.31
N GLY A 23 11.63 6.32 12.07
CA GLY A 23 11.40 4.99 11.52
C GLY A 23 10.30 4.27 12.26
N VAL A 24 9.05 4.47 11.81
CA VAL A 24 7.91 3.87 12.50
C VAL A 24 6.88 3.27 11.54
N THR A 25 6.76 1.94 11.55
CA THR A 25 5.77 1.27 10.71
C THR A 25 4.38 1.45 11.33
N LEU A 26 3.49 2.12 10.62
CA LEU A 26 2.15 2.38 11.13
C LEU A 26 1.12 1.44 10.55
N VAL A 27 0.97 1.45 9.23
CA VAL A 27 -0.02 0.59 8.58
C VAL A 27 0.61 -0.39 7.60
N SER A 28 0.05 -1.59 7.56
CA SER A 28 0.51 -2.63 6.68
C SER A 28 -0.67 -3.52 6.29
N ALA A 29 -1.02 -3.51 5.01
CA ALA A 29 -2.14 -4.30 4.53
C ALA A 29 -1.73 -5.30 3.46
N SER A 30 -2.56 -6.32 3.28
CA SER A 30 -2.31 -7.36 2.28
C SER A 30 -3.61 -7.85 1.67
N SER A 31 -3.69 -7.82 0.34
CA SER A 31 -4.88 -8.25 -0.37
C SER A 31 -5.17 -9.73 -0.15
N LEU A 32 -4.11 -10.53 -0.02
CA LEU A 32 -4.25 -11.96 0.22
C LEU A 32 -4.79 -12.26 1.63
N ALA A 33 -4.86 -11.22 2.46
CA ALA A 33 -5.34 -11.37 3.83
C ALA A 33 -6.86 -11.27 3.92
N LEU A 34 -7.41 -10.18 3.39
CA LEU A 34 -8.84 -9.95 3.42
C LEU A 34 -9.61 -11.16 2.89
N LYS A 35 -9.14 -11.70 1.77
CA LYS A 35 -9.79 -12.85 1.17
C LYS A 35 -9.08 -13.28 -0.11
N LEU A 36 -8.51 -12.30 -0.82
CA LEU A 36 -7.81 -12.56 -2.09
C LEU A 36 -6.98 -13.84 -2.02
N LYS A 37 -7.09 -14.65 -3.06
CA LYS A 37 -6.35 -15.91 -3.14
C LYS A 37 -5.67 -16.06 -4.49
N GLY A 38 -6.41 -15.76 -5.56
CA GLY A 38 -5.86 -15.87 -6.90
C GLY A 38 -5.58 -14.51 -7.52
N ASN A 39 -6.61 -13.87 -8.05
CA ASN A 39 -6.46 -12.56 -8.67
C ASN A 39 -5.86 -11.56 -7.69
N LYS A 40 -4.71 -11.00 -8.06
CA LYS A 40 -4.02 -10.02 -7.22
C LYS A 40 -4.42 -8.59 -7.60
N THR A 41 -4.14 -8.22 -8.85
CA THR A 41 -4.46 -6.88 -9.32
C THR A 41 -5.94 -6.56 -9.14
N GLU A 42 -6.76 -7.60 -9.06
CA GLU A 42 -8.20 -7.43 -8.88
C GLU A 42 -8.51 -6.64 -7.60
N VAL A 43 -8.20 -7.24 -6.45
CA VAL A 43 -8.45 -6.59 -5.17
C VAL A 43 -7.36 -5.58 -4.82
N ALA A 44 -6.19 -5.71 -5.46
CA ALA A 44 -5.07 -4.81 -5.19
C ALA A 44 -5.53 -3.39 -4.90
N ARG A 45 -6.56 -2.94 -5.60
CA ARG A 45 -7.10 -1.61 -5.36
C ARG A 45 -7.78 -1.60 -4.02
N GLN A 46 -8.76 -2.46 -3.89
CA GLN A 46 -9.49 -2.61 -2.65
C GLN A 46 -8.51 -2.77 -1.50
N VAL A 47 -7.28 -3.21 -1.81
CA VAL A 47 -6.27 -3.36 -0.79
C VAL A 47 -5.62 -2.02 -0.50
N GLY A 48 -5.52 -1.18 -1.54
CA GLY A 48 -4.95 0.12 -1.37
C GLY A 48 -5.93 1.07 -0.71
N ARG A 49 -7.22 0.87 -1.01
CA ARG A 49 -8.25 1.73 -0.44
C ARG A 49 -8.42 1.40 1.04
N ALA A 50 -8.41 0.10 1.35
CA ALA A 50 -8.53 -0.32 2.74
C ALA A 50 -7.30 0.14 3.50
N LEU A 51 -6.15 0.02 2.84
CA LEU A 51 -4.88 0.45 3.40
C LEU A 51 -4.93 1.94 3.60
N ALA A 52 -5.23 2.61 2.50
CA ALA A 52 -5.37 4.07 2.49
C ALA A 52 -6.37 4.50 3.54
N GLU A 53 -7.28 3.58 3.87
CA GLU A 53 -8.27 3.84 4.88
C GLU A 53 -7.61 3.84 6.25
N LYS A 54 -6.63 2.93 6.39
CA LYS A 54 -5.87 2.80 7.62
C LYS A 54 -4.93 3.98 7.78
N ALA A 55 -3.99 4.08 6.84
CA ALA A 55 -3.02 5.18 6.83
C ALA A 55 -3.75 6.48 7.09
N LEU A 56 -4.89 6.61 6.44
CA LEU A 56 -5.72 7.79 6.59
C LEU A 56 -6.15 7.98 8.03
N ALA A 57 -6.50 6.87 8.69
CA ALA A 57 -6.94 6.91 10.07
C ALA A 57 -5.95 7.67 10.96
N LEU A 58 -4.70 7.71 10.54
CA LEU A 58 -3.68 8.44 11.25
C LEU A 58 -3.65 9.88 10.76
N GLY A 59 -4.03 10.04 9.50
CA GLY A 59 -4.04 11.34 8.87
C GLY A 59 -3.00 11.43 7.78
N ILE A 60 -2.45 10.29 7.39
CA ILE A 60 -1.44 10.25 6.35
C ILE A 60 -2.05 10.61 5.02
N LYS A 61 -1.77 11.84 4.59
CA LYS A 61 -2.28 12.37 3.36
C LYS A 61 -1.31 12.13 2.23
N GLN A 62 -0.06 12.50 2.46
CA GLN A 62 0.99 12.33 1.46
C GLN A 62 2.05 11.37 1.96
N VAL A 63 2.50 10.47 1.09
CA VAL A 63 3.51 9.50 1.47
C VAL A 63 4.72 9.55 0.55
N ALA A 64 5.82 8.97 1.02
CA ALA A 64 7.05 8.91 0.26
C ALA A 64 7.27 7.51 -0.28
N PHE A 65 6.98 7.32 -1.57
CA PHE A 65 7.14 6.01 -2.19
C PHE A 65 8.58 5.74 -2.57
N ASP A 66 9.13 4.66 -2.02
CA ASP A 66 10.50 4.27 -2.29
C ASP A 66 10.63 2.75 -2.23
N ARG A 67 9.68 2.06 -2.86
CA ARG A 67 9.66 0.60 -2.88
C ARG A 67 11.06 0.01 -3.06
N GLY A 68 11.92 0.74 -3.77
CA GLY A 68 13.27 0.27 -4.00
C GLY A 68 13.38 -0.53 -5.28
N PRO A 69 13.90 -1.78 -5.22
CA PRO A 69 14.04 -2.63 -6.40
C PRO A 69 12.68 -3.09 -6.92
N TYR A 70 11.84 -2.13 -7.30
CA TYR A 70 10.51 -2.44 -7.81
C TYR A 70 10.22 -1.69 -9.10
N LYS A 71 9.29 -2.22 -9.87
CA LYS A 71 8.87 -1.59 -11.12
C LYS A 71 7.36 -1.54 -11.18
N TYR A 72 6.81 -0.44 -11.70
CA TYR A 72 5.35 -0.28 -11.80
C TYR A 72 4.71 -1.60 -12.25
N HIS A 73 4.28 -2.40 -11.28
CA HIS A 73 3.70 -3.71 -11.59
C HIS A 73 2.21 -3.77 -11.23
N GLY A 74 1.49 -4.61 -11.99
CA GLY A 74 0.05 -4.81 -11.79
C GLY A 74 -0.45 -4.39 -10.42
N ARG A 75 0.14 -4.96 -9.38
CA ARG A 75 -0.25 -4.64 -8.01
C ARG A 75 -0.09 -3.14 -7.77
N VAL A 76 1.16 -2.67 -7.83
CA VAL A 76 1.49 -1.27 -7.65
C VAL A 76 0.41 -0.36 -8.21
N LYS A 77 -0.02 -0.66 -9.42
CA LYS A 77 -1.05 0.15 -10.05
C LYS A 77 -2.30 0.21 -9.19
N ALA A 78 -3.11 -0.83 -9.26
CA ALA A 78 -4.35 -0.91 -8.49
C ALA A 78 -4.12 -0.61 -7.01
N LEU A 79 -3.05 -1.16 -6.45
CA LEU A 79 -2.74 -0.95 -5.05
C LEU A 79 -2.48 0.51 -4.79
N ALA A 80 -1.71 1.11 -5.67
CA ALA A 80 -1.35 2.52 -5.55
C ALA A 80 -2.58 3.39 -5.70
N GLU A 81 -3.50 3.02 -6.61
CA GLU A 81 -4.72 3.80 -6.74
C GLU A 81 -5.51 3.62 -5.47
N GLY A 82 -5.57 2.38 -4.99
CA GLY A 82 -6.25 2.11 -3.73
C GLY A 82 -5.78 3.07 -2.66
N ALA A 83 -4.47 3.01 -2.43
CA ALA A 83 -3.81 3.83 -1.43
C ALA A 83 -3.99 5.31 -1.73
N ARG A 84 -4.01 5.66 -3.02
CA ARG A 84 -4.19 7.05 -3.42
C ARG A 84 -5.67 7.40 -3.54
N GLU A 85 -6.47 6.40 -3.90
CA GLU A 85 -7.90 6.57 -4.05
C GLU A 85 -8.52 6.68 -2.66
N GLY A 86 -7.95 5.92 -1.73
CA GLY A 86 -8.41 5.92 -0.36
C GLY A 86 -8.10 7.25 0.33
N GLY A 87 -6.86 7.75 0.18
CA GLY A 87 -6.50 9.02 0.80
C GLY A 87 -5.03 9.40 0.66
N LEU A 88 -4.14 8.41 0.56
CA LEU A 88 -2.71 8.68 0.48
C LEU A 88 -2.28 9.27 -0.86
N GLU A 89 -1.28 10.14 -0.78
CA GLU A 89 -0.73 10.79 -1.96
C GLU A 89 0.79 10.63 -2.00
N PHE A 90 1.24 9.60 -2.70
CA PHE A 90 2.68 9.32 -2.82
C PHE A 90 3.13 9.39 -4.27
N ARG A 1 6.59 13.23 8.08
CA ARG A 1 6.23 12.62 6.78
C ARG A 1 6.29 11.10 6.85
N LEU A 2 5.31 10.45 6.24
CA LEU A 2 5.26 8.99 6.22
C LEU A 2 5.68 8.46 4.85
N ARG A 3 6.54 7.45 4.86
CA ARG A 3 7.05 6.85 3.63
C ARG A 3 6.32 5.54 3.33
N LEU A 4 5.75 5.46 2.13
CA LEU A 4 5.04 4.27 1.71
C LEU A 4 6.00 3.30 1.03
N SER A 5 5.80 2.01 1.28
CA SER A 5 6.66 1.01 0.67
C SER A 5 5.84 -0.22 0.31
N VAL A 6 5.63 -0.41 -0.99
CA VAL A 6 4.84 -1.54 -1.45
C VAL A 6 5.74 -2.72 -1.83
N PHE A 7 5.57 -3.81 -1.10
CA PHE A 7 6.35 -5.01 -1.34
C PHE A 7 5.63 -5.98 -2.27
N ARG A 8 6.40 -6.50 -3.23
CA ARG A 8 5.88 -7.46 -4.18
C ARG A 8 6.70 -8.73 -4.13
N SER A 9 6.07 -9.86 -3.77
CA SER A 9 6.78 -11.13 -3.68
C SER A 9 6.73 -11.85 -5.03
N LEU A 10 5.60 -12.50 -5.29
CA LEU A 10 5.40 -13.23 -6.54
C LEU A 10 3.91 -13.27 -6.86
N LYS A 11 3.15 -13.85 -5.93
CA LYS A 11 1.70 -13.94 -6.07
C LYS A 11 1.01 -13.20 -4.92
N HIS A 12 1.82 -12.59 -4.06
CA HIS A 12 1.31 -11.85 -2.91
C HIS A 12 1.21 -10.36 -3.21
N ILE A 13 0.65 -9.62 -2.26
CA ILE A 13 0.48 -8.19 -2.41
C ILE A 13 0.52 -7.51 -1.03
N TYR A 14 1.58 -6.74 -0.76
CA TYR A 14 1.70 -6.07 0.53
C TYR A 14 2.17 -4.62 0.39
N ALA A 15 1.59 -3.76 1.23
CA ALA A 15 1.96 -2.34 1.26
C ALA A 15 2.26 -1.94 2.70
N GLN A 16 3.43 -1.34 2.90
CA GLN A 16 3.84 -0.92 4.23
C GLN A 16 3.93 0.59 4.31
N ILE A 17 3.06 1.18 5.11
CA ILE A 17 3.04 2.62 5.29
C ILE A 17 3.79 2.99 6.56
N ILE A 18 5.06 3.31 6.39
CA ILE A 18 5.95 3.65 7.51
C ILE A 18 6.04 5.14 7.77
N ASP A 19 6.54 5.48 8.95
CA ASP A 19 6.75 6.87 9.34
C ASP A 19 8.19 7.26 9.03
N ASP A 20 8.33 8.19 8.09
CA ASP A 20 9.63 8.67 7.63
C ASP A 20 10.13 9.88 8.44
N GLU A 21 9.62 10.00 9.65
CA GLU A 21 10.05 11.06 10.57
C GLU A 21 10.88 10.37 11.62
N LYS A 22 10.28 9.29 12.10
CA LYS A 22 10.88 8.39 13.04
C LYS A 22 10.56 7.01 12.49
N GLY A 23 11.58 6.24 12.15
CA GLY A 23 11.34 4.93 11.58
C GLY A 23 10.26 4.17 12.32
N VAL A 24 9.01 4.34 11.88
CA VAL A 24 7.90 3.69 12.56
C VAL A 24 6.85 3.13 11.59
N THR A 25 6.74 1.80 11.53
CA THR A 25 5.73 1.19 10.66
C THR A 25 4.35 1.40 11.29
N LEU A 26 3.51 2.19 10.61
CA LEU A 26 2.18 2.48 11.11
C LEU A 26 1.14 1.51 10.59
N VAL A 27 0.90 1.54 9.28
CA VAL A 27 -0.10 0.68 8.68
C VAL A 27 0.52 -0.27 7.66
N SER A 28 -0.07 -1.45 7.56
CA SER A 28 0.40 -2.47 6.62
C SER A 28 -0.79 -3.33 6.17
N ALA A 29 -1.11 -3.25 4.89
CA ALA A 29 -2.23 -4.01 4.34
C ALA A 29 -1.81 -4.91 3.19
N SER A 30 -2.34 -6.12 3.17
CA SER A 30 -2.03 -7.08 2.12
C SER A 30 -3.21 -8.02 1.88
N SER A 31 -3.57 -8.20 0.61
CA SER A 31 -4.69 -9.08 0.26
C SER A 31 -4.54 -10.44 0.92
N LEU A 32 -3.29 -10.88 1.08
CA LEU A 32 -3.01 -12.17 1.71
C LEU A 32 -3.56 -12.19 3.13
N ALA A 33 -3.03 -11.32 3.99
CA ALA A 33 -3.49 -11.23 5.37
C ALA A 33 -4.98 -10.90 5.41
N LEU A 34 -5.45 -10.28 4.33
CA LEU A 34 -6.85 -9.90 4.21
C LEU A 34 -7.68 -11.01 3.58
N LYS A 35 -7.08 -12.21 3.48
CA LYS A 35 -7.73 -13.39 2.89
C LYS A 35 -9.13 -13.08 2.36
N LEU A 36 -9.17 -12.20 1.36
CA LEU A 36 -10.43 -11.80 0.74
C LEU A 36 -10.65 -12.52 -0.58
N LYS A 37 -11.81 -12.29 -1.19
CA LYS A 37 -12.14 -12.92 -2.47
C LYS A 37 -11.45 -12.21 -3.63
N GLY A 38 -10.15 -12.40 -3.75
CA GLY A 38 -9.39 -11.76 -4.81
C GLY A 38 -8.43 -12.71 -5.50
N ASN A 39 -7.54 -12.14 -6.31
CA ASN A 39 -6.55 -12.93 -7.03
C ASN A 39 -5.17 -12.31 -6.92
N LYS A 40 -5.04 -11.04 -7.32
CA LYS A 40 -3.76 -10.34 -7.26
C LYS A 40 -3.89 -8.88 -7.66
N THR A 41 -3.85 -8.61 -8.97
CA THR A 41 -3.96 -7.26 -9.48
C THR A 41 -5.39 -6.73 -9.40
N GLU A 42 -6.35 -7.57 -9.76
CA GLU A 42 -7.76 -7.18 -9.73
C GLU A 42 -8.13 -6.57 -8.37
N VAL A 43 -7.59 -7.13 -7.29
CA VAL A 43 -7.89 -6.64 -5.95
C VAL A 43 -6.83 -5.65 -5.48
N ALA A 44 -5.64 -5.70 -6.06
CA ALA A 44 -4.55 -4.80 -5.66
C ALA A 44 -5.08 -3.43 -5.26
N ARG A 45 -6.06 -2.94 -6.01
CA ARG A 45 -6.66 -1.66 -5.70
C ARG A 45 -7.40 -1.76 -4.39
N GLN A 46 -8.37 -2.66 -4.36
CA GLN A 46 -9.14 -2.90 -3.17
C GLN A 46 -8.19 -3.10 -1.99
N VAL A 47 -6.97 -3.56 -2.29
CA VAL A 47 -5.98 -3.77 -1.23
C VAL A 47 -5.40 -2.42 -0.84
N GLY A 48 -5.31 -1.52 -1.82
CA GLY A 48 -4.79 -0.20 -1.56
C GLY A 48 -5.83 0.65 -0.86
N ARG A 49 -7.10 0.33 -1.08
CA ARG A 49 -8.19 1.07 -0.45
C ARG A 49 -8.25 0.73 1.02
N ALA A 50 -8.06 -0.55 1.34
CA ALA A 50 -8.07 -0.97 2.72
C ALA A 50 -6.84 -0.40 3.43
N LEU A 51 -5.74 -0.35 2.69
CA LEU A 51 -4.49 0.18 3.18
C LEU A 51 -4.65 1.68 3.37
N ALA A 52 -5.08 2.32 2.31
CA ALA A 52 -5.29 3.76 2.32
C ALA A 52 -6.38 4.12 3.30
N GLU A 53 -7.26 3.17 3.57
CA GLU A 53 -8.32 3.39 4.52
C GLU A 53 -7.73 3.26 5.92
N LYS A 54 -6.70 2.42 6.02
CA LYS A 54 -5.96 2.21 7.25
C LYS A 54 -5.13 3.44 7.56
N ALA A 55 -4.11 3.63 6.73
CA ALA A 55 -3.20 4.77 6.85
C ALA A 55 -3.99 6.05 7.10
N LEU A 56 -5.07 6.19 6.36
CA LEU A 56 -5.95 7.34 6.48
C LEU A 56 -6.43 7.51 7.92
N ALA A 57 -6.73 6.38 8.55
CA ALA A 57 -7.22 6.38 9.93
C ALA A 57 -6.27 7.17 10.84
N LEU A 58 -5.01 7.27 10.42
CA LEU A 58 -4.01 8.03 11.17
C LEU A 58 -4.01 9.47 10.68
N GLY A 59 -4.41 9.63 9.43
CA GLY A 59 -4.45 10.93 8.81
C GLY A 59 -3.38 11.07 7.75
N ILE A 60 -2.91 9.92 7.25
CA ILE A 60 -1.87 9.89 6.23
C ILE A 60 -2.47 10.06 4.85
N LYS A 61 -2.34 11.25 4.30
CA LYS A 61 -2.85 11.57 2.99
C LYS A 61 -1.73 11.67 1.98
N GLN A 62 -0.53 11.99 2.47
CA GLN A 62 0.64 12.12 1.61
C GLN A 62 1.76 11.22 2.11
N VAL A 63 2.27 10.38 1.23
CA VAL A 63 3.33 9.46 1.61
C VAL A 63 4.55 9.59 0.69
N ALA A 64 5.66 9.03 1.16
CA ALA A 64 6.90 9.04 0.40
C ALA A 64 7.16 7.66 -0.17
N PHE A 65 6.95 7.50 -1.47
CA PHE A 65 7.14 6.20 -2.10
C PHE A 65 8.60 5.91 -2.40
N ASP A 66 9.11 4.86 -1.77
CA ASP A 66 10.49 4.44 -1.95
C ASP A 66 10.59 2.93 -1.77
N ARG A 67 9.61 2.22 -2.30
CA ARG A 67 9.55 0.76 -2.20
C ARG A 67 10.92 0.12 -2.43
N GLY A 68 11.75 0.78 -3.24
CA GLY A 68 13.07 0.26 -3.52
C GLY A 68 13.32 0.07 -5.01
N PRO A 69 14.18 -0.89 -5.40
CA PRO A 69 14.49 -1.17 -6.80
C PRO A 69 13.35 -1.93 -7.49
N TYR A 70 12.16 -1.37 -7.44
CA TYR A 70 10.99 -2.00 -8.06
C TYR A 70 10.68 -1.38 -9.41
N LYS A 71 9.83 -2.04 -10.18
CA LYS A 71 9.43 -1.56 -11.49
C LYS A 71 7.92 -1.63 -11.63
N TYR A 72 7.37 -0.76 -12.49
CA TYR A 72 5.93 -0.72 -12.71
C TYR A 72 5.38 -2.14 -12.93
N HIS A 73 4.63 -2.63 -11.95
CA HIS A 73 4.06 -3.98 -12.05
C HIS A 73 2.56 -3.96 -11.83
N GLY A 74 1.88 -4.99 -12.35
CA GLY A 74 0.43 -5.10 -12.22
C GLY A 74 -0.09 -4.64 -10.86
N ARG A 75 0.72 -4.80 -9.83
CA ARG A 75 0.33 -4.42 -8.48
C ARG A 75 0.40 -2.90 -8.28
N VAL A 76 1.63 -2.37 -8.24
CA VAL A 76 1.88 -0.94 -8.04
C VAL A 76 0.77 -0.06 -8.62
N LYS A 77 0.40 -0.28 -9.87
CA LYS A 77 -0.65 0.53 -10.50
C LYS A 77 -1.94 0.44 -9.69
N ALA A 78 -2.63 -0.69 -9.83
CA ALA A 78 -3.89 -0.94 -9.15
C ALA A 78 -3.78 -0.76 -7.63
N LEU A 79 -2.65 -1.18 -7.07
CA LEU A 79 -2.42 -1.08 -5.65
C LEU A 79 -2.29 0.38 -5.24
N ALA A 80 -1.45 1.09 -5.97
CA ALA A 80 -1.19 2.49 -5.69
C ALA A 80 -2.46 3.32 -5.81
N GLU A 81 -3.37 2.95 -6.73
CA GLU A 81 -4.61 3.69 -6.84
C GLU A 81 -5.40 3.46 -5.56
N GLY A 82 -5.47 2.20 -5.14
CA GLY A 82 -6.15 1.89 -3.89
C GLY A 82 -5.68 2.81 -2.79
N ALA A 83 -4.37 2.75 -2.58
CA ALA A 83 -3.69 3.54 -1.56
C ALA A 83 -3.93 5.04 -1.76
N ARG A 84 -3.91 5.49 -3.02
CA ARG A 84 -4.16 6.90 -3.29
C ARG A 84 -5.66 7.17 -3.32
N GLU A 85 -6.37 6.36 -4.10
CA GLU A 85 -7.81 6.48 -4.20
C GLU A 85 -8.41 6.52 -2.80
N GLY A 86 -7.86 5.70 -1.91
CA GLY A 86 -8.32 5.66 -0.55
C GLY A 86 -8.04 6.97 0.18
N GLY A 87 -6.81 7.46 0.07
CA GLY A 87 -6.47 8.73 0.71
C GLY A 87 -5.00 9.13 0.62
N LEU A 88 -4.11 8.15 0.48
CA LEU A 88 -2.68 8.42 0.43
C LEU A 88 -2.24 9.08 -0.87
N GLU A 89 -1.23 9.94 -0.75
CA GLU A 89 -0.68 10.66 -1.90
C GLU A 89 0.83 10.50 -1.94
N PHE A 90 1.29 9.48 -2.67
CA PHE A 90 2.72 9.20 -2.79
C PHE A 90 3.17 9.29 -4.24
N ARG A 1 4.38 13.19 4.97
CA ARG A 1 5.83 12.87 4.84
C ARG A 1 6.08 11.38 4.90
N LEU A 2 5.30 10.70 5.75
CA LEU A 2 5.43 9.25 5.94
C LEU A 2 5.82 8.56 4.64
N ARG A 3 6.73 7.61 4.75
CA ARG A 3 7.22 6.89 3.57
C ARG A 3 6.42 5.60 3.33
N LEU A 4 5.86 5.47 2.13
CA LEU A 4 5.10 4.29 1.76
C LEU A 4 6.02 3.25 1.15
N SER A 5 5.74 1.98 1.43
CA SER A 5 6.56 0.90 0.89
C SER A 5 5.72 -0.31 0.57
N VAL A 6 5.54 -0.59 -0.72
CA VAL A 6 4.73 -1.71 -1.14
C VAL A 6 5.58 -2.93 -1.49
N PHE A 7 5.33 -4.01 -0.78
CA PHE A 7 6.06 -5.24 -0.98
C PHE A 7 5.20 -6.30 -1.68
N ARG A 8 5.84 -7.01 -2.60
CA ARG A 8 5.18 -8.08 -3.35
C ARG A 8 6.20 -9.14 -3.73
N SER A 9 5.91 -10.39 -3.39
CA SER A 9 6.83 -11.48 -3.69
C SER A 9 6.52 -12.08 -5.07
N LEU A 10 5.52 -12.95 -5.11
CA LEU A 10 5.11 -13.58 -6.36
C LEU A 10 3.59 -13.75 -6.38
N LYS A 11 3.08 -14.33 -5.31
CA LYS A 11 1.64 -14.54 -5.17
C LYS A 11 1.12 -13.80 -3.94
N HIS A 12 1.87 -12.77 -3.52
CA HIS A 12 1.51 -11.98 -2.36
C HIS A 12 1.39 -10.50 -2.71
N ILE A 13 0.92 -9.71 -1.76
CA ILE A 13 0.75 -8.27 -1.95
C ILE A 13 0.66 -7.57 -0.59
N TYR A 14 1.50 -6.55 -0.39
CA TYR A 14 1.52 -5.83 0.87
C TYR A 14 1.95 -4.38 0.70
N ALA A 15 1.44 -3.52 1.56
CA ALA A 15 1.80 -2.10 1.56
C ALA A 15 2.06 -1.65 2.99
N GLN A 16 3.26 -1.16 3.23
CA GLN A 16 3.64 -0.71 4.56
C GLN A 16 3.82 0.80 4.58
N ILE A 17 2.94 1.47 5.30
CA ILE A 17 3.00 2.91 5.42
C ILE A 17 3.76 3.28 6.69
N ILE A 18 5.03 3.61 6.51
CA ILE A 18 5.93 3.93 7.63
C ILE A 18 6.13 5.43 7.82
N ASP A 19 6.60 5.78 9.02
CA ASP A 19 6.91 7.15 9.36
C ASP A 19 8.40 7.39 9.09
N ASP A 20 8.66 8.19 8.06
CA ASP A 20 10.03 8.51 7.63
C ASP A 20 10.62 9.72 8.37
N GLU A 21 10.13 9.94 9.58
CA GLU A 21 10.63 11.02 10.43
C GLU A 21 11.35 10.34 11.56
N LYS A 22 10.64 9.37 12.10
CA LYS A 22 11.12 8.49 13.12
C LYS A 22 10.75 7.10 12.64
N GLY A 23 11.73 6.26 12.41
CA GLY A 23 11.44 4.93 11.91
C GLY A 23 10.27 4.28 12.62
N VAL A 24 9.05 4.53 12.12
CA VAL A 24 7.86 4.00 12.77
C VAL A 24 6.85 3.43 11.79
N THR A 25 6.65 2.11 11.81
CA THR A 25 5.67 1.47 10.94
C THR A 25 4.28 1.72 11.51
N LEU A 26 3.43 2.39 10.74
CA LEU A 26 2.08 2.73 11.22
C LEU A 26 1.03 1.75 10.69
N VAL A 27 0.86 1.70 9.38
CA VAL A 27 -0.15 0.83 8.80
C VAL A 27 0.45 -0.18 7.81
N SER A 28 -0.18 -1.34 7.74
CA SER A 28 0.24 -2.41 6.84
C SER A 28 -0.96 -3.25 6.42
N ALA A 29 -1.09 -3.49 5.12
CA ALA A 29 -2.21 -4.26 4.60
C ALA A 29 -1.75 -5.31 3.60
N SER A 30 -2.64 -6.26 3.29
CA SER A 30 -2.33 -7.33 2.34
C SER A 30 -3.59 -7.80 1.61
N SER A 31 -3.53 -7.82 0.30
CA SER A 31 -4.67 -8.24 -0.52
C SER A 31 -5.02 -9.71 -0.27
N LEU A 32 -4.10 -10.61 -0.63
CA LEU A 32 -4.32 -12.04 -0.45
C LEU A 32 -4.92 -12.37 0.91
N ALA A 33 -4.48 -11.61 1.92
CA ALA A 33 -4.96 -11.81 3.28
C ALA A 33 -6.31 -11.12 3.49
N LEU A 34 -6.37 -9.88 3.07
CA LEU A 34 -7.57 -9.05 3.20
C LEU A 34 -8.80 -9.74 2.61
N LYS A 35 -8.62 -10.50 1.54
CA LYS A 35 -9.74 -11.20 0.92
C LYS A 35 -9.30 -12.01 -0.30
N LEU A 36 -8.36 -11.47 -1.07
CA LEU A 36 -7.89 -12.14 -2.27
C LEU A 36 -7.58 -13.62 -2.00
N LYS A 37 -7.64 -14.43 -3.05
CA LYS A 37 -7.37 -15.86 -2.93
C LYS A 37 -6.32 -16.32 -3.92
N GLY A 38 -6.56 -16.08 -5.21
CA GLY A 38 -5.61 -16.48 -6.23
C GLY A 38 -5.37 -15.42 -7.29
N ASN A 39 -5.71 -14.18 -6.97
CA ASN A 39 -5.52 -13.06 -7.90
C ASN A 39 -4.46 -12.10 -7.38
N LYS A 40 -4.35 -10.93 -8.01
CA LYS A 40 -3.37 -9.94 -7.60
C LYS A 40 -3.80 -8.53 -8.02
N THR A 41 -4.14 -8.37 -9.30
CA THR A 41 -4.56 -7.08 -9.82
C THR A 41 -6.07 -6.90 -9.74
N GLU A 42 -6.73 -7.75 -8.96
CA GLU A 42 -8.18 -7.68 -8.81
C GLU A 42 -8.56 -6.85 -7.58
N VAL A 43 -8.06 -7.25 -6.42
CA VAL A 43 -8.36 -6.55 -5.17
C VAL A 43 -7.27 -5.52 -4.84
N ALA A 44 -6.12 -5.62 -5.49
CA ALA A 44 -5.00 -4.69 -5.23
C ALA A 44 -5.50 -3.29 -4.88
N ARG A 45 -6.52 -2.83 -5.57
CA ARG A 45 -7.09 -1.52 -5.28
C ARG A 45 -7.75 -1.55 -3.94
N GLN A 46 -8.71 -2.44 -3.81
CA GLN A 46 -9.40 -2.62 -2.56
C GLN A 46 -8.40 -2.79 -1.43
N VAL A 47 -7.17 -3.21 -1.78
CA VAL A 47 -6.12 -3.36 -0.78
C VAL A 47 -5.52 -2.00 -0.48
N GLY A 48 -5.46 -1.15 -1.51
CA GLY A 48 -4.93 0.17 -1.32
C GLY A 48 -5.94 1.07 -0.65
N ARG A 49 -7.23 0.76 -0.86
CA ARG A 49 -8.30 1.55 -0.26
C ARG A 49 -8.38 1.23 1.22
N ALA A 50 -8.18 -0.05 1.56
CA ALA A 50 -8.19 -0.44 2.96
C ALA A 50 -6.93 0.07 3.63
N LEU A 51 -5.84 0.08 2.86
CA LEU A 51 -4.56 0.59 3.33
C LEU A 51 -4.68 2.08 3.53
N ALA A 52 -5.12 2.75 2.49
CA ALA A 52 -5.31 4.19 2.52
C ALA A 52 -6.37 4.55 3.53
N GLU A 53 -7.27 3.61 3.79
CA GLU A 53 -8.30 3.81 4.77
C GLU A 53 -7.68 3.68 6.15
N LYS A 54 -6.68 2.80 6.24
CA LYS A 54 -5.94 2.56 7.46
C LYS A 54 -5.04 3.74 7.74
N ALA A 55 -4.03 3.88 6.89
CA ALA A 55 -3.06 4.97 7.01
C ALA A 55 -3.78 6.29 7.30
N LEU A 56 -4.89 6.48 6.61
CA LEU A 56 -5.70 7.67 6.79
C LEU A 56 -6.13 7.82 8.24
N ALA A 57 -6.48 6.70 8.86
CA ALA A 57 -6.91 6.70 10.25
C ALA A 57 -5.89 7.38 11.14
N LEU A 58 -4.64 7.42 10.68
CA LEU A 58 -3.58 8.09 11.41
C LEU A 58 -3.52 9.55 10.98
N GLY A 59 -3.94 9.78 9.75
CA GLY A 59 -3.93 11.11 9.18
C GLY A 59 -2.85 11.24 8.13
N ILE A 60 -2.40 10.09 7.62
CA ILE A 60 -1.35 10.09 6.60
C ILE A 60 -1.93 10.48 5.26
N LYS A 61 -1.66 11.72 4.88
CA LYS A 61 -2.14 12.27 3.64
C LYS A 61 -1.19 11.99 2.49
N GLN A 62 0.03 12.46 2.62
CA GLN A 62 1.05 12.27 1.59
C GLN A 62 2.08 11.24 2.04
N VAL A 63 2.63 10.49 1.10
CA VAL A 63 3.62 9.48 1.44
C VAL A 63 4.81 9.51 0.49
N ALA A 64 5.92 8.95 0.96
CA ALA A 64 7.15 8.87 0.18
C ALA A 64 7.29 7.47 -0.40
N PHE A 65 6.97 7.32 -1.68
CA PHE A 65 7.05 6.01 -2.33
C PHE A 65 8.48 5.69 -2.76
N ASP A 66 9.04 4.66 -2.14
CA ASP A 66 10.39 4.21 -2.44
C ASP A 66 10.49 2.69 -2.30
N ARG A 67 9.65 1.98 -3.03
CA ARG A 67 9.61 0.51 -2.99
C ARG A 67 11.02 -0.07 -3.04
N GLY A 68 11.87 0.52 -3.85
CA GLY A 68 13.24 0.04 -3.97
C GLY A 68 13.52 -0.63 -5.31
N PRO A 69 13.74 -1.96 -5.33
CA PRO A 69 14.03 -2.69 -6.56
C PRO A 69 12.76 -3.20 -7.24
N TYR A 70 11.66 -2.49 -7.04
CA TYR A 70 10.39 -2.88 -7.64
C TYR A 70 10.14 -2.12 -8.93
N LYS A 71 9.19 -2.59 -9.73
CA LYS A 71 8.86 -1.96 -10.99
C LYS A 71 7.34 -1.80 -11.12
N TYR A 72 6.93 -0.76 -11.84
CA TYR A 72 5.51 -0.50 -12.05
C TYR A 72 4.80 -1.76 -12.55
N HIS A 73 4.21 -2.50 -11.62
CA HIS A 73 3.51 -3.74 -11.97
C HIS A 73 2.02 -3.64 -11.68
N GLY A 74 1.27 -4.63 -12.16
CA GLY A 74 -0.17 -4.64 -11.95
C GLY A 74 -0.56 -4.29 -10.53
N ARG A 75 0.23 -4.75 -9.57
CA ARG A 75 -0.04 -4.47 -8.16
C ARG A 75 0.05 -2.97 -7.90
N VAL A 76 1.27 -2.43 -7.96
CA VAL A 76 1.51 -1.00 -7.74
C VAL A 76 0.39 -0.17 -8.36
N LYS A 77 -0.03 -0.57 -9.56
CA LYS A 77 -1.08 0.13 -10.26
C LYS A 77 -2.36 0.16 -9.44
N ALA A 78 -3.06 -0.96 -9.41
CA ALA A 78 -4.31 -1.08 -8.68
C ALA A 78 -4.14 -0.77 -7.19
N LEU A 79 -3.02 -1.19 -6.63
CA LEU A 79 -2.74 -0.96 -5.21
C LEU A 79 -2.55 0.51 -4.93
N ALA A 80 -1.73 1.14 -5.75
CA ALA A 80 -1.43 2.55 -5.57
C ALA A 80 -2.68 3.40 -5.73
N GLU A 81 -3.63 2.99 -6.57
CA GLU A 81 -4.86 3.76 -6.70
C GLU A 81 -5.63 3.61 -5.39
N GLY A 82 -5.69 2.39 -4.89
CA GLY A 82 -6.35 2.16 -3.61
C GLY A 82 -5.85 3.12 -2.57
N ALA A 83 -4.53 3.05 -2.38
CA ALA A 83 -3.84 3.89 -1.42
C ALA A 83 -3.97 5.36 -1.77
N ARG A 84 -4.06 5.66 -3.06
CA ARG A 84 -4.19 7.04 -3.53
C ARG A 84 -5.66 7.43 -3.63
N GLU A 85 -6.52 6.43 -3.82
CA GLU A 85 -7.95 6.65 -3.93
C GLU A 85 -8.53 6.74 -2.52
N GLY A 86 -7.94 5.99 -1.60
CA GLY A 86 -8.39 5.98 -0.23
C GLY A 86 -8.05 7.29 0.49
N GLY A 87 -6.79 7.75 0.35
CA GLY A 87 -6.42 9.01 0.99
C GLY A 87 -4.94 9.39 0.83
N LEU A 88 -4.06 8.41 0.69
CA LEU A 88 -2.63 8.68 0.58
C LEU A 88 -2.25 9.31 -0.76
N GLU A 89 -1.24 10.17 -0.70
CA GLU A 89 -0.73 10.85 -1.88
C GLU A 89 0.78 10.67 -1.99
N PHE A 90 1.20 9.64 -2.70
CA PHE A 90 2.62 9.35 -2.87
C PHE A 90 2.99 9.28 -4.35
N ARG A 1 6.85 13.34 7.78
CA ARG A 1 6.26 12.68 6.59
C ARG A 1 6.37 11.17 6.68
N LEU A 2 5.41 10.47 6.09
CA LEU A 2 5.40 9.02 6.10
C LEU A 2 5.78 8.47 4.74
N ARG A 3 6.62 7.43 4.73
CA ARG A 3 7.08 6.82 3.49
C ARG A 3 6.31 5.52 3.21
N LEU A 4 5.74 5.44 2.01
CA LEU A 4 4.98 4.27 1.60
C LEU A 4 5.90 3.25 0.93
N SER A 5 5.66 1.98 1.18
CA SER A 5 6.47 0.91 0.60
C SER A 5 5.63 -0.33 0.31
N VAL A 6 5.39 -0.60 -0.97
CA VAL A 6 4.60 -1.75 -1.36
C VAL A 6 5.48 -2.93 -1.73
N PHE A 7 5.33 -4.01 -0.97
CA PHE A 7 6.09 -5.22 -1.18
C PHE A 7 5.28 -6.27 -1.92
N ARG A 8 5.93 -6.93 -2.88
CA ARG A 8 5.30 -7.97 -3.66
C ARG A 8 6.31 -9.08 -3.96
N SER A 9 6.03 -10.29 -3.50
CA SER A 9 6.92 -11.42 -3.71
C SER A 9 6.58 -12.14 -5.01
N LEU A 10 5.57 -12.99 -4.95
CA LEU A 10 5.12 -13.75 -6.12
C LEU A 10 3.63 -13.55 -6.31
N LYS A 11 2.85 -14.05 -5.36
CA LYS A 11 1.41 -13.91 -5.39
C LYS A 11 0.93 -13.15 -4.16
N HIS A 12 1.85 -12.43 -3.52
CA HIS A 12 1.53 -11.66 -2.32
C HIS A 12 1.75 -10.17 -2.54
N ILE A 13 0.84 -9.36 -2.00
CA ILE A 13 0.92 -7.92 -2.11
C ILE A 13 0.79 -7.31 -0.71
N TYR A 14 1.72 -6.42 -0.36
CA TYR A 14 1.69 -5.81 0.96
C TYR A 14 2.16 -4.36 0.94
N ALA A 15 1.24 -3.42 1.21
CA ALA A 15 1.63 -2.02 1.27
C ALA A 15 1.94 -1.65 2.70
N GLN A 16 3.16 -1.20 2.90
CA GLN A 16 3.62 -0.82 4.22
C GLN A 16 3.81 0.68 4.32
N ILE A 17 2.97 1.32 5.11
CA ILE A 17 3.05 2.75 5.30
C ILE A 17 3.85 3.05 6.55
N ILE A 18 5.10 3.45 6.34
CA ILE A 18 6.02 3.74 7.44
C ILE A 18 6.14 5.22 7.73
N ASP A 19 6.64 5.54 8.94
CA ASP A 19 6.84 6.91 9.34
C ASP A 19 8.27 7.32 9.00
N ASP A 20 8.38 8.33 8.12
CA ASP A 20 9.66 8.83 7.65
C ASP A 20 10.17 10.00 8.50
N GLU A 21 9.70 10.07 9.73
CA GLU A 21 10.15 11.08 10.69
C GLU A 21 11.01 10.34 11.68
N LYS A 22 10.44 9.23 12.11
CA LYS A 22 11.09 8.27 12.97
C LYS A 22 10.74 6.93 12.38
N GLY A 23 11.75 6.18 11.95
CA GLY A 23 11.48 4.90 11.32
C GLY A 23 10.43 4.11 12.07
N VAL A 24 9.16 4.29 11.69
CA VAL A 24 8.08 3.60 12.40
C VAL A 24 7.01 3.05 11.45
N THR A 25 6.91 1.72 11.37
CA THR A 25 5.90 1.09 10.54
C THR A 25 4.53 1.25 11.21
N LEU A 26 3.62 1.97 10.56
CA LEU A 26 2.30 2.20 11.13
C LEU A 26 1.24 1.27 10.56
N VAL A 27 1.06 1.30 9.24
CA VAL A 27 0.05 0.46 8.61
C VAL A 27 0.66 -0.50 7.59
N SER A 28 0.09 -1.71 7.55
CA SER A 28 0.54 -2.73 6.63
C SER A 28 -0.64 -3.65 6.28
N ALA A 29 -1.04 -3.63 5.01
CA ALA A 29 -2.15 -4.45 4.55
C ALA A 29 -1.76 -5.34 3.38
N SER A 30 -2.57 -6.36 3.13
CA SER A 30 -2.33 -7.30 2.04
C SER A 30 -3.64 -7.75 1.40
N SER A 31 -3.66 -7.81 0.08
CA SER A 31 -4.86 -8.23 -0.65
C SER A 31 -5.28 -9.63 -0.25
N LEU A 32 -4.30 -10.49 0.04
CA LEU A 32 -4.60 -11.86 0.45
C LEU A 32 -5.18 -11.92 1.85
N ALA A 33 -5.19 -10.78 2.54
CA ALA A 33 -5.70 -10.69 3.90
C ALA A 33 -7.22 -10.57 3.92
N LEU A 34 -7.69 -9.50 3.29
CA LEU A 34 -9.12 -9.21 3.24
C LEU A 34 -9.94 -10.39 2.73
N LYS A 35 -9.44 -11.08 1.71
CA LYS A 35 -10.16 -12.22 1.14
C LYS A 35 -9.40 -12.85 -0.02
N LEU A 36 -8.73 -12.01 -0.81
CA LEU A 36 -7.98 -12.49 -1.98
C LEU A 36 -7.20 -13.77 -1.66
N LYS A 37 -7.10 -14.65 -2.66
CA LYS A 37 -6.38 -15.91 -2.50
C LYS A 37 -5.41 -16.14 -3.65
N GLY A 38 -5.93 -16.08 -4.87
CA GLY A 38 -5.09 -16.30 -6.04
C GLY A 38 -5.05 -15.10 -6.98
N ASN A 39 -6.05 -14.23 -6.90
CA ASN A 39 -6.12 -13.06 -7.75
C ASN A 39 -4.82 -12.27 -7.71
N LYS A 40 -4.68 -11.29 -8.60
CA LYS A 40 -3.48 -10.46 -8.66
C LYS A 40 -3.83 -8.98 -8.57
N THR A 41 -4.16 -8.38 -9.71
CA THR A 41 -4.51 -6.96 -9.75
C THR A 41 -6.02 -6.76 -9.63
N GLU A 42 -6.67 -7.64 -8.89
CA GLU A 42 -8.12 -7.55 -8.70
C GLU A 42 -8.46 -6.79 -7.43
N VAL A 43 -7.92 -7.25 -6.30
CA VAL A 43 -8.16 -6.61 -5.01
C VAL A 43 -7.09 -5.59 -4.66
N ALA A 44 -5.93 -5.68 -5.32
CA ALA A 44 -4.82 -4.76 -5.05
C ALA A 44 -5.32 -3.36 -4.73
N ARG A 45 -6.35 -2.92 -5.42
CA ARG A 45 -6.92 -1.61 -5.16
C ARG A 45 -7.60 -1.62 -3.82
N GLN A 46 -8.56 -2.51 -3.70
CA GLN A 46 -9.29 -2.69 -2.45
C GLN A 46 -8.30 -2.84 -1.30
N VAL A 47 -7.07 -3.25 -1.62
CA VAL A 47 -6.04 -3.40 -0.60
C VAL A 47 -5.44 -2.04 -0.30
N GLY A 48 -5.35 -1.20 -1.33
CA GLY A 48 -4.81 0.13 -1.15
C GLY A 48 -5.82 1.04 -0.51
N ARG A 49 -7.10 0.81 -0.80
CA ARG A 49 -8.17 1.63 -0.24
C ARG A 49 -8.34 1.33 1.24
N ALA A 50 -8.30 0.04 1.57
CA ALA A 50 -8.42 -0.36 2.97
C ALA A 50 -7.21 0.15 3.74
N LEU A 51 -6.04 0.01 3.12
CA LEU A 51 -4.80 0.48 3.71
C LEU A 51 -4.84 1.99 3.82
N ALA A 52 -5.17 2.62 2.70
CA ALA A 52 -5.31 4.07 2.64
C ALA A 52 -6.32 4.51 3.67
N GLU A 53 -7.23 3.61 4.01
CA GLU A 53 -8.23 3.88 5.01
C GLU A 53 -7.56 3.89 6.38
N LYS A 54 -6.57 3.02 6.54
CA LYS A 54 -5.80 2.92 7.77
C LYS A 54 -4.87 4.11 7.89
N ALA A 55 -3.93 4.18 6.94
CA ALA A 55 -2.98 5.30 6.91
C ALA A 55 -3.71 6.59 7.15
N LEU A 56 -4.86 6.70 6.52
CA LEU A 56 -5.71 7.87 6.65
C LEU A 56 -6.15 8.08 8.09
N ALA A 57 -6.48 6.97 8.76
CA ALA A 57 -6.92 7.01 10.15
C ALA A 57 -5.95 7.80 11.02
N LEU A 58 -4.69 7.85 10.58
CA LEU A 58 -3.67 8.60 11.30
C LEU A 58 -3.64 10.02 10.78
N GLY A 59 -4.05 10.16 9.52
CA GLY A 59 -4.06 11.45 8.86
C GLY A 59 -3.04 11.51 7.76
N ILE A 60 -2.45 10.35 7.44
CA ILE A 60 -1.45 10.26 6.38
C ILE A 60 -2.08 10.59 5.05
N LYS A 61 -1.80 11.80 4.59
CA LYS A 61 -2.31 12.30 3.35
C LYS A 61 -1.34 12.04 2.22
N GLN A 62 -0.12 12.51 2.38
CA GLN A 62 0.92 12.34 1.38
C GLN A 62 1.99 11.38 1.89
N VAL A 63 2.46 10.49 1.01
CA VAL A 63 3.48 9.53 1.40
C VAL A 63 4.68 9.58 0.47
N ALA A 64 5.78 8.99 0.92
CA ALA A 64 7.00 8.93 0.14
C ALA A 64 7.22 7.51 -0.36
N PHE A 65 6.97 7.29 -1.64
CA PHE A 65 7.12 5.96 -2.21
C PHE A 65 8.57 5.64 -2.55
N ASP A 66 9.13 4.67 -1.83
CA ASP A 66 10.50 4.25 -2.04
C ASP A 66 10.59 2.73 -1.99
N ARG A 67 9.63 2.08 -2.66
CA ARG A 67 9.57 0.62 -2.70
C ARG A 67 10.95 -0.02 -2.86
N GLY A 68 11.85 0.69 -3.55
CA GLY A 68 13.19 0.17 -3.76
C GLY A 68 13.35 -0.49 -5.11
N PRO A 69 13.87 -1.73 -5.17
CA PRO A 69 14.06 -2.45 -6.43
C PRO A 69 12.75 -2.98 -6.99
N TYR A 70 11.77 -2.10 -7.13
CA TYR A 70 10.46 -2.48 -7.65
C TYR A 70 10.16 -1.75 -8.96
N LYS A 71 9.53 -2.44 -9.89
CA LYS A 71 9.18 -1.85 -11.18
C LYS A 71 7.67 -1.78 -11.33
N TYR A 72 7.20 -0.79 -12.08
CA TYR A 72 5.78 -0.60 -12.31
C TYR A 72 5.12 -1.92 -12.70
N HIS A 73 4.38 -2.51 -11.76
CA HIS A 73 3.71 -3.79 -12.01
C HIS A 73 2.21 -3.67 -11.77
N GLY A 74 1.46 -4.66 -12.26
CA GLY A 74 0.01 -4.66 -12.10
C GLY A 74 -0.42 -4.35 -10.67
N ARG A 75 0.43 -4.70 -9.71
CA ARG A 75 0.13 -4.45 -8.31
C ARG A 75 0.14 -2.96 -8.02
N VAL A 76 1.33 -2.36 -8.03
CA VAL A 76 1.49 -0.93 -7.79
C VAL A 76 0.38 -0.12 -8.43
N LYS A 77 -0.03 -0.54 -9.61
CA LYS A 77 -1.09 0.17 -10.31
C LYS A 77 -2.37 0.17 -9.50
N ALA A 78 -3.07 -0.96 -9.52
CA ALA A 78 -4.32 -1.11 -8.80
C ALA A 78 -4.16 -0.81 -7.30
N LEU A 79 -3.02 -1.20 -6.74
CA LEU A 79 -2.75 -0.98 -5.34
C LEU A 79 -2.58 0.49 -5.04
N ALA A 80 -1.75 1.14 -5.84
CA ALA A 80 -1.47 2.55 -5.64
C ALA A 80 -2.74 3.38 -5.75
N GLU A 81 -3.69 2.94 -6.57
CA GLU A 81 -4.95 3.67 -6.66
C GLU A 81 -5.67 3.50 -5.34
N GLY A 82 -5.73 2.26 -4.85
CA GLY A 82 -6.35 2.01 -3.56
C GLY A 82 -5.84 2.98 -2.52
N ALA A 83 -4.53 2.93 -2.35
CA ALA A 83 -3.83 3.77 -1.40
C ALA A 83 -4.04 5.25 -1.70
N ARG A 84 -4.06 5.61 -2.98
CA ARG A 84 -4.25 6.99 -3.39
C ARG A 84 -5.73 7.33 -3.48
N GLU A 85 -6.54 6.32 -3.80
CA GLU A 85 -7.97 6.50 -3.91
C GLU A 85 -8.56 6.62 -2.51
N GLY A 86 -7.98 5.84 -1.59
CA GLY A 86 -8.41 5.87 -0.21
C GLY A 86 -8.10 7.23 0.43
N GLY A 87 -6.86 7.72 0.24
CA GLY A 87 -6.50 9.02 0.80
C GLY A 87 -5.02 9.39 0.64
N LEU A 88 -4.15 8.40 0.54
CA LEU A 88 -2.71 8.64 0.43
C LEU A 88 -2.29 9.22 -0.91
N GLU A 89 -1.29 10.09 -0.86
CA GLU A 89 -0.74 10.71 -2.06
C GLU A 89 0.77 10.54 -2.11
N PHE A 90 1.23 9.52 -2.82
CA PHE A 90 2.66 9.22 -2.93
C PHE A 90 3.11 9.31 -4.39
N ARG A 1 7.78 13.44 7.02
CA ARG A 1 6.56 12.87 6.43
C ARG A 1 6.54 11.35 6.56
N LEU A 2 5.56 10.71 5.92
CA LEU A 2 5.43 9.27 5.96
C LEU A 2 5.84 8.66 4.61
N ARG A 3 6.67 7.63 4.65
CA ARG A 3 7.13 6.97 3.44
C ARG A 3 6.37 5.66 3.21
N LEU A 4 5.77 5.55 2.02
CA LEU A 4 5.01 4.37 1.66
C LEU A 4 5.90 3.32 1.00
N SER A 5 5.63 2.06 1.29
CA SER A 5 6.38 0.95 0.73
C SER A 5 5.43 -0.16 0.28
N VAL A 6 5.80 -0.88 -0.77
CA VAL A 6 4.96 -1.95 -1.26
C VAL A 6 5.81 -3.13 -1.68
N PHE A 7 5.58 -4.25 -1.03
CA PHE A 7 6.34 -5.45 -1.30
C PHE A 7 5.51 -6.52 -2.00
N ARG A 8 6.16 -7.21 -2.92
CA ARG A 8 5.54 -8.29 -3.68
C ARG A 8 6.56 -9.40 -3.89
N SER A 9 6.25 -10.60 -3.44
CA SER A 9 7.16 -11.72 -3.60
C SER A 9 6.90 -12.43 -4.93
N LEU A 10 5.87 -13.26 -4.96
CA LEU A 10 5.49 -14.00 -6.16
C LEU A 10 3.98 -13.98 -6.30
N LYS A 11 3.30 -14.49 -5.29
CA LYS A 11 1.85 -14.51 -5.27
C LYS A 11 1.33 -13.72 -4.07
N HIS A 12 2.15 -12.80 -3.58
CA HIS A 12 1.79 -11.98 -2.43
C HIS A 12 1.79 -10.50 -2.78
N ILE A 13 1.26 -9.68 -1.87
CA ILE A 13 1.19 -8.25 -2.05
C ILE A 13 1.13 -7.56 -0.70
N TYR A 14 1.95 -6.54 -0.50
CA TYR A 14 1.97 -5.83 0.77
C TYR A 14 2.29 -4.36 0.61
N ALA A 15 1.73 -3.54 1.49
CA ALA A 15 1.98 -2.10 1.51
C ALA A 15 2.21 -1.66 2.94
N GLN A 16 3.37 -1.08 3.18
CA GLN A 16 3.72 -0.61 4.51
C GLN A 16 3.85 0.90 4.51
N ILE A 17 2.92 1.55 5.21
CA ILE A 17 2.93 2.99 5.31
C ILE A 17 3.67 3.39 6.58
N ILE A 18 4.96 3.63 6.42
CA ILE A 18 5.83 3.97 7.54
C ILE A 18 6.03 5.46 7.70
N ASP A 19 6.48 5.85 8.89
CA ASP A 19 6.76 7.23 9.20
C ASP A 19 8.25 7.47 9.01
N ASP A 20 8.59 8.21 7.95
CA ASP A 20 9.97 8.51 7.59
C ASP A 20 10.49 9.78 8.28
N GLU A 21 9.91 10.09 9.42
CA GLU A 21 10.33 11.24 10.22
C GLU A 21 10.96 10.65 11.45
N LYS A 22 10.22 9.69 11.99
CA LYS A 22 10.64 8.88 13.11
C LYS A 22 10.30 7.47 12.69
N GLY A 23 11.32 6.61 12.59
CA GLY A 23 11.08 5.25 12.14
C GLY A 23 9.87 4.63 12.81
N VAL A 24 8.70 4.78 12.18
CA VAL A 24 7.48 4.25 12.77
C VAL A 24 6.54 3.60 11.74
N THR A 25 6.38 2.28 11.83
CA THR A 25 5.46 1.58 10.93
C THR A 25 4.04 1.78 11.41
N LEU A 26 3.20 2.40 10.58
CA LEU A 26 1.82 2.67 10.97
C LEU A 26 0.84 1.70 10.35
N VAL A 27 0.84 1.61 9.02
CA VAL A 27 -0.09 0.72 8.34
C VAL A 27 0.63 -0.37 7.56
N SER A 28 0.01 -1.54 7.53
CA SER A 28 0.53 -2.70 6.81
C SER A 28 -0.63 -3.57 6.35
N ALA A 29 -0.80 -3.67 5.04
CA ALA A 29 -1.90 -4.46 4.48
C ALA A 29 -1.44 -5.35 3.34
N SER A 30 -2.15 -6.46 3.14
CA SER A 30 -1.83 -7.39 2.07
C SER A 30 -3.08 -8.11 1.59
N SER A 31 -3.27 -8.14 0.27
CA SER A 31 -4.44 -8.81 -0.31
C SER A 31 -4.46 -10.29 0.10
N LEU A 32 -3.28 -10.84 0.32
CA LEU A 32 -3.14 -12.24 0.71
C LEU A 32 -3.72 -12.46 2.11
N ALA A 33 -3.34 -11.60 3.05
CA ALA A 33 -3.83 -11.70 4.42
C ALA A 33 -5.35 -11.59 4.44
N LEU A 34 -5.87 -10.80 3.50
CA LEU A 34 -7.30 -10.60 3.37
C LEU A 34 -7.91 -11.60 2.40
N LYS A 35 -7.12 -12.61 2.02
CA LYS A 35 -7.54 -13.66 1.07
C LYS A 35 -8.95 -13.44 0.51
N LEU A 36 -9.11 -12.34 -0.21
CA LEU A 36 -10.39 -11.99 -0.81
C LEU A 36 -10.58 -12.74 -2.11
N LYS A 37 -11.75 -12.56 -2.73
CA LYS A 37 -12.06 -13.23 -3.99
C LYS A 37 -11.36 -12.53 -5.16
N GLY A 38 -10.04 -12.60 -5.18
CA GLY A 38 -9.28 -11.96 -6.25
C GLY A 38 -8.16 -12.84 -6.76
N ASN A 39 -7.09 -12.21 -7.23
CA ASN A 39 -5.94 -12.95 -7.76
C ASN A 39 -4.64 -12.20 -7.52
N LYS A 40 -4.48 -11.06 -8.20
CA LYS A 40 -3.28 -10.24 -8.05
C LYS A 40 -3.62 -8.76 -8.15
N THR A 41 -3.82 -8.28 -9.38
CA THR A 41 -4.15 -6.88 -9.61
C THR A 41 -5.66 -6.64 -9.48
N GLU A 42 -6.40 -7.68 -9.11
CA GLU A 42 -7.84 -7.57 -8.95
C GLU A 42 -8.19 -6.93 -7.60
N VAL A 43 -7.54 -7.40 -6.54
CA VAL A 43 -7.79 -6.87 -5.21
C VAL A 43 -6.81 -5.77 -4.85
N ALA A 44 -5.63 -5.78 -5.48
CA ALA A 44 -4.60 -4.78 -5.20
C ALA A 44 -5.21 -3.44 -4.81
N ARG A 45 -6.25 -3.04 -5.52
CA ARG A 45 -6.92 -1.79 -5.21
C ARG A 45 -7.57 -1.90 -3.85
N GLN A 46 -8.47 -2.85 -3.76
CA GLN A 46 -9.15 -3.13 -2.50
C GLN A 46 -8.13 -3.20 -1.38
N VAL A 47 -6.89 -3.55 -1.73
CA VAL A 47 -5.83 -3.63 -0.74
C VAL A 47 -5.30 -2.23 -0.44
N GLY A 48 -5.31 -1.37 -1.46
CA GLY A 48 -4.85 -0.02 -1.28
C GLY A 48 -5.89 0.85 -0.61
N ARG A 49 -7.17 0.53 -0.84
CA ARG A 49 -8.25 1.30 -0.24
C ARG A 49 -8.33 0.97 1.23
N ALA A 50 -8.14 -0.31 1.58
CA ALA A 50 -8.15 -0.71 2.97
C ALA A 50 -6.91 -0.15 3.65
N LEU A 51 -5.81 -0.14 2.90
CA LEU A 51 -4.54 0.37 3.37
C LEU A 51 -4.66 1.87 3.59
N ALA A 52 -5.10 2.54 2.54
CA ALA A 52 -5.32 3.98 2.57
C ALA A 52 -6.40 4.33 3.55
N GLU A 53 -7.27 3.36 3.84
CA GLU A 53 -8.35 3.57 4.77
C GLU A 53 -7.81 3.53 6.19
N LYS A 54 -6.75 2.75 6.42
CA LYS A 54 -6.13 2.68 7.74
C LYS A 54 -5.06 3.76 7.88
N ALA A 55 -4.17 3.88 6.88
CA ALA A 55 -3.15 4.92 6.91
C ALA A 55 -3.83 6.25 7.17
N LEU A 56 -4.98 6.41 6.53
CA LEU A 56 -5.78 7.60 6.69
C LEU A 56 -6.21 7.78 8.13
N ALA A 57 -6.51 6.68 8.78
CA ALA A 57 -6.94 6.69 10.18
C ALA A 57 -5.91 7.42 11.05
N LEU A 58 -4.68 7.47 10.57
CA LEU A 58 -3.61 8.16 11.26
C LEU A 58 -3.59 9.61 10.82
N GLY A 59 -4.06 9.82 9.59
CA GLY A 59 -4.08 11.13 9.00
C GLY A 59 -3.05 11.27 7.92
N ILE A 60 -2.54 10.12 7.46
CA ILE A 60 -1.53 10.09 6.42
C ILE A 60 -2.15 10.49 5.09
N LYS A 61 -1.87 11.73 4.71
CA LYS A 61 -2.38 12.29 3.49
C LYS A 61 -1.44 12.03 2.33
N GLN A 62 -0.20 12.49 2.47
CA GLN A 62 0.81 12.31 1.44
C GLN A 62 1.89 11.35 1.92
N VAL A 63 2.46 10.58 1.00
CA VAL A 63 3.51 9.63 1.37
C VAL A 63 4.69 9.69 0.41
N ALA A 64 5.80 9.10 0.86
CA ALA A 64 7.02 9.03 0.06
C ALA A 64 7.12 7.65 -0.56
N PHE A 65 6.78 7.55 -1.85
CA PHE A 65 6.82 6.28 -2.54
C PHE A 65 8.22 5.90 -2.99
N ASP A 66 8.80 4.94 -2.28
CA ASP A 66 10.13 4.42 -2.60
C ASP A 66 10.16 2.92 -2.34
N ARG A 67 9.55 2.16 -3.25
CA ARG A 67 9.49 0.71 -3.10
C ARG A 67 10.89 0.11 -3.00
N GLY A 68 11.82 0.69 -3.76
CA GLY A 68 13.19 0.22 -3.77
C GLY A 68 13.56 -0.41 -5.10
N PRO A 69 13.76 -1.74 -5.14
CA PRO A 69 14.13 -2.45 -6.37
C PRO A 69 12.90 -2.93 -7.13
N TYR A 70 11.81 -2.18 -7.03
CA TYR A 70 10.56 -2.54 -7.71
C TYR A 70 10.34 -1.68 -8.94
N LYS A 71 9.59 -2.22 -9.90
CA LYS A 71 9.27 -1.51 -11.13
C LYS A 71 7.78 -1.59 -11.42
N TYR A 72 7.25 -0.57 -12.09
CA TYR A 72 5.83 -0.54 -12.44
C TYR A 72 5.44 -1.89 -13.05
N HIS A 73 4.66 -2.69 -12.31
CA HIS A 73 4.29 -4.02 -12.78
C HIS A 73 2.78 -4.21 -12.91
N GLY A 74 2.12 -4.43 -11.78
CA GLY A 74 0.68 -4.64 -11.79
C GLY A 74 0.05 -4.28 -10.47
N ARG A 75 0.55 -4.89 -9.40
CA ARG A 75 0.05 -4.62 -8.06
C ARG A 75 0.11 -3.12 -7.79
N VAL A 76 1.31 -2.56 -7.86
CA VAL A 76 1.53 -1.13 -7.66
C VAL A 76 0.43 -0.32 -8.33
N LYS A 77 0.04 -0.75 -9.51
CA LYS A 77 -0.99 -0.06 -10.26
C LYS A 77 -2.28 0.01 -9.44
N ALA A 78 -2.99 -1.10 -9.38
CA ALA A 78 -4.25 -1.17 -8.66
C ALA A 78 -4.06 -0.87 -7.16
N LEU A 79 -2.93 -1.29 -6.61
CA LEU A 79 -2.64 -1.07 -5.21
C LEU A 79 -2.46 0.40 -4.92
N ALA A 80 -1.66 1.04 -5.74
CA ALA A 80 -1.37 2.45 -5.58
C ALA A 80 -2.64 3.29 -5.71
N GLU A 81 -3.59 2.86 -6.55
CA GLU A 81 -4.83 3.61 -6.67
C GLU A 81 -5.58 3.44 -5.36
N GLY A 82 -5.64 2.21 -4.87
CA GLY A 82 -6.28 1.95 -3.59
C GLY A 82 -5.80 2.93 -2.55
N ALA A 83 -4.48 2.92 -2.38
CA ALA A 83 -3.81 3.76 -1.42
C ALA A 83 -4.02 5.24 -1.74
N ARG A 84 -4.05 5.58 -3.02
CA ARG A 84 -4.27 6.97 -3.44
C ARG A 84 -5.76 7.28 -3.54
N GLU A 85 -6.55 6.25 -3.83
CA GLU A 85 -7.98 6.40 -3.95
C GLU A 85 -8.57 6.51 -2.55
N GLY A 86 -7.98 5.75 -1.63
CA GLY A 86 -8.42 5.76 -0.25
C GLY A 86 -8.14 7.09 0.42
N GLY A 87 -6.91 7.60 0.28
CA GLY A 87 -6.57 8.89 0.89
C GLY A 87 -5.11 9.30 0.74
N LEU A 88 -4.20 8.33 0.63
CA LEU A 88 -2.78 8.60 0.54
C LEU A 88 -2.39 9.21 -0.81
N GLU A 89 -1.44 10.13 -0.74
CA GLU A 89 -0.92 10.79 -1.94
C GLU A 89 0.59 10.70 -2.00
N PHE A 90 1.09 9.68 -2.68
CA PHE A 90 2.51 9.45 -2.80
C PHE A 90 2.96 9.48 -4.26
N ARG A 1 5.49 13.10 5.45
CA ARG A 1 6.84 12.49 5.56
C ARG A 1 6.75 10.96 5.52
N LEU A 2 5.66 10.41 6.06
CA LEU A 2 5.47 8.97 6.10
C LEU A 2 5.83 8.35 4.75
N ARG A 3 6.72 7.37 4.78
CA ARG A 3 7.16 6.69 3.56
C ARG A 3 6.37 5.41 3.30
N LEU A 4 5.80 5.31 2.11
CA LEU A 4 5.03 4.14 1.72
C LEU A 4 5.93 3.10 1.08
N SER A 5 5.66 1.82 1.35
CA SER A 5 6.47 0.75 0.79
C SER A 5 5.61 -0.45 0.43
N VAL A 6 5.43 -0.69 -0.87
CA VAL A 6 4.63 -1.81 -1.32
C VAL A 6 5.49 -3.00 -1.71
N PHE A 7 5.20 -4.14 -1.10
CA PHE A 7 5.94 -5.36 -1.36
C PHE A 7 5.10 -6.40 -2.11
N ARG A 8 5.77 -7.12 -3.00
CA ARG A 8 5.12 -8.16 -3.78
C ARG A 8 6.13 -9.26 -4.13
N SER A 9 5.86 -10.47 -3.67
CA SER A 9 6.77 -11.59 -3.93
C SER A 9 6.40 -12.30 -5.23
N LEU A 10 5.10 -12.52 -5.41
CA LEU A 10 4.58 -13.18 -6.60
C LEU A 10 3.07 -13.29 -6.51
N LYS A 11 2.60 -13.86 -5.42
CA LYS A 11 1.17 -14.03 -5.18
C LYS A 11 0.74 -13.29 -3.91
N HIS A 12 1.67 -12.51 -3.33
CA HIS A 12 1.39 -11.76 -2.11
C HIS A 12 1.70 -10.29 -2.27
N ILE A 13 0.75 -9.45 -1.87
CA ILE A 13 0.90 -8.00 -1.94
C ILE A 13 0.82 -7.41 -0.54
N TYR A 14 1.76 -6.54 -0.19
CA TYR A 14 1.77 -5.94 1.13
C TYR A 14 2.27 -4.50 1.12
N ALA A 15 1.36 -3.56 1.38
CA ALA A 15 1.74 -2.15 1.44
C ALA A 15 2.00 -1.75 2.89
N GLN A 16 3.18 -1.25 3.12
CA GLN A 16 3.58 -0.83 4.46
C GLN A 16 3.75 0.67 4.51
N ILE A 17 2.87 1.33 5.25
CA ILE A 17 2.93 2.77 5.40
C ILE A 17 3.68 3.12 6.66
N ILE A 18 4.95 3.45 6.50
CA ILE A 18 5.84 3.75 7.61
C ILE A 18 6.04 5.25 7.83
N ASP A 19 6.52 5.59 9.02
CA ASP A 19 6.81 6.97 9.38
C ASP A 19 8.28 7.24 9.06
N ASP A 20 8.50 8.13 8.10
CA ASP A 20 9.84 8.49 7.65
C ASP A 20 10.40 9.71 8.40
N GLU A 21 9.91 9.90 9.62
CA GLU A 21 10.39 10.97 10.48
C GLU A 21 11.16 10.29 11.58
N LYS A 22 10.49 9.27 12.10
CA LYS A 22 11.04 8.38 13.09
C LYS A 22 10.66 7.00 12.58
N GLY A 23 11.66 6.16 12.30
CA GLY A 23 11.37 4.84 11.77
C GLY A 23 10.23 4.16 12.52
N VAL A 24 9.00 4.38 12.04
CA VAL A 24 7.84 3.81 12.72
C VAL A 24 6.80 3.25 11.75
N THR A 25 6.63 1.93 11.75
CA THR A 25 5.62 1.31 10.90
C THR A 25 4.24 1.56 11.50
N LEU A 26 3.36 2.18 10.73
CA LEU A 26 2.02 2.50 11.22
C LEU A 26 0.95 1.57 10.66
N VAL A 27 0.74 1.61 9.34
CA VAL A 27 -0.27 0.78 8.73
C VAL A 27 0.33 -0.21 7.74
N SER A 28 -0.28 -1.41 7.68
CA SER A 28 0.17 -2.45 6.77
C SER A 28 -1.01 -3.33 6.38
N ALA A 29 -1.23 -3.48 5.08
CA ALA A 29 -2.33 -4.28 4.57
C ALA A 29 -1.87 -5.25 3.49
N SER A 30 -2.69 -6.28 3.26
CA SER A 30 -2.40 -7.29 2.25
C SER A 30 -3.69 -7.79 1.60
N SER A 31 -3.74 -7.74 0.28
CA SER A 31 -4.93 -8.18 -0.45
C SER A 31 -5.26 -9.63 -0.14
N LEU A 32 -4.28 -10.52 -0.27
CA LEU A 32 -4.48 -11.94 0.01
C LEU A 32 -4.91 -12.18 1.46
N ALA A 33 -4.83 -11.15 2.29
CA ALA A 33 -5.20 -11.25 3.69
C ALA A 33 -6.69 -11.06 3.91
N LEU A 34 -7.23 -9.97 3.36
CA LEU A 34 -8.65 -9.67 3.50
C LEU A 34 -9.52 -10.85 3.10
N LYS A 35 -9.11 -11.55 2.06
CA LYS A 35 -9.86 -12.70 1.57
C LYS A 35 -9.20 -13.32 0.34
N LEU A 36 -8.56 -12.49 -0.47
CA LEU A 36 -7.91 -12.96 -1.70
C LEU A 36 -7.05 -14.19 -1.42
N LYS A 37 -7.07 -15.14 -2.34
CA LYS A 37 -6.28 -16.37 -2.20
C LYS A 37 -5.50 -16.68 -3.48
N GLY A 38 -6.15 -16.47 -4.63
CA GLY A 38 -5.49 -16.75 -5.89
C GLY A 38 -5.24 -15.49 -6.71
N ASN A 39 -6.27 -14.65 -6.84
CA ASN A 39 -6.15 -13.42 -7.60
C ASN A 39 -4.93 -12.61 -7.15
N LYS A 40 -4.69 -11.48 -7.82
CA LYS A 40 -3.55 -10.62 -7.48
C LYS A 40 -3.89 -9.14 -7.70
N THR A 41 -4.05 -8.77 -8.97
CA THR A 41 -4.35 -7.38 -9.32
C THR A 41 -5.86 -7.15 -9.42
N GLU A 42 -6.63 -7.95 -8.69
CA GLU A 42 -8.09 -7.81 -8.70
C GLU A 42 -8.56 -6.92 -7.57
N VAL A 43 -8.15 -7.24 -6.35
CA VAL A 43 -8.52 -6.46 -5.17
C VAL A 43 -7.48 -5.41 -4.84
N ALA A 44 -6.28 -5.53 -5.44
CA ALA A 44 -5.20 -4.58 -5.19
C ALA A 44 -5.69 -3.19 -4.85
N ARG A 45 -6.68 -2.70 -5.60
CA ARG A 45 -7.25 -1.39 -5.33
C ARG A 45 -7.92 -1.40 -3.99
N GLN A 46 -8.92 -2.25 -3.89
CA GLN A 46 -9.65 -2.41 -2.65
C GLN A 46 -8.66 -2.58 -1.49
N VAL A 47 -7.46 -3.08 -1.81
CA VAL A 47 -6.45 -3.23 -0.80
C VAL A 47 -5.84 -1.88 -0.48
N GLY A 48 -5.70 -1.05 -1.52
CA GLY A 48 -5.16 0.27 -1.33
C GLY A 48 -6.16 1.17 -0.67
N ARG A 49 -7.45 0.89 -0.88
CA ARG A 49 -8.50 1.68 -0.24
C ARG A 49 -8.48 1.38 1.24
N ALA A 50 -8.21 0.12 1.58
CA ALA A 50 -8.11 -0.27 2.97
C ALA A 50 -6.83 0.29 3.57
N LEU A 51 -5.77 0.28 2.76
CA LEU A 51 -4.48 0.81 3.18
C LEU A 51 -4.59 2.32 3.38
N ALA A 52 -5.22 2.96 2.40
CA ALA A 52 -5.42 4.40 2.43
C ALA A 52 -6.47 4.77 3.45
N GLU A 53 -7.38 3.86 3.72
CA GLU A 53 -8.40 4.10 4.71
C GLU A 53 -7.78 3.88 6.09
N LYS A 54 -6.79 3.00 6.12
CA LYS A 54 -6.04 2.70 7.32
C LYS A 54 -5.13 3.86 7.66
N ALA A 55 -4.12 4.02 6.81
CA ALA A 55 -3.14 5.10 6.96
C ALA A 55 -3.85 6.42 7.25
N LEU A 56 -4.93 6.65 6.52
CA LEU A 56 -5.72 7.86 6.71
C LEU A 56 -6.17 7.99 8.15
N ALA A 57 -6.55 6.87 8.73
CA ALA A 57 -7.01 6.83 10.12
C ALA A 57 -6.00 7.49 11.04
N LEU A 58 -4.74 7.52 10.62
CA LEU A 58 -3.68 8.16 11.38
C LEU A 58 -3.59 9.62 10.96
N GLY A 59 -3.95 9.86 9.71
CA GLY A 59 -3.90 11.19 9.16
C GLY A 59 -2.86 11.30 8.07
N ILE A 60 -2.40 10.16 7.57
CA ILE A 60 -1.40 10.14 6.51
C ILE A 60 -2.04 10.49 5.18
N LYS A 61 -1.73 11.69 4.73
CA LYS A 61 -2.27 12.20 3.49
C LYS A 61 -1.29 12.01 2.35
N GLN A 62 -0.03 12.40 2.57
CA GLN A 62 1.01 12.27 1.56
C GLN A 62 2.10 11.32 2.04
N VAL A 63 2.44 10.36 1.19
CA VAL A 63 3.47 9.39 1.55
C VAL A 63 4.67 9.47 0.62
N ALA A 64 5.77 8.88 1.07
CA ALA A 64 7.01 8.85 0.30
C ALA A 64 7.25 7.44 -0.23
N PHE A 65 7.04 7.24 -1.51
CA PHE A 65 7.21 5.93 -2.12
C PHE A 65 8.68 5.64 -2.44
N ASP A 66 9.23 4.67 -1.73
CA ASP A 66 10.63 4.29 -1.92
C ASP A 66 10.74 2.77 -1.99
N ARG A 67 9.83 2.15 -2.73
CA ARG A 67 9.80 0.70 -2.89
C ARG A 67 11.21 0.12 -3.05
N GLY A 68 11.99 0.72 -3.93
CA GLY A 68 13.35 0.27 -4.16
C GLY A 68 13.57 -0.17 -5.60
N PRO A 69 13.82 -1.46 -5.85
CA PRO A 69 14.06 -1.98 -7.19
C PRO A 69 12.75 -2.21 -7.97
N TYR A 70 11.63 -2.13 -7.25
CA TYR A 70 10.32 -2.33 -7.87
C TYR A 70 10.09 -1.36 -9.02
N LYS A 71 9.63 -1.89 -10.15
CA LYS A 71 9.36 -1.07 -11.32
C LYS A 71 7.88 -1.15 -11.69
N TYR A 72 7.37 -0.12 -12.36
CA TYR A 72 5.97 -0.09 -12.75
C TYR A 72 5.53 -1.44 -13.32
N HIS A 73 4.72 -2.16 -12.56
CA HIS A 73 4.26 -3.48 -12.96
C HIS A 73 2.72 -3.53 -13.08
N GLY A 74 2.07 -4.47 -12.38
CA GLY A 74 0.62 -4.57 -12.44
C GLY A 74 -0.03 -4.54 -11.05
N ARG A 75 0.79 -4.68 -10.01
CA ARG A 75 0.28 -4.66 -8.64
C ARG A 75 0.26 -3.23 -8.09
N VAL A 76 1.45 -2.68 -7.85
CA VAL A 76 1.60 -1.32 -7.34
C VAL A 76 0.57 -0.35 -7.94
N LYS A 77 0.11 -0.64 -9.15
CA LYS A 77 -0.86 0.22 -9.80
C LYS A 77 -2.18 0.23 -9.03
N ALA A 78 -3.01 -0.78 -9.29
CA ALA A 78 -4.30 -0.90 -8.63
C ALA A 78 -4.18 -0.65 -7.14
N LEU A 79 -3.11 -1.15 -6.54
CA LEU A 79 -2.86 -0.99 -5.13
C LEU A 79 -2.59 0.46 -4.80
N ALA A 80 -1.72 1.08 -5.60
CA ALA A 80 -1.34 2.47 -5.38
C ALA A 80 -2.54 3.38 -5.58
N GLU A 81 -3.45 3.04 -6.48
CA GLU A 81 -4.64 3.85 -6.66
C GLU A 81 -5.46 3.75 -5.40
N GLY A 82 -5.64 2.52 -4.92
CA GLY A 82 -6.36 2.30 -3.68
C GLY A 82 -5.87 3.25 -2.60
N ALA A 83 -4.56 3.15 -2.37
CA ALA A 83 -3.88 3.94 -1.37
C ALA A 83 -3.95 5.43 -1.70
N ARG A 84 -3.92 5.76 -2.98
CA ARG A 84 -4.00 7.17 -3.39
C ARG A 84 -5.44 7.59 -3.60
N GLU A 85 -6.29 6.62 -3.92
CA GLU A 85 -7.70 6.88 -4.13
C GLU A 85 -8.37 7.02 -2.77
N GLY A 86 -7.84 6.28 -1.79
CA GLY A 86 -8.37 6.32 -0.44
C GLY A 86 -7.98 7.59 0.30
N GLY A 87 -6.71 7.99 0.21
CA GLY A 87 -6.28 9.21 0.88
C GLY A 87 -4.79 9.55 0.72
N LEU A 88 -3.94 8.53 0.62
CA LEU A 88 -2.50 8.74 0.50
C LEU A 88 -2.08 9.31 -0.84
N GLU A 89 -1.03 10.13 -0.81
CA GLU A 89 -0.49 10.74 -2.01
C GLU A 89 1.02 10.50 -2.09
N PHE A 90 1.42 9.44 -2.77
CA PHE A 90 2.83 9.09 -2.90
C PHE A 90 3.25 9.10 -4.36
N ARG A 1 6.67 13.24 8.11
CA ARG A 1 6.55 12.63 6.75
C ARG A 1 6.55 11.10 6.83
N LEU A 2 5.53 10.49 6.25
CA LEU A 2 5.42 9.04 6.25
C LEU A 2 5.84 8.48 4.88
N ARG A 3 6.69 7.46 4.90
CA ARG A 3 7.19 6.84 3.68
C ARG A 3 6.45 5.54 3.37
N LEU A 4 5.86 5.48 2.19
CA LEU A 4 5.12 4.30 1.76
C LEU A 4 6.04 3.32 1.05
N SER A 5 5.79 2.03 1.24
CA SER A 5 6.60 1.00 0.60
C SER A 5 5.75 -0.24 0.32
N VAL A 6 5.45 -0.46 -0.94
CA VAL A 6 4.64 -1.60 -1.33
C VAL A 6 5.50 -2.80 -1.68
N PHE A 7 5.36 -3.85 -0.88
CA PHE A 7 6.11 -5.06 -1.08
C PHE A 7 5.35 -6.08 -1.90
N ARG A 8 6.06 -6.75 -2.81
CA ARG A 8 5.46 -7.76 -3.65
C ARG A 8 6.43 -8.94 -3.81
N SER A 9 6.00 -10.11 -3.35
CA SER A 9 6.83 -11.31 -3.45
C SER A 9 6.28 -12.18 -4.58
N LEU A 10 6.55 -13.48 -4.52
CA LEU A 10 6.04 -14.39 -5.55
C LEU A 10 4.53 -14.19 -5.71
N LYS A 11 3.77 -14.64 -4.72
CA LYS A 11 2.33 -14.49 -4.73
C LYS A 11 1.87 -13.67 -3.53
N HIS A 12 2.67 -12.69 -3.13
CA HIS A 12 2.34 -11.86 -1.97
C HIS A 12 2.10 -10.40 -2.37
N ILE A 13 1.02 -9.84 -1.84
CA ILE A 13 0.63 -8.47 -2.10
C ILE A 13 0.55 -7.70 -0.77
N TYR A 14 1.47 -6.76 -0.56
CA TYR A 14 1.50 -5.99 0.68
C TYR A 14 1.97 -4.55 0.48
N ALA A 15 1.52 -3.68 1.38
CA ALA A 15 1.91 -2.28 1.39
C ALA A 15 2.25 -1.86 2.82
N GLN A 16 3.40 -1.25 3.00
CA GLN A 16 3.84 -0.82 4.32
C GLN A 16 3.94 0.69 4.38
N ILE A 17 3.10 1.29 5.21
CA ILE A 17 3.09 2.73 5.37
C ILE A 17 3.85 3.09 6.64
N ILE A 18 5.13 3.39 6.46
CA ILE A 18 6.03 3.72 7.57
C ILE A 18 6.14 5.22 7.81
N ASP A 19 6.67 5.56 8.98
CA ASP A 19 6.89 6.95 9.34
C ASP A 19 8.33 7.32 9.04
N ASP A 20 8.49 8.25 8.08
CA ASP A 20 9.80 8.71 7.63
C ASP A 20 10.29 9.92 8.42
N GLU A 21 9.79 10.06 9.63
CA GLU A 21 10.22 11.14 10.53
C GLU A 21 11.04 10.46 11.60
N LYS A 22 10.45 9.39 12.09
CA LYS A 22 11.05 8.49 13.03
C LYS A 22 10.72 7.10 12.50
N GLY A 23 11.74 6.32 12.16
CA GLY A 23 11.50 5.01 11.60
C GLY A 23 10.41 4.26 12.34
N VAL A 24 9.17 4.41 11.90
CA VAL A 24 8.05 3.76 12.58
C VAL A 24 7.00 3.22 11.63
N THR A 25 6.87 1.89 11.55
CA THR A 25 5.86 1.28 10.71
C THR A 25 4.49 1.48 11.33
N LEU A 26 3.59 2.16 10.62
CA LEU A 26 2.27 2.45 11.14
C LEU A 26 1.21 1.49 10.62
N VAL A 27 0.98 1.52 9.31
CA VAL A 27 -0.04 0.67 8.71
C VAL A 27 0.55 -0.31 7.70
N SER A 28 -0.08 -1.48 7.61
CA SER A 28 0.33 -2.52 6.69
C SER A 28 -0.88 -3.34 6.25
N ALA A 29 -1.04 -3.53 4.96
CA ALA A 29 -2.18 -4.28 4.43
C ALA A 29 -1.76 -5.29 3.37
N SER A 30 -2.65 -6.25 3.11
CA SER A 30 -2.40 -7.29 2.12
C SER A 30 -3.71 -7.77 1.49
N SER A 31 -3.72 -7.89 0.17
CA SER A 31 -4.93 -8.33 -0.54
C SER A 31 -5.30 -9.77 -0.18
N LEU A 32 -4.34 -10.69 -0.32
CA LEU A 32 -4.57 -12.10 -0.02
C LEU A 32 -5.12 -12.28 1.40
N ALA A 33 -4.70 -11.41 2.30
CA ALA A 33 -5.14 -11.46 3.69
C ALA A 33 -6.44 -10.70 3.89
N LEU A 34 -6.46 -9.48 3.36
CA LEU A 34 -7.60 -8.60 3.46
C LEU A 34 -8.88 -9.27 2.98
N LYS A 35 -8.76 -10.10 1.94
CA LYS A 35 -9.92 -10.80 1.40
C LYS A 35 -9.52 -11.67 0.21
N LEU A 36 -8.68 -11.12 -0.67
CA LEU A 36 -8.23 -11.83 -1.85
C LEU A 36 -7.83 -13.27 -1.53
N LYS A 37 -8.18 -14.18 -2.44
CA LYS A 37 -7.87 -15.59 -2.27
C LYS A 37 -7.17 -16.16 -3.50
N GLY A 38 -7.62 -15.74 -4.68
CA GLY A 38 -7.03 -16.21 -5.92
C GLY A 38 -7.02 -15.15 -7.00
N ASN A 39 -6.10 -14.20 -6.89
CA ASN A 39 -5.98 -13.13 -7.87
C ASN A 39 -4.77 -12.25 -7.57
N LYS A 40 -4.64 -11.16 -8.32
CA LYS A 40 -3.52 -10.24 -8.13
C LYS A 40 -3.96 -8.79 -8.32
N THR A 41 -4.33 -8.45 -9.55
CA THR A 41 -4.77 -7.10 -9.86
C THR A 41 -6.29 -6.96 -9.75
N GLU A 42 -6.90 -7.83 -8.95
CA GLU A 42 -8.35 -7.81 -8.77
C GLU A 42 -8.72 -6.97 -7.55
N VAL A 43 -8.22 -7.36 -6.40
CA VAL A 43 -8.51 -6.66 -5.15
C VAL A 43 -7.43 -5.63 -4.83
N ALA A 44 -6.27 -5.73 -5.48
CA ALA A 44 -5.16 -4.80 -5.24
C ALA A 44 -5.65 -3.39 -4.92
N ARG A 45 -6.70 -2.97 -5.61
CA ARG A 45 -7.28 -1.65 -5.36
C ARG A 45 -7.94 -1.66 -4.01
N GLN A 46 -8.90 -2.54 -3.88
CA GLN A 46 -9.61 -2.72 -2.62
C GLN A 46 -8.60 -2.86 -1.49
N VAL A 47 -7.37 -3.27 -1.83
CA VAL A 47 -6.33 -3.40 -0.84
C VAL A 47 -5.70 -2.04 -0.58
N GLY A 48 -5.64 -1.22 -1.62
CA GLY A 48 -5.09 0.10 -1.48
C GLY A 48 -6.07 1.03 -0.81
N ARG A 49 -7.36 0.77 -0.98
CA ARG A 49 -8.40 1.59 -0.36
C ARG A 49 -8.50 1.24 1.10
N ALA A 50 -8.37 -0.04 1.42
CA ALA A 50 -8.39 -0.47 2.81
C ALA A 50 -7.12 0.02 3.48
N LEU A 51 -6.04 0.03 2.71
CA LEU A 51 -4.75 0.50 3.17
C LEU A 51 -4.82 2.00 3.39
N ALA A 52 -5.20 2.68 2.31
CA ALA A 52 -5.36 4.12 2.34
C ALA A 52 -6.39 4.50 3.37
N GLU A 53 -7.28 3.58 3.67
CA GLU A 53 -8.29 3.81 4.66
C GLU A 53 -7.66 3.62 6.05
N LYS A 54 -6.66 2.73 6.09
CA LYS A 54 -5.92 2.47 7.31
C LYS A 54 -5.05 3.66 7.62
N ALA A 55 -4.04 3.86 6.77
CA ALA A 55 -3.12 4.98 6.92
C ALA A 55 -3.87 6.26 7.21
N LEU A 56 -4.95 6.45 6.47
CA LEU A 56 -5.79 7.62 6.64
C LEU A 56 -6.27 7.73 8.09
N ALA A 57 -6.61 6.59 8.68
CA ALA A 57 -7.07 6.55 10.05
C ALA A 57 -6.09 7.27 10.99
N LEU A 58 -4.84 7.33 10.57
CA LEU A 58 -3.81 8.02 11.34
C LEU A 58 -3.76 9.47 10.92
N GLY A 59 -4.13 9.70 9.66
CA GLY A 59 -4.12 11.03 9.10
C GLY A 59 -3.05 11.19 8.05
N ILE A 60 -2.54 10.06 7.54
CA ILE A 60 -1.50 10.09 6.52
C ILE A 60 -2.08 10.47 5.18
N LYS A 61 -1.80 11.70 4.79
CA LYS A 61 -2.28 12.24 3.54
C LYS A 61 -1.29 11.97 2.41
N GLN A 62 -0.08 12.47 2.58
CA GLN A 62 0.96 12.30 1.58
C GLN A 62 2.02 11.34 2.09
N VAL A 63 2.52 10.49 1.21
CA VAL A 63 3.54 9.52 1.60
C VAL A 63 4.76 9.58 0.68
N ALA A 64 5.85 9.00 1.17
CA ALA A 64 7.10 8.95 0.42
C ALA A 64 7.30 7.54 -0.14
N PHE A 65 7.05 7.37 -1.42
CA PHE A 65 7.21 6.06 -2.05
C PHE A 65 8.66 5.76 -2.39
N ASP A 66 9.22 4.80 -1.67
CA ASP A 66 10.60 4.39 -1.88
C ASP A 66 10.71 2.86 -1.86
N ARG A 67 9.78 2.21 -2.54
CA ARG A 67 9.73 0.76 -2.61
C ARG A 67 11.13 0.16 -2.81
N GLY A 68 11.88 0.74 -3.74
CA GLY A 68 13.22 0.27 -4.02
C GLY A 68 13.42 -0.04 -5.50
N PRO A 69 13.99 -1.22 -5.82
CA PRO A 69 14.23 -1.62 -7.22
C PRO A 69 13.00 -2.23 -7.86
N TYR A 70 11.86 -1.56 -7.73
CA TYR A 70 10.61 -2.04 -8.31
C TYR A 70 10.30 -1.31 -9.62
N LYS A 71 9.52 -1.96 -10.47
CA LYS A 71 9.13 -1.38 -11.75
C LYS A 71 7.64 -1.51 -11.97
N TYR A 72 7.06 -0.62 -12.78
CA TYR A 72 5.63 -0.66 -13.05
C TYR A 72 5.18 -2.07 -13.42
N HIS A 73 4.44 -2.70 -12.52
CA HIS A 73 3.98 -4.07 -12.72
C HIS A 73 2.44 -4.13 -12.81
N GLY A 74 1.80 -4.94 -11.95
CA GLY A 74 0.35 -5.05 -11.97
C GLY A 74 -0.28 -4.78 -10.62
N ARG A 75 0.46 -5.03 -9.55
CA ARG A 75 -0.03 -4.81 -8.20
C ARG A 75 0.02 -3.33 -7.83
N VAL A 76 1.24 -2.78 -7.71
CA VAL A 76 1.45 -1.39 -7.36
C VAL A 76 0.42 -0.47 -8.01
N LYS A 77 -0.08 -0.86 -9.17
CA LYS A 77 -1.07 -0.06 -9.87
C LYS A 77 -2.34 0.07 -9.04
N ALA A 78 -3.18 -0.97 -9.10
CA ALA A 78 -4.43 -0.99 -8.36
C ALA A 78 -4.23 -0.62 -6.90
N LEU A 79 -3.15 -1.13 -6.31
CA LEU A 79 -2.85 -0.84 -4.92
C LEU A 79 -2.54 0.63 -4.75
N ALA A 80 -1.72 1.16 -5.63
CA ALA A 80 -1.34 2.55 -5.57
C ALA A 80 -2.55 3.46 -5.77
N GLU A 81 -3.50 3.03 -6.62
CA GLU A 81 -4.71 3.82 -6.79
C GLU A 81 -5.52 3.66 -5.51
N GLY A 82 -5.65 2.42 -5.05
CA GLY A 82 -6.35 2.17 -3.81
C GLY A 82 -5.88 3.11 -2.74
N ALA A 83 -4.55 3.08 -2.56
CA ALA A 83 -3.87 3.89 -1.57
C ALA A 83 -3.99 5.37 -1.89
N ARG A 84 -4.00 5.71 -3.18
CA ARG A 84 -4.12 7.10 -3.61
C ARG A 84 -5.60 7.47 -3.78
N GLU A 85 -6.43 6.47 -3.98
CA GLU A 85 -7.86 6.67 -4.15
C GLU A 85 -8.50 6.75 -2.77
N GLY A 86 -7.92 6.01 -1.82
CA GLY A 86 -8.42 6.00 -0.46
C GLY A 86 -8.07 7.28 0.28
N GLY A 87 -6.82 7.75 0.17
CA GLY A 87 -6.44 8.99 0.84
C GLY A 87 -4.96 9.35 0.72
N LEU A 88 -4.09 8.36 0.61
CA LEU A 88 -2.65 8.60 0.54
C LEU A 88 -2.22 9.20 -0.79
N GLU A 89 -1.24 10.10 -0.71
CA GLU A 89 -0.70 10.75 -1.88
C GLU A 89 0.82 10.63 -1.91
N PHE A 90 1.30 9.60 -2.60
CA PHE A 90 2.74 9.34 -2.69
C PHE A 90 3.21 9.43 -4.15
N ARG A 1 6.96 13.56 7.66
CA ARG A 1 6.34 12.87 6.51
C ARG A 1 6.38 11.35 6.69
N LEU A 2 5.56 10.65 5.91
CA LEU A 2 5.50 9.19 5.98
C LEU A 2 5.86 8.58 4.64
N ARG A 3 6.65 7.51 4.68
CA ARG A 3 7.09 6.84 3.46
C ARG A 3 6.34 5.54 3.22
N LEU A 4 5.76 5.41 2.03
CA LEU A 4 5.02 4.22 1.63
C LEU A 4 5.96 3.21 0.98
N SER A 5 5.73 1.94 1.24
CA SER A 5 6.57 0.89 0.66
C SER A 5 5.73 -0.34 0.33
N VAL A 6 5.52 -0.57 -0.96
CA VAL A 6 4.73 -1.72 -1.39
C VAL A 6 5.61 -2.90 -1.77
N PHE A 7 5.41 -4.02 -1.08
CA PHE A 7 6.17 -5.22 -1.32
C PHE A 7 5.39 -6.23 -2.16
N ARG A 8 6.12 -7.00 -2.95
CA ARG A 8 5.53 -8.02 -3.81
C ARG A 8 6.52 -9.16 -4.00
N SER A 9 6.12 -10.36 -3.62
CA SER A 9 6.99 -11.53 -3.75
C SER A 9 6.79 -12.20 -5.10
N LEU A 10 5.78 -13.07 -5.18
CA LEU A 10 5.46 -13.77 -6.43
C LEU A 10 3.96 -13.67 -6.69
N LYS A 11 3.19 -14.23 -5.77
CA LYS A 11 1.74 -14.19 -5.86
C LYS A 11 1.17 -13.44 -4.64
N HIS A 12 2.00 -12.61 -4.02
CA HIS A 12 1.61 -11.85 -2.85
C HIS A 12 1.66 -10.35 -3.12
N ILE A 13 0.90 -9.60 -2.36
CA ILE A 13 0.85 -8.15 -2.49
C ILE A 13 0.75 -7.50 -1.11
N TYR A 14 1.60 -6.52 -0.84
CA TYR A 14 1.59 -5.85 0.45
C TYR A 14 2.01 -4.39 0.35
N ALA A 15 1.48 -3.58 1.25
CA ALA A 15 1.82 -2.16 1.31
C ALA A 15 2.12 -1.77 2.75
N GLN A 16 3.32 -1.26 2.97
CA GLN A 16 3.74 -0.86 4.30
C GLN A 16 3.90 0.65 4.37
N ILE A 17 3.04 1.27 5.15
CA ILE A 17 3.08 2.72 5.32
C ILE A 17 3.85 3.06 6.59
N ILE A 18 5.08 3.53 6.41
CA ILE A 18 5.95 3.85 7.53
C ILE A 18 6.03 5.35 7.82
N ASP A 19 6.43 5.67 9.05
CA ASP A 19 6.61 7.04 9.48
C ASP A 19 8.04 7.48 9.18
N ASP A 20 8.15 8.52 8.35
CA ASP A 20 9.45 9.06 7.92
C ASP A 20 9.92 10.20 8.81
N GLU A 21 9.42 10.24 10.03
CA GLU A 21 9.83 11.24 11.02
C GLU A 21 10.70 10.50 12.00
N LYS A 22 10.15 9.36 12.41
CA LYS A 22 10.80 8.41 13.26
C LYS A 22 10.45 7.07 12.65
N GLY A 23 11.45 6.32 12.21
CA GLY A 23 11.18 5.04 11.57
C GLY A 23 10.12 4.25 12.29
N VAL A 24 8.86 4.44 11.90
CA VAL A 24 7.76 3.75 12.56
C VAL A 24 6.70 3.23 11.58
N THR A 25 6.59 1.91 11.47
CA THR A 25 5.58 1.30 10.61
C THR A 25 4.20 1.53 11.22
N LEU A 26 3.38 2.33 10.54
CA LEU A 26 2.04 2.63 11.04
C LEU A 26 1.00 1.65 10.54
N VAL A 27 0.88 1.53 9.22
CA VAL A 27 -0.11 0.65 8.64
C VAL A 27 0.49 -0.32 7.62
N SER A 28 -0.09 -1.50 7.53
CA SER A 28 0.35 -2.52 6.60
C SER A 28 -0.83 -3.39 6.18
N ALA A 29 -1.18 -3.33 4.90
CA ALA A 29 -2.32 -4.09 4.39
C ALA A 29 -1.95 -4.90 3.14
N SER A 30 -2.64 -6.03 2.96
CA SER A 30 -2.40 -6.89 1.81
C SER A 30 -3.67 -7.64 1.41
N SER A 31 -3.80 -7.94 0.12
CA SER A 31 -4.97 -8.64 -0.39
C SER A 31 -5.11 -10.02 0.26
N LEU A 32 -4.05 -10.81 0.20
CA LEU A 32 -4.04 -12.15 0.78
C LEU A 32 -4.10 -12.10 2.30
N ALA A 33 -3.95 -10.91 2.87
CA ALA A 33 -3.98 -10.73 4.31
C ALA A 33 -5.39 -10.80 4.88
N LEU A 34 -6.23 -9.85 4.48
CA LEU A 34 -7.60 -9.79 4.97
C LEU A 34 -8.32 -11.11 4.74
N LYS A 35 -8.28 -11.57 3.51
CA LYS A 35 -8.94 -12.83 3.15
C LYS A 35 -8.80 -13.11 1.66
N LEU A 36 -8.96 -12.05 0.86
CA LEU A 36 -8.88 -12.16 -0.59
C LEU A 36 -7.57 -12.80 -1.03
N LYS A 37 -7.68 -13.97 -1.64
CA LYS A 37 -6.51 -14.69 -2.13
C LYS A 37 -6.71 -15.17 -3.56
N GLY A 38 -7.77 -14.69 -4.21
CA GLY A 38 -8.06 -15.09 -5.57
C GLY A 38 -7.33 -14.22 -6.58
N ASN A 39 -7.93 -13.07 -6.90
CA ASN A 39 -7.33 -12.15 -7.87
C ASN A 39 -6.05 -11.53 -7.31
N LYS A 40 -5.37 -10.73 -8.13
CA LYS A 40 -4.14 -10.09 -7.71
C LYS A 40 -4.18 -8.60 -8.05
N THR A 41 -4.43 -8.29 -9.32
CA THR A 41 -4.50 -6.91 -9.78
C THR A 41 -5.91 -6.36 -9.66
N GLU A 42 -6.89 -7.26 -9.68
CA GLU A 42 -8.29 -6.86 -9.57
C GLU A 42 -8.60 -6.27 -8.20
N VAL A 43 -8.04 -6.87 -7.16
CA VAL A 43 -8.25 -6.40 -5.80
C VAL A 43 -7.19 -5.41 -5.37
N ALA A 44 -6.00 -5.51 -5.97
CA ALA A 44 -4.89 -4.61 -5.63
C ALA A 44 -5.38 -3.23 -5.22
N ARG A 45 -6.38 -2.72 -5.93
CA ARG A 45 -6.94 -1.43 -5.60
C ARG A 45 -7.63 -1.50 -4.28
N GLN A 46 -8.62 -2.38 -4.21
CA GLN A 46 -9.36 -2.60 -2.99
C GLN A 46 -8.38 -2.82 -1.84
N VAL A 47 -7.17 -3.30 -2.18
CA VAL A 47 -6.16 -3.51 -1.16
C VAL A 47 -5.55 -2.18 -0.77
N GLY A 48 -5.48 -1.26 -1.74
CA GLY A 48 -4.95 0.05 -1.47
C GLY A 48 -5.98 0.91 -0.77
N ARG A 49 -7.26 0.60 -0.98
CA ARG A 49 -8.33 1.36 -0.34
C ARG A 49 -8.37 1.02 1.14
N ALA A 50 -8.16 -0.25 1.46
CA ALA A 50 -8.15 -0.67 2.85
C ALA A 50 -6.90 -0.11 3.52
N LEU A 51 -5.81 -0.12 2.77
CA LEU A 51 -4.54 0.41 3.24
C LEU A 51 -4.67 1.90 3.44
N ALA A 52 -5.13 2.55 2.40
CA ALA A 52 -5.34 3.99 2.41
C ALA A 52 -6.40 4.37 3.42
N GLU A 53 -7.30 3.44 3.68
CA GLU A 53 -8.35 3.68 4.65
C GLU A 53 -7.75 3.52 6.04
N LYS A 54 -6.77 2.61 6.13
CA LYS A 54 -6.04 2.36 7.35
C LYS A 54 -5.13 3.54 7.66
N ALA A 55 -4.12 3.68 6.82
CA ALA A 55 -3.14 4.77 6.95
C ALA A 55 -3.85 6.08 7.23
N LEU A 56 -4.94 6.30 6.51
CA LEU A 56 -5.74 7.49 6.69
C LEU A 56 -6.20 7.64 8.13
N ALA A 57 -6.53 6.51 8.75
CA ALA A 57 -6.97 6.51 10.13
C ALA A 57 -5.95 7.18 11.04
N LEU A 58 -4.70 7.23 10.58
CA LEU A 58 -3.63 7.88 11.32
C LEU A 58 -3.58 9.35 10.90
N GLY A 59 -4.03 9.59 9.67
CA GLY A 59 -4.04 10.91 9.11
C GLY A 59 -3.01 11.04 8.01
N ILE A 60 -2.56 9.89 7.50
CA ILE A 60 -1.57 9.85 6.44
C ILE A 60 -2.21 10.20 5.11
N LYS A 61 -1.98 11.43 4.70
CA LYS A 61 -2.52 11.94 3.46
C LYS A 61 -1.49 11.83 2.33
N GLN A 62 -0.27 12.25 2.61
CA GLN A 62 0.79 12.20 1.61
C GLN A 62 1.91 11.26 2.06
N VAL A 63 2.39 10.42 1.16
CA VAL A 63 3.45 9.48 1.49
C VAL A 63 4.62 9.59 0.53
N ALA A 64 5.74 8.98 0.94
CA ALA A 64 6.96 8.96 0.13
C ALA A 64 7.17 7.57 -0.42
N PHE A 65 6.92 7.40 -1.72
CA PHE A 65 7.07 6.10 -2.35
C PHE A 65 8.53 5.80 -2.69
N ASP A 66 9.04 4.71 -2.12
CA ASP A 66 10.40 4.29 -2.35
C ASP A 66 10.52 2.78 -2.24
N ARG A 67 9.64 2.07 -2.96
CA ARG A 67 9.61 0.62 -2.95
C ARG A 67 11.02 0.02 -2.99
N GLY A 68 11.93 0.72 -3.63
CA GLY A 68 13.30 0.25 -3.73
C GLY A 68 13.65 -0.23 -5.13
N PRO A 69 14.02 -1.52 -5.28
CA PRO A 69 14.38 -2.08 -6.58
C PRO A 69 13.17 -2.65 -7.31
N TYR A 70 11.98 -2.19 -6.94
CA TYR A 70 10.74 -2.65 -7.56
C TYR A 70 10.49 -1.94 -8.87
N LYS A 71 9.66 -2.54 -9.71
CA LYS A 71 9.31 -1.96 -11.01
C LYS A 71 7.81 -1.99 -11.22
N TYR A 72 7.32 -1.08 -12.06
CA TYR A 72 5.88 -1.01 -12.35
C TYR A 72 5.31 -2.41 -12.58
N HIS A 73 4.50 -2.87 -11.62
CA HIS A 73 3.90 -4.20 -11.73
C HIS A 73 2.38 -4.14 -11.61
N GLY A 74 1.72 -5.18 -12.13
CA GLY A 74 0.26 -5.25 -12.10
C GLY A 74 -0.34 -4.78 -10.78
N ARG A 75 0.43 -4.90 -9.69
CA ARG A 75 -0.05 -4.48 -8.37
C ARG A 75 0.12 -2.98 -8.18
N VAL A 76 1.36 -2.52 -8.10
CA VAL A 76 1.68 -1.10 -7.89
C VAL A 76 0.63 -0.17 -8.49
N LYS A 77 0.26 -0.37 -9.74
CA LYS A 77 -0.74 0.49 -10.36
C LYS A 77 -2.05 0.46 -9.57
N ALA A 78 -2.78 -0.63 -9.72
CA ALA A 78 -4.07 -0.81 -9.05
C ALA A 78 -3.96 -0.62 -7.54
N LEU A 79 -2.87 -1.09 -6.95
CA LEU A 79 -2.66 -0.97 -5.53
C LEU A 79 -2.46 0.48 -5.14
N ALA A 80 -1.60 1.14 -5.90
CA ALA A 80 -1.29 2.53 -5.64
C ALA A 80 -2.52 3.42 -5.78
N GLU A 81 -3.45 3.06 -6.67
CA GLU A 81 -4.67 3.84 -6.79
C GLU A 81 -5.46 3.66 -5.52
N GLY A 82 -5.56 2.41 -5.06
CA GLY A 82 -6.25 2.13 -3.81
C GLY A 82 -5.76 3.05 -2.72
N ALA A 83 -4.46 2.96 -2.50
CA ALA A 83 -3.78 3.73 -1.48
C ALA A 83 -3.92 5.23 -1.74
N ARG A 84 -3.94 5.63 -2.99
CA ARG A 84 -4.08 7.04 -3.34
C ARG A 84 -5.56 7.41 -3.48
N GLU A 85 -6.36 6.46 -3.90
CA GLU A 85 -7.79 6.66 -4.06
C GLU A 85 -8.42 6.75 -2.68
N GLY A 86 -7.86 5.97 -1.74
CA GLY A 86 -8.35 5.96 -0.38
C GLY A 86 -8.01 7.25 0.35
N GLY A 87 -6.76 7.70 0.24
CA GLY A 87 -6.37 8.94 0.90
C GLY A 87 -4.89 9.32 0.75
N LEU A 88 -4.03 8.32 0.61
CA LEU A 88 -2.59 8.57 0.50
C LEU A 88 -2.18 9.19 -0.83
N GLU A 89 -1.17 10.05 -0.76
CA GLU A 89 -0.64 10.71 -1.94
C GLU A 89 0.86 10.53 -2.03
N PHE A 90 1.29 9.49 -2.74
CA PHE A 90 2.71 9.18 -2.89
C PHE A 90 3.12 9.23 -4.36
N ARG A 1 5.24 13.38 5.50
CA ARG A 1 6.61 12.81 5.41
C ARG A 1 6.58 11.29 5.37
N LEU A 2 5.52 10.72 5.94
CA LEU A 2 5.37 9.27 6.00
C LEU A 2 5.75 8.62 4.67
N ARG A 3 6.59 7.60 4.74
CA ARG A 3 7.06 6.91 3.55
C ARG A 3 6.27 5.62 3.31
N LEU A 4 5.69 5.51 2.12
CA LEU A 4 4.92 4.33 1.74
C LEU A 4 5.85 3.30 1.11
N SER A 5 5.60 2.03 1.38
CA SER A 5 6.45 0.98 0.83
C SER A 5 5.64 -0.27 0.52
N VAL A 6 5.44 -0.54 -0.76
CA VAL A 6 4.68 -1.70 -1.17
C VAL A 6 5.60 -2.85 -1.57
N PHE A 7 5.52 -3.93 -0.80
CA PHE A 7 6.32 -5.10 -1.04
C PHE A 7 5.59 -6.12 -1.92
N ARG A 8 6.36 -6.90 -2.66
CA ARG A 8 5.81 -7.92 -3.55
C ARG A 8 6.78 -9.09 -3.65
N SER A 9 6.33 -10.27 -3.24
CA SER A 9 7.17 -11.46 -3.28
C SER A 9 7.02 -12.19 -4.61
N LEU A 10 5.77 -12.36 -5.04
CA LEU A 10 5.46 -13.04 -6.29
C LEU A 10 3.96 -13.07 -6.51
N LYS A 11 3.26 -13.69 -5.57
CA LYS A 11 1.81 -13.79 -5.64
C LYS A 11 1.18 -13.05 -4.45
N HIS A 12 1.99 -12.26 -3.76
CA HIS A 12 1.52 -11.51 -2.60
C HIS A 12 1.63 -10.01 -2.85
N ILE A 13 1.13 -9.22 -1.92
CA ILE A 13 1.17 -7.77 -2.03
C ILE A 13 0.99 -7.14 -0.65
N TYR A 14 2.01 -6.45 -0.17
CA TYR A 14 1.95 -5.83 1.16
C TYR A 14 2.36 -4.36 1.13
N ALA A 15 1.40 -3.45 1.37
CA ALA A 15 1.71 -2.03 1.42
C ALA A 15 1.96 -1.63 2.85
N GLN A 16 3.12 -1.08 3.09
CA GLN A 16 3.50 -0.65 4.42
C GLN A 16 3.67 0.85 4.46
N ILE A 17 2.84 1.50 5.26
CA ILE A 17 2.89 2.93 5.40
C ILE A 17 3.64 3.29 6.67
N ILE A 18 4.90 3.69 6.48
CA ILE A 18 5.80 4.02 7.58
C ILE A 18 5.94 5.52 7.80
N ASP A 19 6.42 5.88 9.00
CA ASP A 19 6.65 7.27 9.36
C ASP A 19 8.10 7.62 9.02
N ASP A 20 8.26 8.56 8.10
CA ASP A 20 9.57 9.01 7.63
C ASP A 20 10.09 10.21 8.41
N GLU A 21 9.66 10.33 9.65
CA GLU A 21 10.11 11.39 10.54
C GLU A 21 10.99 10.70 11.56
N LYS A 22 10.44 9.61 12.04
CA LYS A 22 11.09 8.70 12.95
C LYS A 22 10.72 7.33 12.43
N GLY A 23 11.72 6.54 12.03
CA GLY A 23 11.43 5.22 11.49
C GLY A 23 10.36 4.50 12.27
N VAL A 24 9.11 4.68 11.87
CA VAL A 24 8.00 4.05 12.59
C VAL A 24 6.94 3.47 11.66
N THR A 25 6.82 2.14 11.62
CA THR A 25 5.81 1.50 10.80
C THR A 25 4.44 1.66 11.47
N LEU A 26 3.48 2.22 10.76
CA LEU A 26 2.15 2.45 11.32
C LEU A 26 1.11 1.48 10.76
N VAL A 27 0.94 1.50 9.44
CA VAL A 27 -0.07 0.65 8.82
C VAL A 27 0.56 -0.31 7.81
N SER A 28 0.03 -1.53 7.79
CA SER A 28 0.50 -2.56 6.88
C SER A 28 -0.63 -3.52 6.52
N ALA A 29 -1.02 -3.53 5.25
CA ALA A 29 -2.09 -4.39 4.79
C ALA A 29 -1.65 -5.20 3.57
N SER A 30 -2.25 -6.37 3.39
CA SER A 30 -1.90 -7.22 2.25
C SER A 30 -3.09 -8.09 1.83
N SER A 31 -3.21 -8.29 0.52
CA SER A 31 -4.29 -9.10 -0.03
C SER A 31 -4.31 -10.49 0.63
N LEU A 32 -3.16 -10.92 1.13
CA LEU A 32 -3.04 -12.23 1.78
C LEU A 32 -4.15 -12.41 2.82
N ALA A 33 -4.11 -11.61 3.88
CA ALA A 33 -5.12 -11.68 4.92
C ALA A 33 -6.50 -11.47 4.32
N LEU A 34 -6.52 -10.79 3.18
CA LEU A 34 -7.75 -10.51 2.45
C LEU A 34 -8.05 -11.62 1.46
N LYS A 35 -7.33 -12.74 1.59
CA LYS A 35 -7.46 -13.91 0.70
C LYS A 35 -8.46 -13.70 -0.43
N LEU A 36 -8.16 -12.70 -1.27
CA LEU A 36 -9.01 -12.37 -2.40
C LEU A 36 -9.17 -13.56 -3.34
N LYS A 37 -9.99 -13.40 -4.37
CA LYS A 37 -10.21 -14.46 -5.34
C LYS A 37 -9.08 -14.52 -6.35
N GLY A 38 -8.32 -15.61 -6.33
CA GLY A 38 -7.21 -15.77 -7.25
C GLY A 38 -7.57 -15.42 -8.67
N ASN A 39 -7.08 -14.28 -9.15
CA ASN A 39 -7.35 -13.84 -10.51
C ASN A 39 -6.26 -12.90 -11.02
N LYS A 40 -6.21 -11.70 -10.45
CA LYS A 40 -5.21 -10.72 -10.86
C LYS A 40 -5.30 -9.46 -9.98
N THR A 41 -4.93 -8.31 -10.54
CA THR A 41 -4.97 -7.04 -9.81
C THR A 41 -6.42 -6.62 -9.56
N GLU A 42 -7.16 -7.45 -8.83
CA GLU A 42 -8.56 -7.16 -8.52
C GLU A 42 -8.71 -6.46 -7.18
N VAL A 43 -8.13 -7.05 -6.13
CA VAL A 43 -8.23 -6.48 -4.79
C VAL A 43 -7.05 -5.59 -4.44
N ALA A 44 -5.91 -5.76 -5.13
CA ALA A 44 -4.73 -4.94 -4.83
C ALA A 44 -5.14 -3.51 -4.49
N ARG A 45 -6.14 -3.01 -5.19
CA ARG A 45 -6.64 -1.67 -4.92
C ARG A 45 -7.32 -1.66 -3.58
N GLN A 46 -8.32 -2.50 -3.45
CA GLN A 46 -9.05 -2.64 -2.20
C GLN A 46 -8.06 -2.83 -1.06
N VAL A 47 -6.85 -3.31 -1.38
CA VAL A 47 -5.84 -3.51 -0.35
C VAL A 47 -5.21 -2.16 -0.01
N GLY A 48 -5.03 -1.32 -1.03
CA GLY A 48 -4.47 -0.01 -0.81
C GLY A 48 -5.49 0.91 -0.18
N ARG A 49 -6.74 0.76 -0.59
CA ARG A 49 -7.81 1.59 -0.05
C ARG A 49 -7.99 1.26 1.42
N ALA A 50 -7.83 -0.02 1.75
CA ALA A 50 -7.95 -0.47 3.12
C ALA A 50 -6.88 0.19 3.97
N LEU A 51 -5.62 0.05 3.54
CA LEU A 51 -4.50 0.66 4.25
C LEU A 51 -4.66 2.16 4.20
N ALA A 52 -4.96 2.68 3.02
CA ALA A 52 -5.19 4.11 2.85
C ALA A 52 -6.26 4.57 3.80
N GLU A 53 -7.14 3.66 4.17
CA GLU A 53 -8.20 3.95 5.10
C GLU A 53 -7.61 4.04 6.51
N LYS A 54 -6.60 3.21 6.74
CA LYS A 54 -5.90 3.17 8.03
C LYS A 54 -4.99 4.37 8.14
N ALA A 55 -3.99 4.42 7.25
CA ALA A 55 -3.04 5.53 7.21
C ALA A 55 -3.80 6.84 7.36
N LEU A 56 -4.92 6.91 6.66
CA LEU A 56 -5.78 8.07 6.72
C LEU A 56 -6.25 8.36 8.14
N ALA A 57 -6.58 7.30 8.86
CA ALA A 57 -7.05 7.42 10.23
C ALA A 57 -6.08 8.26 11.07
N LEU A 58 -4.82 8.30 10.64
CA LEU A 58 -3.81 9.08 11.32
C LEU A 58 -3.78 10.48 10.73
N GLY A 59 -4.20 10.55 9.47
CA GLY A 59 -4.22 11.81 8.75
C GLY A 59 -3.17 11.83 7.66
N ILE A 60 -2.59 10.66 7.38
CA ILE A 60 -1.57 10.52 6.37
C ILE A 60 -2.15 10.83 5.00
N LYS A 61 -1.84 12.03 4.53
CA LYS A 61 -2.32 12.51 3.27
C LYS A 61 -1.35 12.17 2.15
N GLN A 62 -0.11 12.64 2.31
CA GLN A 62 0.92 12.40 1.31
C GLN A 62 1.96 11.43 1.86
N VAL A 63 2.47 10.58 0.99
CA VAL A 63 3.48 9.60 1.40
C VAL A 63 4.68 9.60 0.47
N ALA A 64 5.77 9.01 0.95
CA ALA A 64 7.00 8.91 0.18
C ALA A 64 7.15 7.50 -0.35
N PHE A 65 6.88 7.31 -1.64
CA PHE A 65 6.98 6.00 -2.24
C PHE A 65 8.42 5.65 -2.61
N ASP A 66 8.96 4.67 -1.91
CA ASP A 66 10.33 4.20 -2.15
C ASP A 66 10.41 2.69 -1.99
N ARG A 67 9.51 1.99 -2.69
CA ARG A 67 9.45 0.53 -2.64
C ARG A 67 10.85 -0.10 -2.66
N GLY A 68 11.74 0.50 -3.43
CA GLY A 68 13.11 -0.02 -3.53
C GLY A 68 13.45 -0.47 -4.94
N PRO A 69 13.90 -1.73 -5.10
CA PRO A 69 14.26 -2.28 -6.41
C PRO A 69 13.07 -2.94 -7.10
N TYR A 70 11.92 -2.28 -7.04
CA TYR A 70 10.70 -2.80 -7.64
C TYR A 70 10.44 -2.14 -8.99
N LYS A 71 9.56 -2.76 -9.77
CA LYS A 71 9.20 -2.25 -11.08
C LYS A 71 7.68 -2.24 -11.25
N TYR A 72 7.18 -1.36 -12.11
CA TYR A 72 5.74 -1.26 -12.35
C TYR A 72 5.14 -2.65 -12.57
N HIS A 73 4.30 -3.08 -11.64
CA HIS A 73 3.67 -4.40 -11.74
C HIS A 73 2.18 -4.32 -11.44
N GLY A 74 1.43 -5.28 -11.99
CA GLY A 74 -0.02 -5.32 -11.80
C GLY A 74 -0.48 -4.84 -10.44
N ARG A 75 0.30 -5.14 -9.41
CA ARG A 75 -0.04 -4.72 -8.06
C ARG A 75 0.11 -3.22 -7.87
N VAL A 76 1.36 -2.74 -7.85
CA VAL A 76 1.65 -1.32 -7.67
C VAL A 76 0.56 -0.40 -8.22
N LYS A 77 0.16 -0.62 -9.47
CA LYS A 77 -0.90 0.22 -10.05
C LYS A 77 -2.16 0.15 -9.19
N ALA A 78 -2.86 -0.98 -9.30
CA ALA A 78 -4.10 -1.23 -8.58
C ALA A 78 -3.96 -0.93 -7.09
N LEU A 79 -2.85 -1.35 -6.50
CA LEU A 79 -2.61 -1.12 -5.09
C LEU A 79 -2.44 0.35 -4.81
N ALA A 80 -1.58 0.97 -5.60
CA ALA A 80 -1.29 2.38 -5.46
C ALA A 80 -2.55 3.22 -5.54
N GLU A 81 -3.50 2.81 -6.38
CA GLU A 81 -4.75 3.55 -6.46
C GLU A 81 -5.46 3.37 -5.14
N GLY A 82 -5.46 2.15 -4.62
CA GLY A 82 -6.07 1.88 -3.34
C GLY A 82 -5.58 2.87 -2.31
N ALA A 83 -4.27 2.81 -2.10
CA ALA A 83 -3.59 3.67 -1.15
C ALA A 83 -3.88 5.13 -1.43
N ARG A 84 -3.89 5.51 -2.71
CA ARG A 84 -4.19 6.88 -3.08
C ARG A 84 -5.69 7.12 -3.04
N GLU A 85 -6.43 6.31 -3.78
CA GLU A 85 -7.88 6.40 -3.84
C GLU A 85 -8.42 6.53 -2.42
N GLY A 86 -7.86 5.71 -1.52
CA GLY A 86 -8.26 5.75 -0.13
C GLY A 86 -8.00 7.12 0.47
N GLY A 87 -6.78 7.65 0.30
CA GLY A 87 -6.47 8.97 0.82
C GLY A 87 -5.02 9.39 0.66
N LEU A 88 -4.11 8.43 0.56
CA LEU A 88 -2.68 8.74 0.44
C LEU A 88 -2.28 9.31 -0.91
N GLU A 89 -1.29 10.19 -0.86
CA GLU A 89 -0.76 10.83 -2.07
C GLU A 89 0.76 10.68 -2.11
N PHE A 90 1.22 9.63 -2.78
CA PHE A 90 2.64 9.34 -2.89
C PHE A 90 3.09 9.34 -4.35
N ARG A 1 4.95 13.12 4.85
CA ARG A 1 6.33 12.63 5.11
C ARG A 1 6.40 11.11 5.02
N LEU A 2 5.59 10.44 5.84
CA LEU A 2 5.55 8.99 5.90
C LEU A 2 5.84 8.36 4.54
N ARG A 3 6.71 7.37 4.53
CA ARG A 3 7.10 6.70 3.30
C ARG A 3 6.28 5.42 3.08
N LEU A 4 5.68 5.32 1.91
CA LEU A 4 4.88 4.16 1.55
C LEU A 4 5.77 3.13 0.88
N SER A 5 5.54 1.87 1.18
CA SER A 5 6.34 0.80 0.60
C SER A 5 5.47 -0.42 0.29
N VAL A 6 5.33 -0.73 -0.99
CA VAL A 6 4.53 -1.87 -1.40
C VAL A 6 5.41 -3.06 -1.76
N PHE A 7 5.22 -4.16 -1.04
CA PHE A 7 6.00 -5.36 -1.25
C PHE A 7 5.24 -6.38 -2.10
N ARG A 8 6.00 -7.15 -2.86
CA ARG A 8 5.44 -8.19 -3.72
C ARG A 8 6.41 -9.36 -3.80
N SER A 9 5.96 -10.53 -3.38
CA SER A 9 6.81 -11.72 -3.40
C SER A 9 6.68 -12.47 -4.73
N LEU A 10 5.44 -12.73 -5.13
CA LEU A 10 5.14 -13.43 -6.37
C LEU A 10 3.65 -13.56 -6.54
N LYS A 11 3.01 -14.13 -5.53
CA LYS A 11 1.56 -14.30 -5.51
C LYS A 11 0.96 -13.53 -4.33
N HIS A 12 1.79 -12.71 -3.68
CA HIS A 12 1.35 -11.93 -2.54
C HIS A 12 1.51 -10.43 -2.81
N ILE A 13 0.61 -9.64 -2.22
CA ILE A 13 0.65 -8.20 -2.39
C ILE A 13 0.54 -7.53 -1.01
N TYR A 14 1.41 -6.57 -0.74
CA TYR A 14 1.41 -5.89 0.54
C TYR A 14 1.83 -4.43 0.42
N ALA A 15 1.31 -3.60 1.31
CA ALA A 15 1.65 -2.19 1.36
C ALA A 15 1.88 -1.78 2.80
N GLN A 16 3.08 -1.29 3.08
CA GLN A 16 3.40 -0.86 4.43
C GLN A 16 3.61 0.63 4.44
N ILE A 17 2.72 1.32 5.12
CA ILE A 17 2.81 2.76 5.23
C ILE A 17 3.61 3.09 6.49
N ILE A 18 4.89 3.34 6.27
CA ILE A 18 5.83 3.60 7.37
C ILE A 18 6.09 5.09 7.59
N ASP A 19 6.66 5.38 8.76
CA ASP A 19 7.03 6.73 9.13
C ASP A 19 8.52 6.91 8.88
N ASP A 20 8.83 7.60 7.79
CA ASP A 20 10.22 7.84 7.37
C ASP A 20 10.81 9.09 8.02
N GLU A 21 10.30 9.42 9.20
CA GLU A 21 10.80 10.55 9.97
C GLU A 21 11.43 9.93 11.20
N LYS A 22 10.65 9.03 11.77
CA LYS A 22 11.05 8.22 12.88
C LYS A 22 10.70 6.81 12.46
N GLY A 23 11.70 5.94 12.37
CA GLY A 23 11.43 4.57 11.93
C GLY A 23 10.22 3.99 12.64
N VAL A 24 9.03 4.25 12.08
CA VAL A 24 7.81 3.78 12.71
C VAL A 24 6.80 3.21 11.71
N THR A 25 6.56 1.90 11.80
CA THR A 25 5.58 1.25 10.94
C THR A 25 4.18 1.58 11.46
N LEU A 26 3.34 2.18 10.63
CA LEU A 26 2.00 2.55 11.06
C LEU A 26 0.94 1.60 10.54
N VAL A 27 0.77 1.54 9.23
CA VAL A 27 -0.25 0.68 8.65
C VAL A 27 0.35 -0.30 7.64
N SER A 28 -0.26 -1.47 7.55
CA SER A 28 0.17 -2.51 6.62
C SER A 28 -1.01 -3.37 6.22
N ALA A 29 -1.33 -3.34 4.94
CA ALA A 29 -2.47 -4.11 4.43
C ALA A 29 -2.11 -4.93 3.20
N SER A 30 -2.81 -6.05 3.03
CA SER A 30 -2.58 -6.94 1.89
C SER A 30 -3.87 -7.66 1.50
N SER A 31 -4.03 -7.92 0.22
CA SER A 31 -5.22 -8.61 -0.28
C SER A 31 -5.34 -10.01 0.30
N LEU A 32 -4.43 -10.90 -0.10
CA LEU A 32 -4.42 -12.28 0.38
C LEU A 32 -4.28 -12.36 1.90
N ALA A 33 -3.83 -11.26 2.50
CA ALA A 33 -3.63 -11.22 3.95
C ALA A 33 -4.94 -11.08 4.72
N LEU A 34 -5.61 -9.94 4.52
CA LEU A 34 -6.85 -9.68 5.22
C LEU A 34 -7.86 -10.79 5.01
N LYS A 35 -8.09 -11.12 3.75
CA LYS A 35 -9.03 -12.18 3.39
C LYS A 35 -9.14 -12.31 1.89
N LEU A 36 -9.22 -11.16 1.22
CA LEU A 36 -9.35 -11.10 -0.23
C LEU A 36 -8.31 -11.95 -0.93
N LYS A 37 -8.77 -12.91 -1.71
CA LYS A 37 -7.87 -13.79 -2.45
C LYS A 37 -7.36 -13.12 -3.71
N GLY A 38 -6.70 -11.97 -3.54
CA GLY A 38 -6.18 -11.24 -4.68
C GLY A 38 -5.07 -12.00 -5.39
N ASN A 39 -5.16 -12.04 -6.73
CA ASN A 39 -4.15 -12.73 -7.52
C ASN A 39 -3.06 -11.77 -7.98
N LYS A 40 -3.47 -10.65 -8.56
CA LYS A 40 -2.53 -9.64 -9.03
C LYS A 40 -3.18 -8.25 -9.04
N THR A 41 -3.67 -7.83 -10.21
CA THR A 41 -4.31 -6.53 -10.34
C THR A 41 -5.82 -6.63 -10.15
N GLU A 42 -6.26 -7.59 -9.33
CA GLU A 42 -7.68 -7.79 -9.08
C GLU A 42 -8.13 -7.05 -7.82
N VAL A 43 -7.62 -7.47 -6.68
CA VAL A 43 -7.98 -6.84 -5.41
C VAL A 43 -7.01 -5.71 -5.05
N ALA A 44 -5.83 -5.72 -5.65
CA ALA A 44 -4.80 -4.71 -5.38
C ALA A 44 -5.41 -3.36 -4.99
N ARG A 45 -6.43 -2.95 -5.72
CA ARG A 45 -7.11 -1.69 -5.43
C ARG A 45 -7.76 -1.78 -4.07
N GLN A 46 -8.68 -2.71 -3.97
CA GLN A 46 -9.37 -2.96 -2.72
C GLN A 46 -8.36 -3.08 -1.59
N VAL A 47 -7.11 -3.44 -1.95
CA VAL A 47 -6.07 -3.54 -0.94
C VAL A 47 -5.52 -2.15 -0.64
N GLY A 48 -5.50 -1.30 -1.67
CA GLY A 48 -5.02 0.04 -1.49
C GLY A 48 -6.06 0.91 -0.82
N ARG A 49 -7.33 0.56 -1.00
CA ARG A 49 -8.42 1.31 -0.40
C ARG A 49 -8.49 0.99 1.09
N ALA A 50 -8.29 -0.27 1.42
CA ALA A 50 -8.29 -0.68 2.82
C ALA A 50 -7.02 -0.15 3.48
N LEU A 51 -5.94 -0.10 2.69
CA LEU A 51 -4.68 0.41 3.16
C LEU A 51 -4.80 1.91 3.37
N ALA A 52 -5.23 2.57 2.31
CA ALA A 52 -5.43 4.01 2.35
C ALA A 52 -6.49 4.36 3.37
N GLU A 53 -7.38 3.42 3.63
CA GLU A 53 -8.40 3.62 4.62
C GLU A 53 -7.78 3.44 6.01
N LYS A 54 -6.76 2.58 6.06
CA LYS A 54 -6.01 2.32 7.27
C LYS A 54 -5.13 3.51 7.58
N ALA A 55 -4.12 3.69 6.72
CA ALA A 55 -3.18 4.80 6.85
C ALA A 55 -3.91 6.09 7.15
N LEU A 56 -5.02 6.28 6.45
CA LEU A 56 -5.85 7.46 6.65
C LEU A 56 -6.28 7.58 8.10
N ALA A 57 -6.61 6.45 8.70
CA ALA A 57 -7.03 6.41 10.09
C ALA A 57 -6.01 7.09 11.00
N LEU A 58 -4.77 7.15 10.54
CA LEU A 58 -3.70 7.80 11.28
C LEU A 58 -3.65 9.27 10.87
N GLY A 59 -4.09 9.52 9.64
CA GLY A 59 -4.09 10.85 9.09
C GLY A 59 -3.03 11.01 8.02
N ILE A 60 -2.51 9.88 7.54
CA ILE A 60 -1.50 9.88 6.52
C ILE A 60 -2.10 10.27 5.18
N LYS A 61 -1.86 11.52 4.81
CA LYS A 61 -2.37 12.07 3.59
C LYS A 61 -1.39 11.88 2.43
N GLN A 62 -0.19 12.39 2.61
CA GLN A 62 0.85 12.28 1.60
C GLN A 62 1.94 11.31 2.05
N VAL A 63 2.40 10.47 1.13
CA VAL A 63 3.44 9.50 1.45
C VAL A 63 4.61 9.60 0.49
N ALA A 64 5.71 8.96 0.88
CA ALA A 64 6.91 8.91 0.06
C ALA A 64 7.17 7.48 -0.36
N PHE A 65 6.97 7.18 -1.64
CA PHE A 65 7.14 5.83 -2.14
C PHE A 65 8.61 5.49 -2.38
N ASP A 66 9.15 4.67 -1.50
CA ASP A 66 10.54 4.25 -1.59
C ASP A 66 10.62 2.72 -1.62
N ARG A 67 9.78 2.11 -2.44
CA ARG A 67 9.74 0.66 -2.58
C ARG A 67 11.14 0.07 -2.65
N GLY A 68 12.00 0.68 -3.45
CA GLY A 68 13.36 0.21 -3.60
C GLY A 68 13.64 -0.38 -4.97
N PRO A 69 13.87 -1.70 -5.06
CA PRO A 69 14.15 -2.37 -6.33
C PRO A 69 12.89 -2.84 -7.04
N TYR A 70 11.77 -2.17 -6.77
CA TYR A 70 10.50 -2.53 -7.39
C TYR A 70 10.24 -1.69 -8.62
N LYS A 71 9.40 -2.21 -9.51
CA LYS A 71 9.06 -1.50 -10.75
C LYS A 71 7.55 -1.42 -10.91
N TYR A 72 7.09 -0.38 -11.60
CA TYR A 72 5.67 -0.18 -11.84
C TYR A 72 5.04 -1.45 -12.42
N HIS A 73 4.48 -2.28 -11.56
CA HIS A 73 3.86 -3.53 -11.98
C HIS A 73 2.35 -3.52 -11.74
N GLY A 74 1.67 -4.54 -12.27
CA GLY A 74 0.23 -4.64 -12.12
C GLY A 74 -0.25 -4.29 -10.72
N ARG A 75 0.40 -4.85 -9.71
CA ARG A 75 0.02 -4.58 -8.33
C ARG A 75 0.08 -3.08 -8.04
N VAL A 76 1.30 -2.53 -8.04
CA VAL A 76 1.51 -1.11 -7.78
C VAL A 76 0.43 -0.26 -8.43
N LYS A 77 0.04 -0.63 -9.63
CA LYS A 77 -0.98 0.10 -10.35
C LYS A 77 -2.30 0.12 -9.58
N ALA A 78 -3.03 -0.98 -9.64
CA ALA A 78 -4.31 -1.10 -8.96
C ALA A 78 -4.18 -0.82 -7.46
N LEU A 79 -3.06 -1.23 -6.87
CA LEU A 79 -2.82 -1.03 -5.45
C LEU A 79 -2.62 0.44 -5.14
N ALA A 80 -1.76 1.07 -5.91
CA ALA A 80 -1.45 2.48 -5.71
C ALA A 80 -2.70 3.34 -5.86
N GLU A 81 -3.66 2.91 -6.69
CA GLU A 81 -4.89 3.67 -6.82
C GLU A 81 -5.68 3.50 -5.54
N GLY A 82 -5.78 2.27 -5.06
CA GLY A 82 -6.46 2.03 -3.80
C GLY A 82 -5.97 2.99 -2.74
N ALA A 83 -4.65 2.95 -2.56
CA ALA A 83 -3.97 3.78 -1.58
C ALA A 83 -4.10 5.25 -1.94
N ARG A 84 -4.12 5.55 -3.23
CA ARG A 84 -4.25 6.93 -3.69
C ARG A 84 -5.72 7.33 -3.82
N GLU A 85 -6.57 6.32 -3.99
CA GLU A 85 -8.01 6.52 -4.12
C GLU A 85 -8.63 6.61 -2.73
N GLY A 86 -8.05 5.86 -1.80
CA GLY A 86 -8.53 5.84 -0.43
C GLY A 86 -8.22 7.14 0.30
N GLY A 87 -6.99 7.64 0.18
CA GLY A 87 -6.63 8.89 0.83
C GLY A 87 -5.18 9.30 0.70
N LEU A 88 -4.28 8.32 0.56
CA LEU A 88 -2.85 8.60 0.47
C LEU A 88 -2.45 9.23 -0.86
N GLU A 89 -1.45 10.09 -0.78
CA GLU A 89 -0.92 10.78 -1.95
C GLU A 89 0.58 10.60 -2.05
N PHE A 90 1.00 9.59 -2.82
CA PHE A 90 2.43 9.31 -2.99
C PHE A 90 2.79 9.21 -4.46
N ARG A 1 7.79 13.26 7.00
CA ARG A 1 6.47 12.69 6.59
C ARG A 1 6.46 11.17 6.70
N LEU A 2 5.46 10.54 6.09
CA LEU A 2 5.34 9.10 6.11
C LEU A 2 5.78 8.49 4.79
N ARG A 3 6.58 7.43 4.87
CA ARG A 3 7.09 6.76 3.69
C ARG A 3 6.34 5.46 3.41
N LEU A 4 5.78 5.37 2.21
CA LEU A 4 5.03 4.19 1.80
C LEU A 4 5.98 3.19 1.16
N SER A 5 5.74 1.91 1.39
CA SER A 5 6.59 0.87 0.83
C SER A 5 5.80 -0.39 0.49
N VAL A 6 5.63 -0.64 -0.81
CA VAL A 6 4.89 -1.81 -1.24
C VAL A 6 5.84 -2.91 -1.72
N PHE A 7 5.80 -4.03 -1.02
CA PHE A 7 6.64 -5.16 -1.34
C PHE A 7 5.91 -6.16 -2.23
N ARG A 8 6.61 -6.64 -3.25
CA ARG A 8 6.04 -7.62 -4.16
C ARG A 8 7.03 -8.76 -4.37
N SER A 9 6.62 -9.97 -4.01
CA SER A 9 7.49 -11.14 -4.16
C SER A 9 7.29 -11.78 -5.53
N LEU A 10 6.13 -12.39 -5.72
CA LEU A 10 5.80 -13.04 -6.97
C LEU A 10 4.30 -12.97 -7.21
N LYS A 11 3.54 -13.61 -6.32
CA LYS A 11 2.08 -13.60 -6.40
C LYS A 11 1.49 -12.96 -5.14
N HIS A 12 2.31 -12.17 -4.45
CA HIS A 12 1.87 -11.49 -3.23
C HIS A 12 1.89 -9.98 -3.40
N ILE A 13 1.43 -9.27 -2.38
CA ILE A 13 1.38 -7.83 -2.40
C ILE A 13 1.28 -7.30 -0.96
N TYR A 14 2.24 -6.46 -0.56
CA TYR A 14 2.24 -5.94 0.81
C TYR A 14 2.59 -4.44 0.86
N ALA A 15 1.63 -3.59 1.20
CA ALA A 15 1.89 -2.17 1.33
C ALA A 15 2.14 -1.82 2.79
N GLN A 16 3.27 -1.19 3.04
CA GLN A 16 3.64 -0.81 4.38
C GLN A 16 3.78 0.70 4.48
N ILE A 17 2.88 1.31 5.24
CA ILE A 17 2.89 2.75 5.41
C ILE A 17 3.61 3.10 6.72
N ILE A 18 4.85 3.51 6.58
CA ILE A 18 5.70 3.83 7.72
C ILE A 18 5.83 5.34 7.95
N ASP A 19 6.22 5.70 9.17
CA ASP A 19 6.44 7.08 9.54
C ASP A 19 7.91 7.43 9.32
N ASP A 20 8.13 8.37 8.40
CA ASP A 20 9.48 8.81 8.02
C ASP A 20 9.93 10.03 8.83
N GLU A 21 9.41 10.14 10.04
CA GLU A 21 9.79 11.22 10.95
C GLU A 21 10.59 10.54 12.04
N LYS A 22 9.99 9.46 12.51
CA LYS A 22 10.58 8.58 13.47
C LYS A 22 10.26 7.19 12.95
N GLY A 23 11.29 6.42 12.64
CA GLY A 23 11.07 5.09 12.08
C GLY A 23 9.94 4.35 12.77
N VAL A 24 8.72 4.51 12.26
CA VAL A 24 7.57 3.87 12.88
C VAL A 24 6.58 3.30 11.86
N THR A 25 6.46 1.97 11.82
CA THR A 25 5.51 1.33 10.92
C THR A 25 4.11 1.44 11.51
N LEU A 26 3.20 2.06 10.78
CA LEU A 26 1.84 2.25 11.27
C LEU A 26 0.85 1.29 10.63
N VAL A 27 0.72 1.35 9.32
CA VAL A 27 -0.23 0.49 8.62
C VAL A 27 0.48 -0.49 7.67
N SER A 28 -0.03 -1.71 7.64
CA SER A 28 0.52 -2.76 6.78
C SER A 28 -0.57 -3.74 6.38
N ALA A 29 -0.87 -3.78 5.08
CA ALA A 29 -1.91 -4.67 4.56
C ALA A 29 -1.43 -5.41 3.32
N SER A 30 -1.96 -6.61 3.11
CA SER A 30 -1.58 -7.42 1.96
C SER A 30 -2.74 -8.30 1.51
N SER A 31 -2.91 -8.42 0.19
CA SER A 31 -3.96 -9.26 -0.38
C SER A 31 -3.99 -10.63 0.30
N LEU A 32 -2.82 -11.08 0.77
CA LEU A 32 -2.72 -12.37 1.44
C LEU A 32 -3.58 -12.39 2.70
N ALA A 33 -3.43 -11.38 3.54
CA ALA A 33 -4.21 -11.28 4.78
C ALA A 33 -5.70 -11.23 4.46
N LEU A 34 -6.00 -10.75 3.26
CA LEU A 34 -7.38 -10.64 2.80
C LEU A 34 -7.84 -11.93 2.11
N LYS A 35 -7.04 -13.00 2.25
CA LYS A 35 -7.33 -14.31 1.63
C LYS A 35 -8.61 -14.31 0.81
N LEU A 36 -8.59 -13.51 -0.26
CA LEU A 36 -9.73 -13.39 -1.16
C LEU A 36 -10.05 -14.73 -1.81
N LYS A 37 -11.13 -14.76 -2.60
CA LYS A 37 -11.53 -15.97 -3.29
C LYS A 37 -10.64 -16.24 -4.50
N GLY A 38 -10.12 -15.17 -5.08
CA GLY A 38 -9.25 -15.31 -6.24
C GLY A 38 -9.08 -14.00 -7.00
N ASN A 39 -8.41 -13.04 -6.36
CA ASN A 39 -8.17 -11.74 -6.98
C ASN A 39 -6.84 -11.15 -6.50
N LYS A 40 -5.85 -11.15 -7.38
CA LYS A 40 -4.53 -10.61 -7.06
C LYS A 40 -4.51 -9.11 -7.29
N THR A 41 -4.54 -8.71 -8.56
CA THR A 41 -4.52 -7.30 -8.93
C THR A 41 -5.92 -6.71 -8.91
N GLU A 42 -6.92 -7.57 -9.07
CA GLU A 42 -8.32 -7.13 -9.08
C GLU A 42 -8.66 -6.40 -7.79
N VAL A 43 -8.25 -6.96 -6.66
CA VAL A 43 -8.53 -6.35 -5.36
C VAL A 43 -7.37 -5.47 -4.90
N ALA A 44 -6.17 -5.67 -5.46
CA ALA A 44 -5.01 -4.88 -5.06
C ALA A 44 -5.39 -3.44 -4.76
N ARG A 45 -6.32 -2.90 -5.53
CA ARG A 45 -6.78 -1.54 -5.29
C ARG A 45 -7.55 -1.50 -3.99
N GLN A 46 -8.60 -2.30 -3.93
CA GLN A 46 -9.41 -2.40 -2.74
C GLN A 46 -8.49 -2.66 -1.54
N VAL A 47 -7.32 -3.24 -1.79
CA VAL A 47 -6.38 -3.49 -0.70
C VAL A 47 -5.69 -2.19 -0.32
N GLY A 48 -5.48 -1.34 -1.33
CA GLY A 48 -4.86 -0.06 -1.08
C GLY A 48 -5.85 0.91 -0.51
N ARG A 49 -7.10 0.77 -0.90
CA ARG A 49 -8.15 1.64 -0.40
C ARG A 49 -8.33 1.36 1.08
N ALA A 50 -8.19 0.09 1.44
CA ALA A 50 -8.28 -0.33 2.82
C ALA A 50 -7.11 0.25 3.60
N LEU A 51 -5.92 0.14 3.03
CA LEU A 51 -4.71 0.68 3.65
C LEU A 51 -4.86 2.18 3.77
N ALA A 52 -5.22 2.78 2.65
CA ALA A 52 -5.42 4.21 2.57
C ALA A 52 -6.51 4.63 3.54
N GLU A 53 -7.40 3.72 3.85
CA GLU A 53 -8.46 3.98 4.80
C GLU A 53 -7.88 4.04 6.20
N LYS A 54 -6.86 3.23 6.42
CA LYS A 54 -6.15 3.16 7.69
C LYS A 54 -5.23 4.35 7.82
N ALA A 55 -4.24 4.38 6.93
CA ALA A 55 -3.26 5.46 6.91
C ALA A 55 -3.97 6.80 7.07
N LEU A 56 -5.10 6.92 6.37
CA LEU A 56 -5.91 8.11 6.43
C LEU A 56 -6.38 8.40 7.85
N ALA A 57 -6.75 7.34 8.56
CA ALA A 57 -7.22 7.47 9.93
C ALA A 57 -6.24 8.27 10.79
N LEU A 58 -4.98 8.28 10.37
CA LEU A 58 -3.95 9.04 11.07
C LEU A 58 -3.89 10.44 10.48
N GLY A 59 -4.28 10.54 9.22
CA GLY A 59 -4.26 11.79 8.50
C GLY A 59 -3.20 11.78 7.43
N ILE A 60 -2.68 10.59 7.13
CA ILE A 60 -1.66 10.42 6.11
C ILE A 60 -2.25 10.64 4.73
N LYS A 61 -1.99 11.81 4.16
CA LYS A 61 -2.50 12.16 2.85
C LYS A 61 -1.41 12.06 1.80
N GLN A 62 -0.16 12.26 2.23
CA GLN A 62 0.98 12.20 1.34
C GLN A 62 2.01 11.22 1.88
N VAL A 63 2.63 10.46 0.99
CA VAL A 63 3.63 9.48 1.43
C VAL A 63 4.87 9.50 0.56
N ALA A 64 5.93 8.88 1.07
CA ALA A 64 7.20 8.77 0.37
C ALA A 64 7.39 7.35 -0.14
N PHE A 65 7.19 7.15 -1.43
CA PHE A 65 7.35 5.82 -2.01
C PHE A 65 8.80 5.50 -2.29
N ASP A 66 9.37 4.62 -1.47
CA ASP A 66 10.76 4.21 -1.61
C ASP A 66 10.85 2.68 -1.68
N ARG A 67 9.94 2.09 -2.46
CA ARG A 67 9.88 0.64 -2.62
C ARG A 67 11.29 0.04 -2.82
N GLY A 68 12.05 0.65 -3.73
CA GLY A 68 13.39 0.17 -4.01
C GLY A 68 13.62 -0.07 -5.49
N PRO A 69 14.07 -1.28 -5.87
CA PRO A 69 14.32 -1.62 -7.27
C PRO A 69 13.09 -2.22 -7.94
N TYR A 70 11.94 -1.56 -7.77
CA TYR A 70 10.69 -2.03 -8.34
C TYR A 70 10.35 -1.26 -9.62
N LYS A 71 9.72 -1.96 -10.57
CA LYS A 71 9.32 -1.36 -11.83
C LYS A 71 7.81 -1.51 -12.02
N TYR A 72 7.22 -0.62 -12.81
CA TYR A 72 5.78 -0.66 -13.05
C TYR A 72 5.34 -2.07 -13.43
N HIS A 73 4.67 -2.75 -12.50
CA HIS A 73 4.21 -4.11 -12.71
C HIS A 73 2.68 -4.18 -12.82
N GLY A 74 2.04 -5.02 -11.98
CA GLY A 74 0.59 -5.15 -12.03
C GLY A 74 -0.07 -4.90 -10.68
N ARG A 75 0.66 -5.15 -9.60
CA ARG A 75 0.11 -4.95 -8.25
C ARG A 75 0.17 -3.47 -7.85
N VAL A 76 1.38 -2.95 -7.64
CA VAL A 76 1.58 -1.55 -7.26
C VAL A 76 0.57 -0.63 -7.92
N LYS A 77 0.13 -0.97 -9.12
CA LYS A 77 -0.83 -0.14 -9.84
C LYS A 77 -2.10 0.02 -9.04
N ALA A 78 -2.98 -0.98 -9.11
CA ALA A 78 -4.24 -0.95 -8.39
C ALA A 78 -4.02 -0.64 -6.91
N LEU A 79 -3.02 -1.28 -6.32
CA LEU A 79 -2.70 -1.09 -4.93
C LEU A 79 -2.36 0.37 -4.65
N ALA A 80 -1.61 0.95 -5.57
CA ALA A 80 -1.20 2.34 -5.42
C ALA A 80 -2.40 3.26 -5.54
N GLU A 81 -3.35 2.89 -6.41
CA GLU A 81 -4.56 3.70 -6.53
C GLU A 81 -5.34 3.52 -5.25
N GLY A 82 -5.49 2.27 -4.81
CA GLY A 82 -6.18 2.01 -3.56
C GLY A 82 -5.71 2.96 -2.49
N ALA A 83 -4.40 2.88 -2.27
CA ALA A 83 -3.72 3.71 -1.29
C ALA A 83 -3.89 5.18 -1.58
N ARG A 84 -3.71 5.57 -2.84
CA ARG A 84 -3.87 6.97 -3.22
C ARG A 84 -5.36 7.30 -3.27
N GLU A 85 -6.09 6.53 -4.07
CA GLU A 85 -7.53 6.70 -4.22
C GLU A 85 -8.17 6.81 -2.83
N GLY A 86 -7.73 5.94 -1.93
CA GLY A 86 -8.25 5.95 -0.57
C GLY A 86 -7.96 7.28 0.13
N GLY A 87 -6.72 7.76 0.03
CA GLY A 87 -6.38 9.04 0.65
C GLY A 87 -4.91 9.43 0.53
N LEU A 88 -4.02 8.44 0.41
CA LEU A 88 -2.58 8.70 0.34
C LEU A 88 -2.14 9.35 -0.97
N GLU A 89 -1.08 10.13 -0.88
CA GLU A 89 -0.51 10.82 -2.02
C GLU A 89 0.99 10.55 -2.13
N PHE A 90 1.36 9.51 -2.86
CA PHE A 90 2.76 9.16 -3.03
C PHE A 90 3.12 8.98 -4.50
N ARG A 1 6.89 13.23 7.99
CA ARG A 1 6.45 12.59 6.73
C ARG A 1 6.49 11.07 6.85
N LEU A 2 5.55 10.41 6.16
CA LEU A 2 5.48 8.96 6.19
C LEU A 2 5.91 8.39 4.83
N ARG A 3 6.75 7.37 4.86
CA ARG A 3 7.24 6.74 3.62
C ARG A 3 6.51 5.43 3.37
N LEU A 4 5.94 5.31 2.17
CA LEU A 4 5.20 4.11 1.79
C LEU A 4 6.13 3.08 1.13
N SER A 5 5.87 1.80 1.41
CA SER A 5 6.67 0.71 0.85
C SER A 5 5.81 -0.50 0.51
N VAL A 6 5.67 -0.78 -0.79
CA VAL A 6 4.86 -1.92 -1.24
C VAL A 6 5.74 -3.14 -1.54
N PHE A 7 5.15 -4.33 -1.43
CA PHE A 7 5.89 -5.54 -1.68
C PHE A 7 5.02 -6.68 -2.21
N ARG A 8 5.27 -7.09 -3.44
CA ARG A 8 4.56 -8.23 -4.03
C ARG A 8 5.55 -9.22 -4.61
N SER A 9 5.54 -10.44 -4.08
CA SER A 9 6.45 -11.47 -4.55
C SER A 9 5.83 -12.25 -5.70
N LEU A 10 4.51 -12.39 -5.65
CA LEU A 10 3.77 -13.11 -6.68
C LEU A 10 2.28 -13.08 -6.33
N LYS A 11 1.95 -13.67 -5.19
CA LYS A 11 0.58 -13.71 -4.71
C LYS A 11 0.46 -13.00 -3.36
N HIS A 12 1.52 -12.32 -2.96
CA HIS A 12 1.54 -11.61 -1.68
C HIS A 12 1.82 -10.12 -1.87
N ILE A 13 0.77 -9.32 -1.84
CA ILE A 13 0.89 -7.88 -1.99
C ILE A 13 0.85 -7.23 -0.61
N TYR A 14 1.93 -6.55 -0.24
CA TYR A 14 2.01 -5.93 1.09
C TYR A 14 2.48 -4.49 1.05
N ALA A 15 1.59 -3.56 1.40
CA ALA A 15 1.95 -2.15 1.46
C ALA A 15 2.15 -1.75 2.91
N GLN A 16 3.33 -1.25 3.21
CA GLN A 16 3.65 -0.84 4.58
C GLN A 16 3.85 0.67 4.62
N ILE A 17 2.94 1.33 5.31
CA ILE A 17 3.01 2.77 5.45
C ILE A 17 3.73 3.13 6.74
N ILE A 18 5.01 3.45 6.60
CA ILE A 18 5.87 3.75 7.74
C ILE A 18 6.10 5.25 7.91
N ASP A 19 6.57 5.62 9.09
CA ASP A 19 6.90 7.00 9.40
C ASP A 19 8.38 7.22 9.14
N ASP A 20 8.66 8.02 8.10
CA ASP A 20 10.03 8.32 7.68
C ASP A 20 10.62 9.51 8.40
N GLU A 21 10.11 9.80 9.59
CA GLU A 21 10.63 10.88 10.43
C GLU A 21 11.27 10.19 11.62
N LYS A 22 10.52 9.22 12.11
CA LYS A 22 10.94 8.34 13.16
C LYS A 22 10.58 6.96 12.67
N GLY A 23 11.56 6.09 12.50
CA GLY A 23 11.26 4.77 11.99
C GLY A 23 10.09 4.15 12.70
N VAL A 24 8.88 4.44 12.22
CA VAL A 24 7.68 3.93 12.88
C VAL A 24 6.65 3.37 11.89
N THR A 25 6.43 2.05 11.93
CA THR A 25 5.44 1.44 11.07
C THR A 25 4.05 1.73 11.63
N LEU A 26 3.21 2.39 10.83
CA LEU A 26 1.88 2.75 11.28
C LEU A 26 0.81 1.82 10.72
N VAL A 27 0.66 1.78 9.40
CA VAL A 27 -0.34 0.93 8.79
C VAL A 27 0.29 -0.05 7.81
N SER A 28 -0.26 -1.26 7.75
CA SER A 28 0.23 -2.29 6.85
C SER A 28 -0.90 -3.23 6.44
N ALA A 29 -1.22 -3.22 5.15
CA ALA A 29 -2.29 -4.07 4.62
C ALA A 29 -1.79 -4.90 3.45
N SER A 30 -2.32 -6.12 3.35
CA SER A 30 -1.90 -7.02 2.28
C SER A 30 -3.01 -7.97 1.87
N SER A 31 -3.21 -8.13 0.57
CA SER A 31 -4.23 -9.03 0.04
C SER A 31 -4.08 -10.42 0.64
N LEU A 32 -2.84 -10.86 0.82
CA LEU A 32 -2.57 -12.17 1.41
C LEU A 32 -3.12 -12.23 2.82
N ALA A 33 -2.75 -11.26 3.65
CA ALA A 33 -3.23 -11.20 5.02
C ALA A 33 -4.76 -11.12 5.03
N LEU A 34 -5.29 -10.50 3.98
CA LEU A 34 -6.72 -10.36 3.82
C LEU A 34 -7.32 -11.57 3.12
N LYS A 35 -6.52 -12.65 3.01
CA LYS A 35 -6.93 -13.89 2.33
C LYS A 35 -8.32 -13.79 1.71
N LEU A 36 -8.43 -12.89 0.73
CA LEU A 36 -9.68 -12.66 0.02
C LEU A 36 -9.89 -13.72 -1.06
N LYS A 37 -11.04 -13.67 -1.73
CA LYS A 37 -11.35 -14.61 -2.79
C LYS A 37 -11.08 -13.99 -4.16
N GLY A 38 -9.95 -13.30 -4.28
CA GLY A 38 -9.59 -12.66 -5.54
C GLY A 38 -8.56 -13.44 -6.32
N ASN A 39 -7.66 -12.73 -6.97
CA ASN A 39 -6.61 -13.36 -7.77
C ASN A 39 -5.22 -12.86 -7.35
N LYS A 40 -4.93 -11.60 -7.67
CA LYS A 40 -3.66 -11.00 -7.33
C LYS A 40 -3.73 -9.47 -7.38
N THR A 41 -3.57 -8.90 -8.57
CA THR A 41 -3.63 -7.45 -8.75
C THR A 41 -5.07 -6.98 -9.00
N GLU A 42 -5.99 -7.93 -9.11
CA GLU A 42 -7.39 -7.59 -9.34
C GLU A 42 -7.93 -6.78 -8.17
N VAL A 43 -7.63 -7.23 -6.96
CA VAL A 43 -8.07 -6.55 -5.75
C VAL A 43 -7.04 -5.54 -5.28
N ALA A 44 -5.80 -5.66 -5.78
CA ALA A 44 -4.72 -4.76 -5.40
C ALA A 44 -5.23 -3.36 -5.08
N ARG A 45 -6.16 -2.88 -5.89
CA ARG A 45 -6.74 -1.57 -5.66
C ARG A 45 -7.53 -1.58 -4.38
N GLN A 46 -8.53 -2.44 -4.34
CA GLN A 46 -9.35 -2.60 -3.16
C GLN A 46 -8.45 -2.81 -1.94
N VAL A 47 -7.23 -3.32 -2.17
CA VAL A 47 -6.29 -3.53 -1.08
C VAL A 47 -5.65 -2.20 -0.71
N GLY A 48 -5.48 -1.34 -1.72
CA GLY A 48 -4.91 -0.04 -1.48
C GLY A 48 -5.91 0.90 -0.84
N ARG A 49 -7.19 0.63 -1.07
CA ARG A 49 -8.25 1.46 -0.50
C ARG A 49 -8.46 1.09 0.96
N ALA A 50 -8.35 -0.18 1.27
CA ALA A 50 -8.48 -0.63 2.65
C ALA A 50 -7.28 -0.12 3.42
N LEU A 51 -6.12 -0.15 2.77
CA LEU A 51 -4.89 0.32 3.36
C LEU A 51 -4.90 1.84 3.42
N ALA A 52 -5.29 2.46 2.31
CA ALA A 52 -5.40 3.91 2.26
C ALA A 52 -6.44 4.37 3.24
N GLU A 53 -7.37 3.48 3.55
CA GLU A 53 -8.39 3.79 4.50
C GLU A 53 -7.80 3.62 5.91
N LYS A 54 -6.83 2.71 6.00
CA LYS A 54 -6.10 2.45 7.23
C LYS A 54 -5.21 3.65 7.54
N ALA A 55 -4.20 3.81 6.70
CA ALA A 55 -3.25 4.90 6.83
C ALA A 55 -4.00 6.21 7.08
N LEU A 56 -5.07 6.39 6.31
CA LEU A 56 -5.92 7.55 6.44
C LEU A 56 -6.40 7.71 7.87
N ALA A 57 -6.73 6.59 8.50
CA ALA A 57 -7.21 6.59 9.87
C ALA A 57 -6.24 7.31 10.79
N LEU A 58 -4.97 7.37 10.38
CA LEU A 58 -3.94 8.07 11.14
C LEU A 58 -3.89 9.51 10.67
N GLY A 59 -4.31 9.72 9.43
CA GLY A 59 -4.30 11.03 8.83
C GLY A 59 -3.24 11.13 7.75
N ILE A 60 -2.70 9.97 7.35
CA ILE A 60 -1.68 9.92 6.33
C ILE A 60 -2.30 10.15 4.95
N LYS A 61 -2.11 11.36 4.44
CA LYS A 61 -2.66 11.74 3.16
C LYS A 61 -1.55 11.77 2.10
N GLN A 62 -0.32 11.97 2.56
CA GLN A 62 0.82 12.04 1.67
C GLN A 62 1.90 11.07 2.14
N VAL A 63 2.49 10.34 1.20
CA VAL A 63 3.54 9.38 1.55
C VAL A 63 4.72 9.44 0.59
N ALA A 64 5.82 8.85 1.02
CA ALA A 64 7.04 8.80 0.21
C ALA A 64 7.17 7.41 -0.40
N PHE A 65 6.77 7.28 -1.66
CA PHE A 65 6.84 5.99 -2.34
C PHE A 65 8.24 5.70 -2.86
N ASP A 66 8.86 4.71 -2.25
CA ASP A 66 10.20 4.28 -2.62
C ASP A 66 10.36 2.79 -2.33
N ARG A 67 9.54 1.98 -3.00
CA ARG A 67 9.57 0.53 -2.80
C ARG A 67 11.01 0.01 -2.91
N GLY A 68 11.83 0.72 -3.69
CA GLY A 68 13.21 0.33 -3.89
C GLY A 68 13.54 0.14 -5.35
N PRO A 69 13.92 -1.09 -5.77
CA PRO A 69 14.23 -1.37 -7.16
C PRO A 69 13.00 -1.82 -7.94
N TYR A 70 11.86 -1.20 -7.64
CA TYR A 70 10.60 -1.53 -8.29
C TYR A 70 10.26 -0.56 -9.42
N LYS A 71 9.65 -1.08 -10.47
CA LYS A 71 9.24 -0.29 -11.61
C LYS A 71 7.80 -0.60 -11.99
N TYR A 72 7.11 0.35 -12.63
CA TYR A 72 5.72 0.13 -13.02
C TYR A 72 5.51 -1.29 -13.53
N HIS A 73 4.92 -2.12 -12.69
CA HIS A 73 4.70 -3.53 -13.00
C HIS A 73 3.20 -3.89 -13.11
N GLY A 74 2.69 -4.66 -12.15
CA GLY A 74 1.29 -5.05 -12.15
C GLY A 74 0.61 -4.81 -10.82
N ARG A 75 1.40 -4.65 -9.76
CA ARG A 75 0.87 -4.43 -8.42
C ARG A 75 0.79 -2.94 -8.08
N VAL A 76 1.95 -2.32 -7.86
CA VAL A 76 2.06 -0.91 -7.51
C VAL A 76 0.96 -0.05 -8.13
N LYS A 77 0.58 -0.36 -9.36
CA LYS A 77 -0.45 0.43 -10.02
C LYS A 77 -1.79 0.27 -9.29
N ALA A 78 -2.45 -0.86 -9.54
CA ALA A 78 -3.74 -1.17 -8.93
C ALA A 78 -3.73 -0.88 -7.45
N LEU A 79 -2.65 -1.27 -6.78
CA LEU A 79 -2.51 -1.04 -5.35
C LEU A 79 -2.39 0.43 -5.06
N ALA A 80 -1.55 1.10 -5.82
CA ALA A 80 -1.32 2.52 -5.62
C ALA A 80 -2.59 3.33 -5.81
N GLU A 81 -3.44 2.92 -6.76
CA GLU A 81 -4.71 3.63 -6.93
C GLU A 81 -5.50 3.47 -5.64
N GLY A 82 -5.62 2.22 -5.18
CA GLY A 82 -6.29 1.95 -3.93
C GLY A 82 -5.82 2.93 -2.87
N ALA A 83 -4.51 2.92 -2.70
CA ALA A 83 -3.82 3.76 -1.74
C ALA A 83 -4.13 5.24 -1.94
N ARG A 84 -4.05 5.70 -3.18
CA ARG A 84 -4.33 7.09 -3.49
C ARG A 84 -5.83 7.32 -3.53
N GLU A 85 -6.53 6.43 -4.23
CA GLU A 85 -7.98 6.50 -4.35
C GLU A 85 -8.57 6.56 -2.94
N GLY A 86 -7.93 5.85 -2.02
CA GLY A 86 -8.38 5.84 -0.64
C GLY A 86 -8.05 7.14 0.07
N GLY A 87 -6.79 7.60 -0.04
CA GLY A 87 -6.43 8.86 0.60
C GLY A 87 -4.95 9.24 0.51
N LEU A 88 -4.06 8.27 0.34
CA LEU A 88 -2.63 8.55 0.29
C LEU A 88 -2.18 9.28 -0.97
N GLU A 89 -1.19 10.13 -0.79
CA GLU A 89 -0.61 10.92 -1.88
C GLU A 89 0.90 10.72 -1.91
N PHE A 90 1.37 9.83 -2.76
CA PHE A 90 2.79 9.52 -2.82
C PHE A 90 3.31 9.51 -4.25
N ARG A 1 6.81 13.26 8.00
CA ARG A 1 6.70 12.62 6.67
C ARG A 1 6.67 11.10 6.77
N LEU A 2 5.73 10.48 6.06
CA LEU A 2 5.61 9.04 6.07
C LEU A 2 5.94 8.45 4.71
N ARG A 3 6.74 7.40 4.71
CA ARG A 3 7.18 6.75 3.47
C ARG A 3 6.38 5.47 3.21
N LEU A 4 5.80 5.39 2.02
CA LEU A 4 5.02 4.23 1.62
C LEU A 4 5.92 3.21 0.94
N SER A 5 5.67 1.93 1.21
CA SER A 5 6.47 0.86 0.61
C SER A 5 5.61 -0.35 0.31
N VAL A 6 5.37 -0.59 -0.97
CA VAL A 6 4.56 -1.73 -1.38
C VAL A 6 5.41 -2.94 -1.71
N PHE A 7 5.19 -4.00 -0.94
CA PHE A 7 5.94 -5.24 -1.12
C PHE A 7 5.13 -6.27 -1.91
N ARG A 8 5.85 -7.07 -2.68
CA ARG A 8 5.23 -8.12 -3.49
C ARG A 8 6.20 -9.28 -3.67
N SER A 9 5.78 -10.46 -3.26
CA SER A 9 6.63 -11.64 -3.38
C SER A 9 6.39 -12.33 -4.73
N LEU A 10 5.25 -12.97 -4.87
CA LEU A 10 4.89 -13.66 -6.10
C LEU A 10 3.40 -13.49 -6.35
N LYS A 11 2.60 -13.94 -5.39
CA LYS A 11 1.15 -13.84 -5.47
C LYS A 11 0.61 -12.98 -4.31
N HIS A 12 1.53 -12.47 -3.49
CA HIS A 12 1.16 -11.65 -2.34
C HIS A 12 1.36 -10.17 -2.62
N ILE A 13 0.62 -9.35 -1.90
CA ILE A 13 0.70 -7.90 -2.03
C ILE A 13 0.56 -7.25 -0.66
N TYR A 14 1.57 -6.51 -0.24
CA TYR A 14 1.54 -5.87 1.07
C TYR A 14 2.06 -4.43 1.02
N ALA A 15 1.18 -3.46 1.26
CA ALA A 15 1.61 -2.07 1.29
C ALA A 15 1.92 -1.67 2.72
N GLN A 16 3.16 -1.24 2.93
CA GLN A 16 3.60 -0.85 4.25
C GLN A 16 3.79 0.66 4.32
N ILE A 17 2.96 1.31 5.10
CA ILE A 17 3.04 2.75 5.27
C ILE A 17 3.84 3.07 6.53
N ILE A 18 5.11 3.40 6.33
CA ILE A 18 6.04 3.69 7.42
C ILE A 18 6.21 5.19 7.69
N ASP A 19 6.73 5.49 8.86
CA ASP A 19 7.01 6.86 9.26
C ASP A 19 8.45 7.19 8.89
N ASP A 20 8.60 8.14 7.96
CA ASP A 20 9.91 8.57 7.47
C ASP A 20 10.48 9.73 8.27
N GLU A 21 10.02 9.87 9.51
CA GLU A 21 10.53 10.90 10.41
C GLU A 21 11.31 10.15 11.46
N LYS A 22 10.65 9.10 11.93
CA LYS A 22 11.20 8.16 12.85
C LYS A 22 10.83 6.80 12.28
N GLY A 23 11.83 6.00 11.94
CA GLY A 23 11.53 4.70 11.34
C GLY A 23 10.44 3.97 12.10
N VAL A 24 9.19 4.23 11.71
CA VAL A 24 8.06 3.62 12.42
C VAL A 24 6.97 3.12 11.48
N THR A 25 6.80 1.80 11.41
CA THR A 25 5.75 1.22 10.57
C THR A 25 4.40 1.49 11.20
N LEU A 26 3.55 2.24 10.49
CA LEU A 26 2.23 2.58 11.01
C LEU A 26 1.15 1.62 10.53
N VAL A 27 0.92 1.58 9.21
CA VAL A 27 -0.10 0.72 8.65
C VAL A 27 0.49 -0.27 7.64
N SER A 28 -0.13 -1.44 7.58
CA SER A 28 0.29 -2.49 6.66
C SER A 28 -0.90 -3.35 6.25
N ALA A 29 -1.25 -3.29 4.98
CA ALA A 29 -2.38 -4.06 4.47
C ALA A 29 -1.99 -4.96 3.31
N SER A 30 -2.78 -6.00 3.07
CA SER A 30 -2.52 -6.94 1.99
C SER A 30 -3.82 -7.53 1.44
N SER A 31 -3.86 -7.73 0.13
CA SER A 31 -5.05 -8.27 -0.53
C SER A 31 -5.47 -9.62 0.07
N LEU A 32 -4.52 -10.50 0.31
CA LEU A 32 -4.81 -11.82 0.88
C LEU A 32 -5.31 -11.72 2.32
N ALA A 33 -5.25 -10.52 2.90
CA ALA A 33 -5.70 -10.30 4.26
C ALA A 33 -7.22 -10.28 4.34
N LEU A 34 -7.79 -9.35 3.61
CA LEU A 34 -9.24 -9.17 3.59
C LEU A 34 -9.97 -10.47 3.27
N LYS A 35 -9.46 -11.23 2.30
CA LYS A 35 -10.08 -12.49 1.92
C LYS A 35 -9.31 -13.17 0.79
N LEU A 36 -8.80 -12.38 -0.13
CA LEU A 36 -8.04 -12.90 -1.27
C LEU A 36 -7.01 -13.94 -0.84
N LYS A 37 -6.40 -14.60 -1.82
CA LYS A 37 -5.40 -15.62 -1.56
C LYS A 37 -4.16 -15.39 -2.41
N GLY A 38 -4.37 -15.05 -3.69
CA GLY A 38 -3.27 -14.80 -4.59
C GLY A 38 -3.72 -14.73 -6.04
N ASN A 39 -4.28 -13.60 -6.43
CA ASN A 39 -4.76 -13.41 -7.80
C ASN A 39 -4.10 -12.20 -8.45
N LYS A 40 -4.53 -11.89 -9.67
CA LYS A 40 -3.99 -10.75 -10.41
C LYS A 40 -4.40 -9.44 -9.75
N THR A 41 -4.21 -8.32 -10.47
CA THR A 41 -4.56 -7.01 -9.95
C THR A 41 -6.08 -6.83 -9.89
N GLU A 42 -6.73 -7.68 -9.10
CA GLU A 42 -8.17 -7.62 -8.94
C GLU A 42 -8.57 -6.80 -7.72
N VAL A 43 -8.07 -7.20 -6.56
CA VAL A 43 -8.37 -6.49 -5.31
C VAL A 43 -7.30 -5.46 -4.96
N ALA A 44 -6.13 -5.55 -5.60
CA ALA A 44 -5.03 -4.61 -5.32
C ALA A 44 -5.56 -3.22 -4.97
N ARG A 45 -6.57 -2.76 -5.69
CA ARG A 45 -7.16 -1.46 -5.40
C ARG A 45 -7.83 -1.51 -4.06
N GLN A 46 -8.78 -2.42 -3.95
CA GLN A 46 -9.50 -2.62 -2.71
C GLN A 46 -8.49 -2.78 -1.56
N VAL A 47 -7.26 -3.18 -1.90
CA VAL A 47 -6.22 -3.32 -0.89
C VAL A 47 -5.62 -1.96 -0.60
N GLY A 48 -5.56 -1.12 -1.63
CA GLY A 48 -5.04 0.21 -1.46
C GLY A 48 -6.04 1.10 -0.76
N ARG A 49 -7.33 0.81 -0.95
CA ARG A 49 -8.39 1.60 -0.32
C ARG A 49 -8.49 1.22 1.15
N ALA A 50 -8.30 -0.06 1.44
CA ALA A 50 -8.33 -0.53 2.81
C ALA A 50 -7.08 -0.02 3.52
N LEU A 51 -5.98 0.01 2.75
CA LEU A 51 -4.71 0.50 3.25
C LEU A 51 -4.81 1.99 3.46
N ALA A 52 -5.20 2.66 2.39
CA ALA A 52 -5.38 4.11 2.42
C ALA A 52 -6.42 4.48 3.45
N GLU A 53 -7.31 3.54 3.72
CA GLU A 53 -8.32 3.76 4.73
C GLU A 53 -7.68 3.57 6.10
N LYS A 54 -6.68 2.69 6.14
CA LYS A 54 -5.92 2.42 7.34
C LYS A 54 -5.03 3.61 7.66
N ALA A 55 -4.03 3.80 6.80
CA ALA A 55 -3.09 4.90 6.92
C ALA A 55 -3.83 6.20 7.23
N LEU A 56 -4.92 6.39 6.53
CA LEU A 56 -5.75 7.57 6.72
C LEU A 56 -6.19 7.69 8.17
N ALA A 57 -6.52 6.55 8.76
CA ALA A 57 -6.97 6.51 10.15
C ALA A 57 -5.95 7.20 11.06
N LEU A 58 -4.70 7.26 10.61
CA LEU A 58 -3.65 7.93 11.36
C LEU A 58 -3.60 9.39 10.96
N GLY A 59 -4.03 9.64 9.72
CA GLY A 59 -4.03 10.97 9.17
C GLY A 59 -2.95 11.13 8.12
N ILE A 60 -2.51 10.01 7.57
CA ILE A 60 -1.48 10.00 6.55
C ILE A 60 -2.06 10.39 5.20
N LYS A 61 -1.77 11.62 4.80
CA LYS A 61 -2.25 12.16 3.56
C LYS A 61 -1.27 11.93 2.43
N GLN A 62 -0.07 12.45 2.59
CA GLN A 62 0.97 12.30 1.57
C GLN A 62 2.05 11.35 2.05
N VAL A 63 2.52 10.48 1.16
CA VAL A 63 3.55 9.52 1.51
C VAL A 63 4.74 9.59 0.57
N ALA A 64 5.83 8.97 1.00
CA ALA A 64 7.06 8.92 0.21
C ALA A 64 7.25 7.51 -0.34
N PHE A 65 6.96 7.34 -1.63
CA PHE A 65 7.09 6.02 -2.25
C PHE A 65 8.54 5.74 -2.66
N ASP A 66 9.10 4.71 -2.04
CA ASP A 66 10.46 4.29 -2.31
C ASP A 66 10.59 2.78 -2.20
N ARG A 67 9.65 2.08 -2.83
CA ARG A 67 9.61 0.62 -2.82
C ARG A 67 11.01 0.01 -2.88
N GLY A 68 11.89 0.64 -3.67
CA GLY A 68 13.24 0.15 -3.80
C GLY A 68 13.51 -0.47 -5.17
N PRO A 69 13.74 -1.79 -5.22
CA PRO A 69 14.01 -2.49 -6.48
C PRO A 69 12.74 -2.97 -7.17
N TYR A 70 11.62 -2.33 -6.87
CA TYR A 70 10.34 -2.71 -7.46
C TYR A 70 10.05 -1.88 -8.71
N LYS A 71 9.67 -2.56 -9.78
CA LYS A 71 9.35 -1.89 -11.04
C LYS A 71 7.84 -1.76 -11.21
N TYR A 72 7.40 -0.71 -11.87
CA TYR A 72 5.98 -0.47 -12.10
C TYR A 72 5.30 -1.75 -12.60
N HIS A 73 4.48 -2.35 -11.74
CA HIS A 73 3.78 -3.59 -12.07
C HIS A 73 2.28 -3.44 -11.86
N GLY A 74 1.52 -4.40 -12.40
CA GLY A 74 0.07 -4.37 -12.26
C GLY A 74 -0.37 -4.07 -10.84
N ARG A 75 0.32 -4.64 -9.87
CA ARG A 75 -0.01 -4.43 -8.46
C ARG A 75 0.05 -2.95 -8.13
N VAL A 76 1.26 -2.39 -8.09
CA VAL A 76 1.45 -0.97 -7.80
C VAL A 76 0.36 -0.12 -8.43
N LYS A 77 -0.05 -0.49 -9.63
CA LYS A 77 -1.08 0.25 -10.32
C LYS A 77 -2.38 0.26 -9.53
N ALA A 78 -3.09 -0.86 -9.56
CA ALA A 78 -4.36 -1.00 -8.86
C ALA A 78 -4.21 -0.72 -7.37
N LEU A 79 -3.08 -1.12 -6.79
CA LEU A 79 -2.83 -0.90 -5.38
C LEU A 79 -2.64 0.56 -5.08
N ALA A 80 -1.79 1.20 -5.86
CA ALA A 80 -1.48 2.61 -5.68
C ALA A 80 -2.73 3.47 -5.82
N GLU A 81 -3.67 3.07 -6.68
CA GLU A 81 -4.90 3.83 -6.81
C GLU A 81 -5.67 3.69 -5.51
N GLY A 82 -5.77 2.45 -5.03
CA GLY A 82 -6.44 2.20 -3.77
C GLY A 82 -5.93 3.14 -2.71
N ALA A 83 -4.62 3.07 -2.53
CA ALA A 83 -3.92 3.88 -1.54
C ALA A 83 -4.05 5.36 -1.85
N ARG A 84 -4.12 5.70 -3.14
CA ARG A 84 -4.27 7.10 -3.55
C ARG A 84 -5.74 7.48 -3.66
N GLU A 85 -6.59 6.48 -3.89
CA GLU A 85 -8.01 6.70 -4.01
C GLU A 85 -8.62 6.79 -2.61
N GLY A 86 -8.02 6.03 -1.69
CA GLY A 86 -8.47 6.02 -0.31
C GLY A 86 -8.12 7.32 0.40
N GLY A 87 -6.87 7.78 0.27
CA GLY A 87 -6.47 9.02 0.92
C GLY A 87 -4.98 9.38 0.77
N LEU A 88 -4.13 8.38 0.65
CA LEU A 88 -2.69 8.60 0.55
C LEU A 88 -2.27 9.20 -0.79
N GLU A 89 -1.30 10.10 -0.72
CA GLU A 89 -0.76 10.75 -1.90
C GLU A 89 0.76 10.61 -1.95
N PHE A 90 1.23 9.60 -2.66
CA PHE A 90 2.67 9.34 -2.79
C PHE A 90 3.12 9.44 -4.23
N ARG A 1 4.99 13.32 5.26
CA ARG A 1 6.37 12.83 5.48
C ARG A 1 6.43 11.30 5.44
N LEU A 2 5.42 10.67 6.02
CA LEU A 2 5.35 9.22 6.07
C LEU A 2 5.72 8.61 4.72
N ARG A 3 6.66 7.66 4.75
CA ARG A 3 7.12 7.01 3.54
C ARG A 3 6.38 5.70 3.29
N LEU A 4 5.81 5.57 2.09
CA LEU A 4 5.08 4.38 1.70
C LEU A 4 6.03 3.38 1.07
N SER A 5 5.82 2.10 1.34
CA SER A 5 6.68 1.05 0.79
C SER A 5 5.90 -0.21 0.47
N VAL A 6 5.72 -0.48 -0.82
CA VAL A 6 4.99 -1.65 -1.25
C VAL A 6 5.92 -2.80 -1.59
N PHE A 7 5.66 -3.95 -0.99
CA PHE A 7 6.47 -5.13 -1.22
C PHE A 7 5.70 -6.19 -1.99
N ARG A 8 6.43 -6.92 -2.83
CA ARG A 8 5.85 -7.98 -3.64
C ARG A 8 6.90 -9.05 -3.90
N SER A 9 6.60 -10.27 -3.48
CA SER A 9 7.54 -11.38 -3.65
C SER A 9 7.29 -12.08 -5.00
N LEU A 10 6.30 -12.96 -5.03
CA LEU A 10 5.95 -13.69 -6.23
C LEU A 10 4.43 -13.79 -6.35
N LYS A 11 3.81 -14.33 -5.32
CA LYS A 11 2.37 -14.47 -5.28
C LYS A 11 1.79 -13.70 -4.09
N HIS A 12 2.58 -12.76 -3.57
CA HIS A 12 2.17 -11.96 -2.43
C HIS A 12 2.09 -10.48 -2.80
N ILE A 13 1.49 -9.70 -1.91
CA ILE A 13 1.33 -8.26 -2.12
C ILE A 13 1.24 -7.56 -0.76
N TYR A 14 2.02 -6.50 -0.57
CA TYR A 14 2.00 -5.79 0.69
C TYR A 14 2.33 -4.30 0.52
N ALA A 15 1.81 -3.50 1.43
CA ALA A 15 2.07 -2.07 1.45
C ALA A 15 2.32 -1.64 2.89
N GLN A 16 3.50 -1.08 3.13
CA GLN A 16 3.87 -0.64 4.46
C GLN A 16 3.98 0.87 4.50
N ILE A 17 3.09 1.48 5.24
CA ILE A 17 3.08 2.93 5.37
C ILE A 17 3.83 3.30 6.64
N ILE A 18 5.09 3.68 6.47
CA ILE A 18 5.97 4.02 7.58
C ILE A 18 6.09 5.52 7.82
N ASP A 19 6.53 5.86 9.02
CA ASP A 19 6.75 7.24 9.41
C ASP A 19 8.20 7.61 9.13
N ASP A 20 8.39 8.54 8.20
CA ASP A 20 9.71 9.00 7.78
C ASP A 20 10.21 10.19 8.60
N GLU A 21 9.72 10.29 9.83
CA GLU A 21 10.16 11.33 10.75
C GLU A 21 10.99 10.63 11.78
N LYS A 22 10.40 9.55 12.25
CA LYS A 22 11.01 8.63 13.17
C LYS A 22 10.65 7.26 12.64
N GLY A 23 11.65 6.47 12.26
CA GLY A 23 11.38 5.17 11.69
C GLY A 23 10.26 4.44 12.42
N VAL A 24 9.03 4.64 11.97
CA VAL A 24 7.89 4.01 12.65
C VAL A 24 6.86 3.44 11.68
N THR A 25 6.73 2.12 11.64
CA THR A 25 5.75 1.48 10.77
C THR A 25 4.36 1.68 11.36
N LEU A 26 3.48 2.33 10.61
CA LEU A 26 2.13 2.61 11.09
C LEU A 26 1.12 1.60 10.55
N VAL A 27 1.00 1.52 9.24
CA VAL A 27 0.04 0.62 8.62
C VAL A 27 0.70 -0.36 7.65
N SER A 28 0.12 -1.56 7.58
CA SER A 28 0.61 -2.61 6.70
C SER A 28 -0.55 -3.51 6.28
N ALA A 29 -0.86 -3.50 4.99
CA ALA A 29 -1.97 -4.30 4.47
C ALA A 29 -1.53 -5.17 3.30
N SER A 30 -2.20 -6.32 3.14
CA SER A 30 -1.87 -7.25 2.05
C SER A 30 -3.10 -8.04 1.61
N SER A 31 -3.22 -8.27 0.31
CA SER A 31 -4.34 -9.03 -0.24
C SER A 31 -4.42 -10.42 0.38
N LEU A 32 -3.28 -11.07 0.57
CA LEU A 32 -3.24 -12.42 1.15
C LEU A 32 -3.76 -12.39 2.60
N ALA A 33 -3.28 -11.44 3.39
CA ALA A 33 -3.74 -11.32 4.77
C ALA A 33 -5.24 -11.15 4.80
N LEU A 34 -5.76 -10.54 3.74
CA LEU A 34 -7.19 -10.31 3.57
C LEU A 34 -7.82 -11.45 2.79
N LYS A 35 -7.07 -12.56 2.64
CA LYS A 35 -7.49 -13.74 1.86
C LYS A 35 -8.85 -13.52 1.18
N LEU A 36 -8.86 -12.56 0.28
CA LEU A 36 -10.05 -12.21 -0.49
C LEU A 36 -10.47 -13.37 -1.38
N LYS A 37 -11.59 -13.21 -2.07
CA LYS A 37 -12.09 -14.25 -2.97
C LYS A 37 -12.17 -13.74 -4.40
N GLY A 38 -11.10 -13.09 -4.85
CA GLY A 38 -11.06 -12.56 -6.20
C GLY A 38 -9.75 -12.86 -6.91
N ASN A 39 -9.14 -11.82 -7.47
CA ASN A 39 -7.87 -11.97 -8.18
C ASN A 39 -6.72 -11.37 -7.38
N LYS A 40 -5.55 -11.27 -8.01
CA LYS A 40 -4.38 -10.72 -7.36
C LYS A 40 -4.26 -9.22 -7.63
N THR A 41 -4.38 -8.85 -8.90
CA THR A 41 -4.29 -7.45 -9.30
C THR A 41 -5.67 -6.80 -9.34
N GLU A 42 -6.71 -7.63 -9.55
CA GLU A 42 -8.08 -7.14 -9.61
C GLU A 42 -8.45 -6.40 -8.33
N VAL A 43 -8.05 -6.95 -7.19
CA VAL A 43 -8.37 -6.35 -5.90
C VAL A 43 -7.24 -5.45 -5.42
N ALA A 44 -6.04 -5.61 -5.99
CA ALA A 44 -4.89 -4.80 -5.58
C ALA A 44 -5.31 -3.39 -5.21
N ARG A 45 -6.25 -2.83 -5.95
CA ARG A 45 -6.75 -1.50 -5.66
C ARG A 45 -7.50 -1.52 -4.36
N GLN A 46 -8.53 -2.35 -4.33
CA GLN A 46 -9.33 -2.53 -3.13
C GLN A 46 -8.41 -2.82 -1.95
N VAL A 47 -7.20 -3.33 -2.24
CA VAL A 47 -6.25 -3.60 -1.18
C VAL A 47 -5.56 -2.30 -0.78
N GLY A 48 -5.39 -1.40 -1.76
CA GLY A 48 -4.77 -0.12 -1.48
C GLY A 48 -5.75 0.80 -0.81
N ARG A 49 -7.04 0.64 -1.14
CA ARG A 49 -8.08 1.48 -0.54
C ARG A 49 -8.27 1.08 0.90
N ALA A 50 -8.19 -0.23 1.17
CA ALA A 50 -8.31 -0.71 2.54
C ALA A 50 -7.11 -0.23 3.33
N LEU A 51 -5.95 -0.26 2.68
CA LEU A 51 -4.72 0.20 3.28
C LEU A 51 -4.83 1.68 3.52
N ALA A 52 -5.14 2.38 2.44
CA ALA A 52 -5.33 3.83 2.49
C ALA A 52 -6.39 4.18 3.53
N GLU A 53 -7.26 3.22 3.80
CA GLU A 53 -8.29 3.41 4.79
C GLU A 53 -7.65 3.35 6.17
N LYS A 54 -6.64 2.49 6.27
CA LYS A 54 -5.88 2.32 7.50
C LYS A 54 -5.01 3.53 7.74
N ALA A 55 -4.03 3.68 6.86
CA ALA A 55 -3.10 4.81 6.93
C ALA A 55 -3.87 6.09 7.22
N LEU A 56 -5.01 6.20 6.55
CA LEU A 56 -5.88 7.35 6.73
C LEU A 56 -6.33 7.49 8.18
N ALA A 57 -6.62 6.36 8.80
CA ALA A 57 -7.06 6.34 10.19
C ALA A 57 -6.07 7.11 11.08
N LEU A 58 -4.83 7.22 10.62
CA LEU A 58 -3.81 7.95 11.35
C LEU A 58 -3.83 9.40 10.91
N GLY A 59 -4.28 9.60 9.67
CA GLY A 59 -4.35 10.92 9.10
C GLY A 59 -3.28 11.10 8.03
N ILE A 60 -2.75 9.98 7.55
CA ILE A 60 -1.72 10.00 6.51
C ILE A 60 -2.32 10.41 5.19
N LYS A 61 -2.00 11.64 4.80
CA LYS A 61 -2.50 12.20 3.57
C LYS A 61 -1.54 11.92 2.41
N GLN A 62 -0.31 12.38 2.57
CA GLN A 62 0.71 12.21 1.56
C GLN A 62 1.78 11.26 2.04
N VAL A 63 2.37 10.50 1.12
CA VAL A 63 3.41 9.54 1.47
C VAL A 63 4.60 9.62 0.53
N ALA A 64 5.73 9.09 0.99
CA ALA A 64 6.95 9.06 0.20
C ALA A 64 7.07 7.70 -0.48
N PHE A 65 6.77 7.65 -1.77
CA PHE A 65 6.81 6.40 -2.50
C PHE A 65 8.23 6.03 -2.93
N ASP A 66 8.79 5.03 -2.23
CA ASP A 66 10.13 4.54 -2.51
C ASP A 66 10.18 3.02 -2.31
N ARG A 67 9.57 2.29 -3.24
CA ARG A 67 9.52 0.83 -3.18
C ARG A 67 10.92 0.25 -3.00
N GLY A 68 11.87 0.80 -3.76
CA GLY A 68 13.24 0.34 -3.70
C GLY A 68 13.69 -0.25 -5.04
N PRO A 69 14.03 -1.55 -5.08
CA PRO A 69 14.45 -2.21 -6.30
C PRO A 69 13.28 -2.82 -7.07
N TYR A 70 12.14 -2.15 -7.03
CA TYR A 70 10.94 -2.62 -7.71
C TYR A 70 10.73 -1.92 -9.04
N LYS A 71 9.90 -2.51 -9.88
CA LYS A 71 9.57 -1.94 -11.19
C LYS A 71 8.07 -1.84 -11.36
N TYR A 72 7.62 -0.84 -12.10
CA TYR A 72 6.19 -0.64 -12.34
C TYR A 72 5.51 -1.96 -12.71
N HIS A 73 4.79 -2.54 -11.75
CA HIS A 73 4.10 -3.81 -11.97
C HIS A 73 2.61 -3.68 -11.71
N GLY A 74 1.85 -4.67 -12.17
CA GLY A 74 0.40 -4.66 -11.99
C GLY A 74 -0.01 -4.29 -10.57
N ARG A 75 0.69 -4.83 -9.59
CA ARG A 75 0.39 -4.55 -8.19
C ARG A 75 0.44 -3.05 -7.92
N VAL A 76 1.64 -2.48 -7.95
CA VAL A 76 1.84 -1.06 -7.71
C VAL A 76 0.74 -0.23 -8.36
N LYS A 77 0.39 -0.58 -9.59
CA LYS A 77 -0.64 0.16 -10.30
C LYS A 77 -1.94 0.19 -9.51
N ALA A 78 -2.64 -0.94 -9.51
CA ALA A 78 -3.91 -1.07 -8.81
C ALA A 78 -3.77 -0.78 -7.32
N LEU A 79 -2.70 -1.26 -6.70
CA LEU A 79 -2.46 -1.06 -5.28
C LEU A 79 -2.28 0.41 -4.97
N ALA A 80 -1.43 1.05 -5.76
CA ALA A 80 -1.12 2.45 -5.54
C ALA A 80 -2.36 3.32 -5.67
N GLU A 81 -3.26 3.00 -6.61
CA GLU A 81 -4.48 3.79 -6.74
C GLU A 81 -5.31 3.56 -5.50
N GLY A 82 -5.34 2.32 -5.01
CA GLY A 82 -6.06 2.02 -3.80
C GLY A 82 -5.63 2.94 -2.69
N ALA A 83 -4.34 2.88 -2.41
CA ALA A 83 -3.73 3.69 -1.38
C ALA A 83 -3.89 5.16 -1.71
N ARG A 84 -3.96 5.48 -2.99
CA ARG A 84 -4.13 6.87 -3.43
C ARG A 84 -5.60 7.23 -3.53
N GLU A 85 -6.42 6.24 -3.84
CA GLU A 85 -7.86 6.42 -3.97
C GLU A 85 -8.48 6.46 -2.58
N GLY A 86 -7.93 5.64 -1.69
CA GLY A 86 -8.41 5.57 -0.34
C GLY A 86 -8.14 6.87 0.43
N GLY A 87 -6.92 7.40 0.32
CA GLY A 87 -6.61 8.65 1.01
C GLY A 87 -5.16 9.11 0.85
N LEU A 88 -4.23 8.19 0.73
CA LEU A 88 -2.81 8.52 0.61
C LEU A 88 -2.45 9.15 -0.72
N GLU A 89 -1.48 10.05 -0.66
CA GLU A 89 -0.99 10.74 -1.85
C GLU A 89 0.52 10.63 -1.95
N PHE A 90 1.00 9.59 -2.64
CA PHE A 90 2.42 9.36 -2.80
C PHE A 90 2.83 9.43 -4.27
N ARG A 1 6.70 13.37 7.51
CA ARG A 1 6.76 12.64 6.22
C ARG A 1 6.68 11.13 6.43
N LEU A 2 5.73 10.50 5.75
CA LEU A 2 5.55 9.06 5.86
C LEU A 2 5.87 8.37 4.54
N ARG A 3 6.65 7.29 4.62
CA ARG A 3 7.08 6.55 3.44
C ARG A 3 6.24 5.29 3.22
N LEU A 4 5.70 5.16 2.02
CA LEU A 4 4.89 4.01 1.64
C LEU A 4 5.77 2.96 0.95
N SER A 5 5.48 1.68 1.17
CA SER A 5 6.26 0.62 0.56
C SER A 5 5.41 -0.63 0.31
N VAL A 6 5.11 -0.90 -0.97
CA VAL A 6 4.32 -2.07 -1.32
C VAL A 6 5.20 -3.24 -1.72
N PHE A 7 4.94 -4.39 -1.11
CA PHE A 7 5.73 -5.59 -1.38
C PHE A 7 4.89 -6.69 -2.04
N ARG A 8 5.39 -7.17 -3.18
CA ARG A 8 4.73 -8.25 -3.91
C ARG A 8 5.74 -9.34 -4.23
N SER A 9 5.51 -10.54 -3.71
CA SER A 9 6.43 -11.66 -3.94
C SER A 9 6.02 -12.42 -5.20
N LEU A 10 4.72 -12.67 -5.31
CA LEU A 10 4.15 -13.40 -6.44
C LEU A 10 2.65 -13.52 -6.23
N LYS A 11 2.28 -14.10 -5.09
CA LYS A 11 0.88 -14.27 -4.73
C LYS A 11 0.56 -13.52 -3.43
N HIS A 12 1.59 -12.87 -2.86
CA HIS A 12 1.42 -12.14 -1.61
C HIS A 12 1.54 -10.63 -1.84
N ILE A 13 0.43 -9.95 -1.68
CA ILE A 13 0.36 -8.52 -1.84
C ILE A 13 0.39 -7.82 -0.49
N TYR A 14 1.25 -6.82 -0.34
CA TYR A 14 1.37 -6.11 0.92
C TYR A 14 1.76 -4.65 0.72
N ALA A 15 1.27 -3.80 1.61
CA ALA A 15 1.60 -2.38 1.58
C ALA A 15 1.99 -1.94 2.98
N GLN A 16 3.14 -1.30 3.09
CA GLN A 16 3.63 -0.84 4.38
C GLN A 16 3.75 0.66 4.41
N ILE A 17 2.91 1.28 5.23
CA ILE A 17 2.93 2.72 5.38
C ILE A 17 3.69 3.07 6.64
N ILE A 18 4.93 3.51 6.45
CA ILE A 18 5.82 3.83 7.56
C ILE A 18 6.00 5.32 7.77
N ASP A 19 6.46 5.68 8.97
CA ASP A 19 6.72 7.07 9.32
C ASP A 19 8.19 7.38 9.01
N ASP A 20 8.38 8.33 8.09
CA ASP A 20 9.71 8.75 7.64
C ASP A 20 10.25 9.91 8.46
N GLU A 21 9.70 10.10 9.64
CA GLU A 21 10.16 11.14 10.56
C GLU A 21 10.89 10.41 11.65
N LYS A 22 10.20 9.39 12.12
CA LYS A 22 10.71 8.46 13.10
C LYS A 22 10.38 7.10 12.52
N GLY A 23 11.40 6.30 12.23
CA GLY A 23 11.15 5.00 11.64
C GLY A 23 10.05 4.26 12.36
N VAL A 24 8.80 4.47 11.91
CA VAL A 24 7.66 3.83 12.57
C VAL A 24 6.65 3.24 11.59
N THR A 25 6.55 1.91 11.58
CA THR A 25 5.58 1.24 10.72
C THR A 25 4.19 1.36 11.33
N LEU A 26 3.33 2.15 10.71
CA LEU A 26 1.98 2.37 11.23
C LEU A 26 0.96 1.38 10.66
N VAL A 27 0.90 1.28 9.34
CA VAL A 27 -0.07 0.38 8.71
C VAL A 27 0.58 -0.63 7.77
N SER A 28 -0.01 -1.82 7.74
CA SER A 28 0.45 -2.91 6.89
C SER A 28 -0.74 -3.78 6.51
N ALA A 29 -1.07 -3.81 5.22
CA ALA A 29 -2.21 -4.59 4.75
C ALA A 29 -1.85 -5.56 3.64
N SER A 30 -2.73 -6.53 3.41
CA SER A 30 -2.54 -7.54 2.36
C SER A 30 -3.89 -8.01 1.85
N SER A 31 -4.08 -7.95 0.53
CA SER A 31 -5.35 -8.36 -0.08
C SER A 31 -5.63 -9.84 0.19
N LEU A 32 -4.58 -10.66 0.13
CA LEU A 32 -4.72 -12.09 0.37
C LEU A 32 -5.32 -12.38 1.75
N ALA A 33 -5.25 -11.40 2.63
CA ALA A 33 -5.77 -11.55 3.99
C ALA A 33 -7.29 -11.42 4.04
N LEU A 34 -7.81 -10.36 3.41
CA LEU A 34 -9.24 -10.11 3.39
C LEU A 34 -10.00 -11.34 2.91
N LYS A 35 -9.45 -11.99 1.90
CA LYS A 35 -10.07 -13.19 1.33
C LYS A 35 -9.26 -13.73 0.17
N LEU A 36 -8.58 -12.82 -0.54
CA LEU A 36 -7.76 -13.22 -1.69
C LEU A 36 -6.78 -14.33 -1.32
N LYS A 37 -6.28 -15.02 -2.33
CA LYS A 37 -5.32 -16.11 -2.13
C LYS A 37 -4.01 -15.83 -2.86
N GLY A 38 -4.11 -15.23 -4.04
CA GLY A 38 -2.94 -14.92 -4.82
C GLY A 38 -3.27 -14.45 -6.23
N ASN A 39 -4.15 -13.47 -6.33
CA ASN A 39 -4.55 -12.93 -7.63
C ASN A 39 -3.55 -11.89 -8.12
N LYS A 40 -3.92 -11.15 -9.16
CA LYS A 40 -3.05 -10.13 -9.73
C LYS A 40 -3.60 -8.73 -9.42
N THR A 41 -4.08 -8.03 -10.45
CA THR A 41 -4.62 -6.68 -10.28
C THR A 41 -6.13 -6.73 -10.08
N GLU A 42 -6.58 -7.55 -9.13
CA GLU A 42 -8.00 -7.69 -8.85
C GLU A 42 -8.44 -6.76 -7.73
N VAL A 43 -8.12 -7.12 -6.49
CA VAL A 43 -8.48 -6.33 -5.33
C VAL A 43 -7.39 -5.35 -4.92
N ALA A 44 -6.18 -5.55 -5.46
CA ALA A 44 -5.04 -4.68 -5.13
C ALA A 44 -5.46 -3.26 -4.79
N ARG A 45 -6.38 -2.70 -5.58
CA ARG A 45 -6.86 -1.35 -5.31
C ARG A 45 -7.62 -1.34 -4.01
N GLN A 46 -8.68 -2.12 -3.96
CA GLN A 46 -9.49 -2.24 -2.77
C GLN A 46 -8.58 -2.48 -1.57
N VAL A 47 -7.42 -3.09 -1.82
CA VAL A 47 -6.47 -3.34 -0.75
C VAL A 47 -5.85 -2.02 -0.33
N GLY A 48 -5.57 -1.18 -1.33
CA GLY A 48 -5.00 0.12 -1.04
C GLY A 48 -6.00 0.98 -0.31
N ARG A 49 -7.16 1.18 -0.92
CA ARG A 49 -8.20 1.98 -0.28
C ARG A 49 -8.32 1.57 1.18
N ALA A 50 -8.13 0.28 1.44
CA ALA A 50 -8.17 -0.23 2.80
C ALA A 50 -7.03 0.37 3.62
N LEU A 51 -5.82 0.30 3.07
CA LEU A 51 -4.64 0.86 3.74
C LEU A 51 -4.83 2.36 3.88
N ALA A 52 -5.12 2.98 2.75
CA ALA A 52 -5.37 4.40 2.69
C ALA A 52 -6.43 4.79 3.69
N GLU A 53 -7.31 3.84 3.99
CA GLU A 53 -8.36 4.06 4.96
C GLU A 53 -7.75 4.03 6.36
N LYS A 54 -6.72 3.21 6.52
CA LYS A 54 -6.01 3.08 7.79
C LYS A 54 -5.08 4.28 7.98
N ALA A 55 -4.10 4.38 7.09
CA ALA A 55 -3.15 5.47 7.13
C ALA A 55 -3.87 6.79 7.34
N LEU A 56 -4.98 6.94 6.64
CA LEU A 56 -5.80 8.13 6.74
C LEU A 56 -6.24 8.35 8.19
N ALA A 57 -6.57 7.26 8.87
CA ALA A 57 -7.00 7.31 10.25
C ALA A 57 -5.98 8.06 11.11
N LEU A 58 -4.74 8.07 10.65
CA LEU A 58 -3.67 8.78 11.34
C LEU A 58 -3.61 10.21 10.83
N GLY A 59 -4.03 10.37 9.58
CA GLY A 59 -4.02 11.66 8.93
C GLY A 59 -2.96 11.73 7.85
N ILE A 60 -2.45 10.56 7.47
CA ILE A 60 -1.42 10.48 6.44
C ILE A 60 -2.00 10.86 5.10
N LYS A 61 -1.56 12.01 4.60
CA LYS A 61 -2.02 12.54 3.36
C LYS A 61 -1.10 12.19 2.21
N GLN A 62 0.16 12.57 2.34
CA GLN A 62 1.16 12.30 1.31
C GLN A 62 2.17 11.28 1.82
N VAL A 63 2.70 10.46 0.91
CA VAL A 63 3.66 9.45 1.30
C VAL A 63 4.88 9.44 0.38
N ALA A 64 5.92 8.77 0.86
CA ALA A 64 7.17 8.62 0.14
C ALA A 64 7.25 7.18 -0.34
N PHE A 65 6.70 6.91 -1.51
CA PHE A 65 6.67 5.56 -2.03
C PHE A 65 7.97 5.16 -2.69
N ASP A 66 8.66 4.21 -2.06
CA ASP A 66 9.93 3.71 -2.57
C ASP A 66 10.15 2.27 -2.15
N ARG A 67 10.11 1.35 -3.10
CA ARG A 67 10.32 -0.06 -2.80
C ARG A 67 11.75 -0.47 -3.15
N GLY A 68 12.39 0.29 -4.03
CA GLY A 68 13.74 -0.02 -4.44
C GLY A 68 13.80 -0.49 -5.88
N PRO A 69 13.84 -1.81 -6.12
CA PRO A 69 13.87 -2.38 -7.46
C PRO A 69 12.48 -2.62 -8.03
N TYR A 70 11.54 -1.75 -7.67
CA TYR A 70 10.16 -1.88 -8.15
C TYR A 70 9.89 -0.93 -9.32
N LYS A 71 9.22 -1.46 -10.34
CA LYS A 71 8.87 -0.68 -11.51
C LYS A 71 7.40 -0.88 -11.86
N TYR A 72 6.80 0.10 -12.54
CA TYR A 72 5.39 0.02 -12.92
C TYR A 72 5.09 -1.35 -13.53
N HIS A 73 4.55 -2.25 -12.71
CA HIS A 73 4.24 -3.61 -13.15
C HIS A 73 2.73 -3.81 -13.36
N GLY A 74 2.06 -4.42 -12.37
CA GLY A 74 0.63 -4.66 -12.48
C GLY A 74 -0.09 -4.48 -11.15
N ARG A 75 0.60 -4.77 -10.05
CA ARG A 75 0.01 -4.66 -8.72
C ARG A 75 0.13 -3.23 -8.17
N VAL A 76 1.35 -2.83 -7.80
CA VAL A 76 1.62 -1.51 -7.23
C VAL A 76 0.70 -0.43 -7.79
N LYS A 77 0.34 -0.53 -9.06
CA LYS A 77 -0.54 0.45 -9.67
C LYS A 77 -1.88 0.42 -8.96
N ALA A 78 -2.66 -0.60 -9.29
CA ALA A 78 -4.00 -0.80 -8.72
C ALA A 78 -4.00 -0.59 -7.22
N LEU A 79 -3.01 -1.15 -6.54
CA LEU A 79 -2.91 -1.00 -5.10
C LEU A 79 -2.60 0.44 -4.74
N ALA A 80 -1.59 0.98 -5.40
CA ALA A 80 -1.18 2.35 -5.16
C ALA A 80 -2.35 3.30 -5.33
N GLU A 81 -3.26 2.98 -6.25
CA GLU A 81 -4.44 3.82 -6.42
C GLU A 81 -5.29 3.66 -5.18
N GLY A 82 -5.41 2.43 -4.69
CA GLY A 82 -6.14 2.18 -3.47
C GLY A 82 -5.71 3.13 -2.39
N ALA A 83 -4.41 3.05 -2.12
CA ALA A 83 -3.77 3.87 -1.12
C ALA A 83 -3.88 5.35 -1.46
N ARG A 84 -3.84 5.67 -2.75
CA ARG A 84 -3.95 7.05 -3.18
C ARG A 84 -5.40 7.45 -3.40
N GLU A 85 -6.24 6.46 -3.69
CA GLU A 85 -7.65 6.69 -3.90
C GLU A 85 -8.32 6.84 -2.55
N GLY A 86 -7.84 6.06 -1.58
CA GLY A 86 -8.39 6.11 -0.24
C GLY A 86 -8.04 7.42 0.46
N GLY A 87 -6.78 7.88 0.34
CA GLY A 87 -6.41 9.14 0.97
C GLY A 87 -4.95 9.54 0.76
N LEU A 88 -4.05 8.57 0.64
CA LEU A 88 -2.63 8.84 0.49
C LEU A 88 -2.25 9.42 -0.87
N GLU A 89 -1.19 10.21 -0.86
CA GLU A 89 -0.68 10.82 -2.07
C GLU A 89 0.82 10.55 -2.20
N PHE A 90 1.17 9.52 -2.96
CA PHE A 90 2.56 9.14 -3.13
C PHE A 90 2.88 8.87 -4.61
N ARG A 1 6.51 13.44 7.70
CA ARG A 1 6.73 12.73 6.42
C ARG A 1 6.59 11.22 6.59
N LEU A 2 5.70 10.61 5.82
CA LEU A 2 5.48 9.17 5.88
C LEU A 2 5.84 8.51 4.56
N ARG A 3 6.61 7.43 4.65
CA ARG A 3 7.06 6.70 3.47
C ARG A 3 6.26 5.43 3.25
N LEU A 4 5.72 5.29 2.04
CA LEU A 4 4.94 4.12 1.66
C LEU A 4 5.86 3.06 1.07
N SER A 5 5.55 1.79 1.32
CA SER A 5 6.39 0.71 0.80
C SER A 5 5.56 -0.53 0.46
N VAL A 6 5.41 -0.80 -0.82
CA VAL A 6 4.64 -1.96 -1.25
C VAL A 6 5.55 -3.13 -1.64
N PHE A 7 5.21 -4.31 -1.13
CA PHE A 7 5.97 -5.51 -1.38
C PHE A 7 5.20 -6.53 -2.20
N ARG A 8 5.90 -7.23 -3.09
CA ARG A 8 5.28 -8.27 -3.90
C ARG A 8 6.31 -9.34 -4.25
N SER A 9 6.07 -10.57 -3.81
CA SER A 9 6.99 -11.67 -4.08
C SER A 9 6.63 -12.36 -5.39
N LEU A 10 5.33 -12.43 -5.69
CA LEU A 10 4.86 -13.06 -6.91
C LEU A 10 3.34 -12.94 -7.01
N LYS A 11 2.64 -13.63 -6.12
CA LYS A 11 1.17 -13.59 -6.10
C LYS A 11 0.67 -12.93 -4.82
N HIS A 12 1.56 -12.25 -4.11
CA HIS A 12 1.21 -11.57 -2.87
C HIS A 12 1.65 -10.12 -2.91
N ILE A 13 0.91 -9.26 -2.21
CA ILE A 13 1.24 -7.84 -2.16
C ILE A 13 1.05 -7.28 -0.76
N TYR A 14 1.95 -6.38 -0.36
CA TYR A 14 1.92 -5.82 0.99
C TYR A 14 2.29 -4.33 0.99
N ALA A 15 1.31 -3.46 1.23
CA ALA A 15 1.59 -2.03 1.30
C ALA A 15 1.82 -1.65 2.74
N GLN A 16 3.00 -1.11 3.00
CA GLN A 16 3.37 -0.69 4.33
C GLN A 16 3.54 0.80 4.39
N ILE A 17 2.72 1.45 5.19
CA ILE A 17 2.79 2.89 5.34
C ILE A 17 3.51 3.23 6.63
N ILE A 18 4.76 3.65 6.49
CA ILE A 18 5.62 3.97 7.63
C ILE A 18 5.85 5.47 7.79
N ASP A 19 6.30 5.85 8.98
CA ASP A 19 6.61 7.24 9.29
C ASP A 19 8.09 7.48 9.01
N ASP A 20 8.35 8.32 8.01
CA ASP A 20 9.71 8.66 7.59
C ASP A 20 10.23 9.92 8.28
N GLU A 21 9.68 10.22 9.44
CA GLU A 21 10.12 11.36 10.25
C GLU A 21 10.79 10.75 11.46
N LYS A 22 10.08 9.79 12.01
CA LYS A 22 10.54 8.98 13.10
C LYS A 22 10.22 7.56 12.67
N GLY A 23 11.25 6.72 12.54
CA GLY A 23 11.02 5.37 12.09
C GLY A 23 9.85 4.71 12.79
N VAL A 24 8.65 4.85 12.22
CA VAL A 24 7.46 4.29 12.84
C VAL A 24 6.48 3.68 11.83
N THR A 25 6.34 2.36 11.86
CA THR A 25 5.39 1.69 10.97
C THR A 25 3.98 1.84 11.54
N LEU A 26 3.11 2.52 10.79
CA LEU A 26 1.75 2.76 11.26
C LEU A 26 0.77 1.71 10.73
N VAL A 27 0.69 1.57 9.41
CA VAL A 27 -0.23 0.62 8.82
C VAL A 27 0.47 -0.30 7.82
N SER A 28 0.01 -1.54 7.77
CA SER A 28 0.55 -2.53 6.86
C SER A 28 -0.51 -3.55 6.47
N ALA A 29 -0.88 -3.56 5.19
CA ALA A 29 -1.89 -4.47 4.68
C ALA A 29 -1.36 -5.25 3.49
N SER A 30 -1.82 -6.48 3.32
CA SER A 30 -1.38 -7.31 2.21
C SER A 30 -2.45 -8.29 1.75
N SER A 31 -2.60 -8.41 0.43
CA SER A 31 -3.58 -9.33 -0.15
C SER A 31 -3.52 -10.69 0.54
N LEU A 32 -2.34 -11.06 1.01
CA LEU A 32 -2.15 -12.33 1.71
C LEU A 32 -3.09 -12.44 2.91
N ALA A 33 -2.92 -11.53 3.86
CA ALA A 33 -3.77 -11.51 5.05
C ALA A 33 -5.23 -11.36 4.64
N LEU A 34 -5.43 -10.72 3.49
CA LEU A 34 -6.76 -10.50 2.96
C LEU A 34 -7.19 -11.64 2.04
N LYS A 35 -6.43 -12.74 2.08
CA LYS A 35 -6.67 -13.94 1.25
C LYS A 35 -7.86 -13.76 0.31
N LEU A 36 -7.74 -12.81 -0.61
CA LEU A 36 -8.78 -12.53 -1.58
C LEU A 36 -9.11 -13.78 -2.39
N LYS A 37 -10.32 -13.83 -2.95
CA LYS A 37 -10.75 -14.97 -3.76
C LYS A 37 -11.03 -14.55 -5.19
N GLY A 38 -9.99 -14.57 -6.02
CA GLY A 38 -10.15 -14.20 -7.42
C GLY A 38 -8.81 -14.01 -8.12
N ASN A 39 -8.39 -12.76 -8.28
CA ASN A 39 -7.13 -12.46 -8.93
C ASN A 39 -6.18 -11.76 -7.98
N LYS A 40 -5.08 -11.24 -8.52
CA LYS A 40 -4.07 -10.55 -7.70
C LYS A 40 -4.30 -9.04 -7.75
N THR A 41 -4.07 -8.45 -8.92
CA THR A 41 -4.25 -7.02 -9.11
C THR A 41 -5.71 -6.61 -8.96
N GLU A 42 -6.61 -7.59 -9.08
CA GLU A 42 -8.04 -7.32 -8.96
C GLU A 42 -8.37 -6.62 -7.65
N VAL A 43 -7.87 -7.16 -6.54
CA VAL A 43 -8.13 -6.57 -5.24
C VAL A 43 -7.02 -5.61 -4.82
N ALA A 44 -5.84 -5.74 -5.43
CA ALA A 44 -4.70 -4.89 -5.10
C ALA A 44 -5.15 -3.48 -4.74
N ARG A 45 -6.14 -2.98 -5.46
CA ARG A 45 -6.67 -1.65 -5.18
C ARG A 45 -7.37 -1.68 -3.84
N GLN A 46 -8.38 -2.52 -3.77
CA GLN A 46 -9.13 -2.68 -2.53
C GLN A 46 -8.16 -2.90 -1.37
N VAL A 47 -6.96 -3.40 -1.68
CA VAL A 47 -5.97 -3.62 -0.65
C VAL A 47 -5.34 -2.28 -0.26
N GLY A 48 -5.15 -1.40 -1.25
CA GLY A 48 -4.59 -0.10 -0.98
C GLY A 48 -5.61 0.81 -0.36
N ARG A 49 -6.86 0.68 -0.79
CA ARG A 49 -7.94 1.50 -0.26
C ARG A 49 -8.12 1.16 1.20
N ALA A 50 -7.95 -0.12 1.53
CA ALA A 50 -8.07 -0.57 2.90
C ALA A 50 -6.99 0.08 3.76
N LEU A 51 -5.73 -0.09 3.36
CA LEU A 51 -4.63 0.50 4.08
C LEU A 51 -4.77 2.01 4.05
N ALA A 52 -5.09 2.54 2.88
CA ALA A 52 -5.29 3.98 2.73
C ALA A 52 -6.37 4.44 3.67
N GLU A 53 -7.28 3.53 4.00
CA GLU A 53 -8.35 3.82 4.93
C GLU A 53 -7.77 3.90 6.34
N LYS A 54 -6.76 3.07 6.58
CA LYS A 54 -6.08 3.02 7.87
C LYS A 54 -5.13 4.21 7.99
N ALA A 55 -4.14 4.24 7.12
CA ALA A 55 -3.16 5.32 7.09
C ALA A 55 -3.88 6.66 7.25
N LEU A 56 -5.00 6.76 6.54
CA LEU A 56 -5.83 7.94 6.59
C LEU A 56 -6.29 8.23 8.01
N ALA A 57 -6.63 7.18 8.74
CA ALA A 57 -7.09 7.30 10.11
C ALA A 57 -6.09 8.10 10.95
N LEU A 58 -4.83 8.12 10.49
CA LEU A 58 -3.79 8.86 11.16
C LEU A 58 -3.74 10.27 10.59
N GLY A 59 -4.15 10.36 9.33
CA GLY A 59 -4.15 11.62 8.62
C GLY A 59 -3.08 11.66 7.55
N ILE A 60 -2.57 10.48 7.21
CA ILE A 60 -1.53 10.36 6.20
C ILE A 60 -2.11 10.67 4.84
N LYS A 61 -1.77 11.86 4.35
CA LYS A 61 -2.25 12.34 3.09
C LYS A 61 -1.27 12.01 1.97
N GLN A 62 -0.04 12.46 2.15
CA GLN A 62 1.00 12.23 1.17
C GLN A 62 2.03 11.24 1.71
N VAL A 63 2.58 10.41 0.83
CA VAL A 63 3.57 9.43 1.25
C VAL A 63 4.80 9.43 0.35
N ALA A 64 5.85 8.81 0.85
CA ALA A 64 7.10 8.69 0.12
C ALA A 64 7.28 7.26 -0.38
N PHE A 65 7.06 7.05 -1.66
CA PHE A 65 7.17 5.72 -2.23
C PHE A 65 8.63 5.37 -2.54
N ASP A 66 9.19 4.51 -1.71
CA ASP A 66 10.57 4.07 -1.88
C ASP A 66 10.66 2.55 -1.84
N ARG A 67 9.73 1.89 -2.55
CA ARG A 67 9.67 0.43 -2.61
C ARG A 67 11.06 -0.19 -2.73
N GLY A 68 11.96 0.53 -3.41
CA GLY A 68 13.31 0.03 -3.59
C GLY A 68 13.58 -0.42 -5.02
N PRO A 69 13.96 -1.69 -5.22
CA PRO A 69 14.25 -2.22 -6.55
C PRO A 69 13.00 -2.80 -7.22
N TYR A 70 11.86 -2.16 -7.00
CA TYR A 70 10.60 -2.61 -7.58
C TYR A 70 10.30 -1.86 -8.87
N LYS A 71 9.58 -2.51 -9.78
CA LYS A 71 9.22 -1.92 -11.05
C LYS A 71 7.71 -1.78 -11.18
N TYR A 72 7.26 -0.72 -11.86
CA TYR A 72 5.84 -0.48 -12.05
C TYR A 72 5.16 -1.75 -12.56
N HIS A 73 4.49 -2.46 -11.65
CA HIS A 73 3.81 -3.70 -12.00
C HIS A 73 2.30 -3.62 -11.72
N GLY A 74 1.56 -4.61 -12.22
CA GLY A 74 0.13 -4.64 -12.03
C GLY A 74 -0.29 -4.29 -10.60
N ARG A 75 0.50 -4.75 -9.63
CA ARG A 75 0.20 -4.47 -8.23
C ARG A 75 0.24 -2.97 -7.97
N VAL A 76 1.44 -2.39 -8.00
CA VAL A 76 1.64 -0.97 -7.77
C VAL A 76 0.53 -0.15 -8.42
N LYS A 77 0.14 -0.54 -9.62
CA LYS A 77 -0.90 0.17 -10.33
C LYS A 77 -2.21 0.18 -9.53
N ALA A 78 -2.91 -0.95 -9.55
CA ALA A 78 -4.17 -1.09 -8.85
C ALA A 78 -4.01 -0.83 -7.35
N LEU A 79 -2.89 -1.26 -6.78
CA LEU A 79 -2.64 -1.09 -5.37
C LEU A 79 -2.45 0.38 -5.03
N ALA A 80 -1.62 1.04 -5.80
CA ALA A 80 -1.33 2.44 -5.58
C ALA A 80 -2.60 3.28 -5.64
N GLU A 81 -3.54 2.89 -6.49
CA GLU A 81 -4.79 3.62 -6.55
C GLU A 81 -5.52 3.40 -5.24
N GLY A 82 -5.52 2.15 -4.78
CA GLY A 82 -6.14 1.86 -3.50
C GLY A 82 -5.65 2.80 -2.44
N ALA A 83 -4.34 2.72 -2.22
CA ALA A 83 -3.66 3.55 -1.25
C ALA A 83 -3.92 5.03 -1.52
N ARG A 84 -3.95 5.40 -2.80
CA ARG A 84 -4.22 6.77 -3.19
C ARG A 84 -5.72 7.05 -3.13
N GLU A 85 -6.46 6.29 -3.92
CA GLU A 85 -7.92 6.40 -3.97
C GLU A 85 -8.46 6.51 -2.55
N GLY A 86 -7.91 5.68 -1.67
CA GLY A 86 -8.31 5.70 -0.28
C GLY A 86 -8.02 7.05 0.35
N GLY A 87 -6.78 7.55 0.20
CA GLY A 87 -6.45 8.85 0.76
C GLY A 87 -4.99 9.26 0.58
N LEU A 88 -4.08 8.30 0.46
CA LEU A 88 -2.66 8.60 0.32
C LEU A 88 -2.27 9.19 -1.03
N GLU A 89 -1.26 10.04 -0.99
CA GLU A 89 -0.74 10.69 -2.18
C GLU A 89 0.77 10.52 -2.27
N PHE A 90 1.19 9.47 -2.97
CA PHE A 90 2.62 9.17 -3.11
C PHE A 90 3.01 9.05 -4.57
N ARG A 1 7.84 13.27 7.33
CA ARG A 1 6.64 12.76 6.63
C ARG A 1 6.52 11.24 6.77
N LEU A 2 5.68 10.64 5.92
CA LEU A 2 5.48 9.20 5.96
C LEU A 2 5.85 8.58 4.61
N ARG A 3 6.60 7.50 4.66
CA ARG A 3 7.05 6.82 3.45
C ARG A 3 6.29 5.52 3.19
N LEU A 4 5.70 5.43 2.00
CA LEU A 4 4.94 4.26 1.62
C LEU A 4 5.84 3.23 0.94
N SER A 5 5.58 1.96 1.21
CA SER A 5 6.37 0.88 0.63
C SER A 5 5.48 -0.30 0.28
N VAL A 6 5.65 -0.87 -0.90
CA VAL A 6 4.85 -2.01 -1.32
C VAL A 6 5.74 -3.21 -1.59
N PHE A 7 5.33 -4.37 -1.10
CA PHE A 7 6.10 -5.58 -1.29
C PHE A 7 5.29 -6.67 -1.95
N ARG A 8 5.89 -7.27 -2.96
CA ARG A 8 5.27 -8.37 -3.70
C ARG A 8 6.31 -9.45 -3.95
N SER A 9 6.06 -10.64 -3.42
CA SER A 9 7.00 -11.75 -3.58
C SER A 9 6.70 -12.54 -4.85
N LEU A 10 5.41 -12.72 -5.13
CA LEU A 10 4.98 -13.46 -6.31
C LEU A 10 3.45 -13.50 -6.36
N LYS A 11 2.85 -14.04 -5.30
CA LYS A 11 1.41 -14.12 -5.19
C LYS A 11 0.92 -13.35 -3.96
N HIS A 12 1.86 -12.70 -3.28
CA HIS A 12 1.55 -11.93 -2.08
C HIS A 12 1.72 -10.43 -2.34
N ILE A 13 0.99 -9.62 -1.57
CA ILE A 13 1.05 -8.18 -1.69
C ILE A 13 1.00 -7.53 -0.31
N TYR A 14 1.99 -6.73 0.02
CA TYR A 14 2.05 -6.08 1.34
C TYR A 14 2.51 -4.64 1.26
N ALA A 15 1.60 -3.70 1.53
CA ALA A 15 1.95 -2.28 1.53
C ALA A 15 2.14 -1.82 2.96
N GLN A 16 3.33 -1.32 3.25
CA GLN A 16 3.67 -0.84 4.57
C GLN A 16 3.81 0.67 4.57
N ILE A 17 2.90 1.32 5.26
CA ILE A 17 2.91 2.77 5.36
C ILE A 17 3.65 3.17 6.63
N ILE A 18 4.90 3.59 6.45
CA ILE A 18 5.77 3.95 7.58
C ILE A 18 5.95 5.45 7.74
N ASP A 19 6.45 5.84 8.92
CA ASP A 19 6.73 7.22 9.24
C ASP A 19 8.19 7.50 8.95
N ASP A 20 8.42 8.37 7.94
CA ASP A 20 9.77 8.74 7.50
C ASP A 20 10.29 9.98 8.23
N GLU A 21 9.79 10.21 9.43
CA GLU A 21 10.25 11.31 10.26
C GLU A 21 11.01 10.67 11.40
N LYS A 22 10.35 9.66 11.95
CA LYS A 22 10.89 8.81 12.97
C LYS A 22 10.49 7.42 12.54
N GLY A 23 11.46 6.57 12.28
CA GLY A 23 11.16 5.22 11.83
C GLY A 23 10.01 4.59 12.58
N VAL A 24 8.79 4.81 12.06
CA VAL A 24 7.60 4.28 12.75
C VAL A 24 6.58 3.66 11.79
N THR A 25 6.41 2.35 11.85
CA THR A 25 5.43 1.67 11.01
C THR A 25 4.03 1.93 11.55
N LEU A 26 3.22 2.64 10.77
CA LEU A 26 1.87 2.98 11.20
C LEU A 26 0.84 1.95 10.71
N VAL A 27 0.73 1.80 9.41
CA VAL A 27 -0.24 0.87 8.84
C VAL A 27 0.41 -0.12 7.89
N SER A 28 -0.14 -1.33 7.86
CA SER A 28 0.37 -2.39 7.00
C SER A 28 -0.76 -3.33 6.60
N ALA A 29 -1.08 -3.36 5.31
CA ALA A 29 -2.15 -4.20 4.80
C ALA A 29 -1.64 -5.11 3.68
N SER A 30 -2.28 -6.27 3.54
CA SER A 30 -1.89 -7.22 2.51
C SER A 30 -3.10 -8.05 2.05
N SER A 31 -3.33 -8.07 0.75
CA SER A 31 -4.45 -8.81 0.19
C SER A 31 -4.43 -10.27 0.67
N LEU A 32 -3.25 -10.76 1.01
CA LEU A 32 -3.09 -12.13 1.49
C LEU A 32 -3.84 -12.34 2.80
N ALA A 33 -3.57 -11.48 3.77
CA ALA A 33 -4.22 -11.57 5.07
C ALA A 33 -5.74 -11.44 4.93
N LEU A 34 -6.15 -10.71 3.89
CA LEU A 34 -7.56 -10.51 3.61
C LEU A 34 -8.10 -11.56 2.65
N LYS A 35 -7.30 -12.61 2.41
CA LYS A 35 -7.65 -13.71 1.50
C LYS A 35 -9.01 -13.51 0.83
N LEU A 36 -9.12 -12.45 0.02
CA LEU A 36 -10.34 -12.13 -0.69
C LEU A 36 -10.47 -12.97 -1.95
N LYS A 37 -11.59 -12.83 -2.64
CA LYS A 37 -11.84 -13.57 -3.87
C LYS A 37 -11.23 -12.85 -5.08
N GLY A 38 -9.90 -12.81 -5.13
CA GLY A 38 -9.23 -12.15 -6.23
C GLY A 38 -8.15 -13.02 -6.85
N ASN A 39 -7.21 -12.39 -7.54
CA ASN A 39 -6.12 -13.11 -8.19
C ASN A 39 -4.77 -12.45 -7.90
N LYS A 40 -4.53 -11.31 -8.53
CA LYS A 40 -3.28 -10.58 -8.34
C LYS A 40 -3.53 -9.07 -8.35
N THR A 41 -3.77 -8.52 -9.53
CA THR A 41 -4.02 -7.09 -9.67
C THR A 41 -5.52 -6.78 -9.58
N GLU A 42 -6.29 -7.75 -9.11
CA GLU A 42 -7.74 -7.57 -8.98
C GLU A 42 -8.08 -6.94 -7.64
N VAL A 43 -7.45 -7.43 -6.58
CA VAL A 43 -7.69 -6.92 -5.24
C VAL A 43 -6.70 -5.83 -4.86
N ALA A 44 -5.51 -5.86 -5.45
CA ALA A 44 -4.48 -4.88 -5.14
C ALA A 44 -5.07 -3.52 -4.79
N ARG A 45 -6.10 -3.12 -5.54
CA ARG A 45 -6.77 -1.86 -5.27
C ARG A 45 -7.46 -1.94 -3.94
N GLN A 46 -8.37 -2.90 -3.85
CA GLN A 46 -9.10 -3.15 -2.62
C GLN A 46 -8.12 -3.21 -1.46
N VAL A 47 -6.88 -3.61 -1.76
CA VAL A 47 -5.86 -3.67 -0.73
C VAL A 47 -5.37 -2.27 -0.42
N GLY A 48 -5.29 -1.45 -1.46
CA GLY A 48 -4.87 -0.08 -1.29
C GLY A 48 -5.95 0.75 -0.65
N ARG A 49 -7.21 0.39 -0.88
CA ARG A 49 -8.31 1.12 -0.28
C ARG A 49 -8.31 0.85 1.21
N ALA A 50 -7.95 -0.38 1.57
CA ALA A 50 -7.85 -0.74 2.97
C ALA A 50 -6.59 -0.11 3.56
N LEU A 51 -5.53 -0.10 2.75
CA LEU A 51 -4.26 0.49 3.17
C LEU A 51 -4.44 1.98 3.35
N ALA A 52 -5.15 2.59 2.41
CA ALA A 52 -5.41 4.01 2.43
C ALA A 52 -6.48 4.35 3.44
N GLU A 53 -7.39 3.43 3.67
CA GLU A 53 -8.43 3.64 4.64
C GLU A 53 -7.83 3.46 6.02
N LYS A 54 -6.79 2.63 6.08
CA LYS A 54 -6.04 2.37 7.30
C LYS A 54 -5.14 3.55 7.59
N ALA A 55 -4.15 3.72 6.73
CA ALA A 55 -3.18 4.81 6.84
C ALA A 55 -3.90 6.11 7.14
N LEU A 56 -5.03 6.29 6.46
CA LEU A 56 -5.84 7.48 6.63
C LEU A 56 -6.28 7.62 8.09
N ALA A 57 -6.59 6.49 8.71
CA ALA A 57 -7.01 6.46 10.10
C ALA A 57 -5.98 7.15 11.00
N LEU A 58 -4.74 7.21 10.52
CA LEU A 58 -3.66 7.87 11.24
C LEU A 58 -3.64 9.34 10.83
N GLY A 59 -4.09 9.59 9.61
CA GLY A 59 -4.12 10.92 9.07
C GLY A 59 -3.06 11.09 8.00
N ILE A 60 -2.60 9.96 7.46
CA ILE A 60 -1.57 9.97 6.43
C ILE A 60 -2.17 10.35 5.09
N LYS A 61 -1.91 11.58 4.71
CA LYS A 61 -2.42 12.13 3.49
C LYS A 61 -1.44 11.92 2.34
N GLN A 62 -0.22 12.43 2.51
CA GLN A 62 0.82 12.29 1.50
C GLN A 62 1.90 11.34 1.98
N VAL A 63 2.50 10.61 1.05
CA VAL A 63 3.55 9.66 1.41
C VAL A 63 4.76 9.76 0.48
N ALA A 64 5.84 9.12 0.90
CA ALA A 64 7.06 9.07 0.13
C ALA A 64 7.15 7.71 -0.53
N PHE A 65 6.86 7.65 -1.82
CA PHE A 65 6.87 6.39 -2.52
C PHE A 65 8.27 5.93 -2.92
N ASP A 66 8.70 4.88 -2.26
CA ASP A 66 10.00 4.26 -2.50
C ASP A 66 9.85 2.76 -2.30
N ARG A 67 9.85 2.02 -3.40
CA ARG A 67 9.69 0.58 -3.32
C ARG A 67 11.04 -0.12 -3.24
N GLY A 68 12.03 0.48 -3.91
CA GLY A 68 13.37 -0.09 -3.93
C GLY A 68 13.73 -0.64 -5.28
N PRO A 69 13.84 -1.97 -5.43
CA PRO A 69 14.17 -2.62 -6.70
C PRO A 69 12.94 -2.95 -7.52
N TYR A 70 11.90 -2.12 -7.40
CA TYR A 70 10.65 -2.33 -8.13
C TYR A 70 10.54 -1.41 -9.34
N LYS A 71 9.80 -1.86 -10.34
CA LYS A 71 9.57 -1.10 -11.55
C LYS A 71 8.09 -1.10 -11.90
N TYR A 72 7.60 -0.02 -12.51
CA TYR A 72 6.18 0.06 -12.87
C TYR A 72 5.71 -1.25 -13.49
N HIS A 73 4.85 -1.95 -12.77
CA HIS A 73 4.35 -3.25 -13.22
C HIS A 73 2.81 -3.28 -13.28
N GLY A 74 2.18 -4.21 -12.56
CA GLY A 74 0.73 -4.30 -12.55
C GLY A 74 0.14 -4.30 -11.16
N ARG A 75 0.99 -4.46 -10.14
CA ARG A 75 0.53 -4.48 -8.75
C ARG A 75 0.52 -3.06 -8.18
N VAL A 76 1.72 -2.51 -7.96
CA VAL A 76 1.88 -1.15 -7.44
C VAL A 76 0.81 -0.20 -7.99
N LYS A 77 0.37 -0.45 -9.20
CA LYS A 77 -0.64 0.38 -9.83
C LYS A 77 -1.96 0.29 -9.07
N ALA A 78 -2.73 -0.76 -9.37
CA ALA A 78 -4.01 -0.99 -8.73
C ALA A 78 -3.95 -0.75 -7.23
N LEU A 79 -2.86 -1.20 -6.61
CA LEU A 79 -2.66 -1.02 -5.19
C LEU A 79 -2.48 0.44 -4.87
N ALA A 80 -1.63 1.10 -5.65
CA ALA A 80 -1.35 2.51 -5.46
C ALA A 80 -2.61 3.33 -5.62
N GLU A 81 -3.54 2.87 -6.47
CA GLU A 81 -4.79 3.59 -6.61
C GLU A 81 -5.57 3.39 -5.33
N GLY A 82 -5.66 2.14 -4.88
CA GLY A 82 -6.34 1.86 -3.62
C GLY A 82 -5.88 2.83 -2.55
N ALA A 83 -4.55 2.84 -2.40
CA ALA A 83 -3.88 3.67 -1.41
C ALA A 83 -4.10 5.16 -1.67
N ARG A 84 -4.07 5.55 -2.95
CA ARG A 84 -4.29 6.96 -3.29
C ARG A 84 -5.77 7.25 -3.38
N GLU A 85 -6.49 6.34 -4.04
CA GLU A 85 -7.92 6.44 -4.19
C GLU A 85 -8.57 6.53 -2.81
N GLY A 86 -7.97 5.81 -1.86
CA GLY A 86 -8.45 5.80 -0.49
C GLY A 86 -8.17 7.10 0.23
N GLY A 87 -6.91 7.58 0.17
CA GLY A 87 -6.56 8.83 0.83
C GLY A 87 -5.10 9.25 0.68
N LEU A 88 -4.20 8.30 0.54
CA LEU A 88 -2.78 8.59 0.43
C LEU A 88 -2.39 9.23 -0.89
N GLU A 89 -1.39 10.10 -0.83
CA GLU A 89 -0.87 10.76 -2.01
C GLU A 89 0.65 10.60 -2.09
N PHE A 90 1.08 9.55 -2.78
CA PHE A 90 2.50 9.26 -2.92
C PHE A 90 2.93 9.28 -4.38
N ARG A 1 6.83 13.25 8.05
CA ARG A 1 6.56 12.62 6.73
C ARG A 1 6.48 11.10 6.86
N LEU A 2 5.66 10.49 6.00
CA LEU A 2 5.50 9.04 6.01
C LEU A 2 5.85 8.44 4.66
N ARG A 3 6.63 7.37 4.68
CA ARG A 3 7.08 6.71 3.46
C ARG A 3 6.31 5.42 3.19
N LEU A 4 5.74 5.32 2.00
CA LEU A 4 5.00 4.14 1.58
C LEU A 4 5.93 3.13 0.93
N SER A 5 5.70 1.84 1.21
CA SER A 5 6.52 0.79 0.64
C SER A 5 5.67 -0.43 0.28
N VAL A 6 5.47 -0.66 -1.01
CA VAL A 6 4.66 -1.79 -1.45
C VAL A 6 5.52 -3.00 -1.80
N PHE A 7 5.19 -4.13 -1.16
CA PHE A 7 5.90 -5.36 -1.38
C PHE A 7 5.06 -6.39 -2.12
N ARG A 8 5.71 -7.17 -2.97
CA ARG A 8 5.04 -8.21 -3.73
C ARG A 8 6.02 -9.34 -4.01
N SER A 9 5.71 -10.53 -3.52
CA SER A 9 6.59 -11.69 -3.72
C SER A 9 6.21 -12.43 -5.00
N LEU A 10 4.90 -12.60 -5.19
CA LEU A 10 4.38 -13.28 -6.36
C LEU A 10 2.85 -13.27 -6.32
N LYS A 11 2.31 -13.80 -5.21
CA LYS A 11 0.87 -13.84 -5.01
C LYS A 11 0.49 -13.04 -3.75
N HIS A 12 1.49 -12.49 -3.06
CA HIS A 12 1.25 -11.71 -1.85
C HIS A 12 1.57 -10.24 -2.06
N ILE A 13 0.55 -9.40 -1.93
CA ILE A 13 0.71 -7.97 -2.09
C ILE A 13 0.61 -7.29 -0.72
N TYR A 14 1.71 -6.71 -0.26
CA TYR A 14 1.72 -6.07 1.05
C TYR A 14 2.25 -4.64 1.01
N ALA A 15 1.37 -3.66 1.23
CA ALA A 15 1.80 -2.26 1.25
C ALA A 15 2.04 -1.86 2.70
N GLN A 16 3.23 -1.36 2.95
CA GLN A 16 3.62 -0.93 4.28
C GLN A 16 3.78 0.57 4.33
N ILE A 17 2.91 1.23 5.07
CA ILE A 17 2.95 2.67 5.21
C ILE A 17 3.71 3.02 6.49
N ILE A 18 4.98 3.37 6.33
CA ILE A 18 5.86 3.68 7.45
C ILE A 18 6.03 5.18 7.68
N ASP A 19 6.52 5.51 8.87
CA ASP A 19 6.78 6.88 9.26
C ASP A 19 8.24 7.21 8.94
N ASP A 20 8.43 8.12 7.99
CA ASP A 20 9.76 8.54 7.54
C ASP A 20 10.29 9.75 8.31
N GLU A 21 9.79 9.91 9.53
CA GLU A 21 10.26 10.99 10.41
C GLU A 21 11.04 10.30 11.49
N LYS A 22 10.41 9.26 12.00
CA LYS A 22 10.99 8.37 12.97
C LYS A 22 10.61 6.99 12.49
N GLY A 23 11.60 6.16 12.17
CA GLY A 23 11.31 4.84 11.64
C GLY A 23 10.18 4.16 12.38
N VAL A 24 8.95 4.36 11.91
CA VAL A 24 7.79 3.77 12.58
C VAL A 24 6.74 3.23 11.61
N THR A 25 6.57 1.92 11.58
CA THR A 25 5.56 1.31 10.71
C THR A 25 4.18 1.57 11.29
N LEU A 26 3.37 2.35 10.58
CA LEU A 26 2.04 2.70 11.05
C LEU A 26 0.98 1.71 10.56
N VAL A 27 0.78 1.68 9.24
CA VAL A 27 -0.22 0.80 8.67
C VAL A 27 0.39 -0.17 7.67
N SER A 28 -0.18 -1.38 7.62
CA SER A 28 0.27 -2.41 6.70
C SER A 28 -0.89 -3.32 6.33
N ALA A 29 -1.26 -3.31 5.06
CA ALA A 29 -2.37 -4.14 4.59
C ALA A 29 -1.96 -5.00 3.40
N SER A 30 -2.67 -6.10 3.20
CA SER A 30 -2.37 -7.00 2.10
C SER A 30 -3.63 -7.72 1.63
N SER A 31 -3.70 -7.98 0.32
CA SER A 31 -4.85 -8.65 -0.28
C SER A 31 -5.16 -9.98 0.42
N LEU A 32 -4.44 -11.03 0.04
CA LEU A 32 -4.64 -12.36 0.63
C LEU A 32 -4.42 -12.36 2.14
N ALA A 33 -3.89 -11.26 2.67
CA ALA A 33 -3.63 -11.16 4.10
C ALA A 33 -4.93 -10.97 4.89
N LEU A 34 -5.58 -9.84 4.66
CA LEU A 34 -6.82 -9.53 5.37
C LEU A 34 -7.85 -10.63 5.19
N LYS A 35 -8.10 -10.99 3.95
CA LYS A 35 -9.07 -12.03 3.63
C LYS A 35 -9.20 -12.20 2.12
N LEU A 36 -9.20 -11.08 1.41
CA LEU A 36 -9.33 -11.09 -0.04
C LEU A 36 -8.25 -11.94 -0.69
N LYS A 37 -8.65 -13.02 -1.34
CA LYS A 37 -7.71 -13.91 -2.01
C LYS A 37 -7.84 -13.80 -3.52
N GLY A 38 -7.15 -12.84 -4.10
CA GLY A 38 -7.19 -12.64 -5.54
C GLY A 38 -6.01 -13.25 -6.25
N ASN A 39 -6.02 -13.20 -7.57
CA ASN A 39 -4.93 -13.75 -8.37
C ASN A 39 -4.01 -12.65 -8.86
N LYS A 40 -4.46 -11.91 -9.88
CA LYS A 40 -3.68 -10.82 -10.45
C LYS A 40 -4.03 -9.50 -9.76
N THR A 41 -3.81 -8.38 -10.47
CA THR A 41 -4.12 -7.07 -9.91
C THR A 41 -5.63 -6.81 -9.90
N GLU A 42 -6.37 -7.69 -9.23
CA GLU A 42 -7.82 -7.57 -9.14
C GLU A 42 -8.21 -6.83 -7.86
N VAL A 43 -7.82 -7.39 -6.72
CA VAL A 43 -8.14 -6.80 -5.43
C VAL A 43 -7.13 -5.72 -5.06
N ALA A 44 -5.95 -5.76 -5.68
CA ALA A 44 -4.89 -4.79 -5.39
C ALA A 44 -5.46 -3.42 -5.01
N ARG A 45 -6.49 -2.98 -5.71
CA ARG A 45 -7.12 -1.71 -5.41
C ARG A 45 -7.76 -1.79 -4.06
N GLN A 46 -8.70 -2.70 -3.94
CA GLN A 46 -9.39 -2.93 -2.69
C GLN A 46 -8.37 -3.07 -1.57
N VAL A 47 -7.15 -3.48 -1.94
CA VAL A 47 -6.09 -3.62 -0.94
C VAL A 47 -5.51 -2.25 -0.63
N GLY A 48 -5.48 -1.37 -1.64
CA GLY A 48 -4.98 -0.04 -1.43
C GLY A 48 -6.00 0.85 -0.77
N ARG A 49 -7.29 0.54 -0.99
CA ARG A 49 -8.36 1.32 -0.40
C ARG A 49 -8.45 1.02 1.09
N ALA A 50 -8.23 -0.24 1.43
CA ALA A 50 -8.23 -0.63 2.84
C ALA A 50 -6.97 -0.10 3.49
N LEU A 51 -5.89 -0.07 2.71
CA LEU A 51 -4.61 0.44 3.17
C LEU A 51 -4.70 1.94 3.35
N ALA A 52 -5.22 2.60 2.33
CA ALA A 52 -5.40 4.04 2.36
C ALA A 52 -6.46 4.41 3.37
N GLU A 53 -7.35 3.46 3.63
CA GLU A 53 -8.38 3.67 4.61
C GLU A 53 -7.77 3.50 5.99
N LYS A 54 -6.76 2.62 6.05
CA LYS A 54 -6.01 2.35 7.26
C LYS A 54 -5.12 3.53 7.57
N ALA A 55 -4.11 3.71 6.72
CA ALA A 55 -3.16 4.81 6.86
C ALA A 55 -3.89 6.10 7.17
N LEU A 56 -4.98 6.31 6.44
CA LEU A 56 -5.81 7.49 6.63
C LEU A 56 -6.25 7.62 8.09
N ALA A 57 -6.58 6.48 8.69
CA ALA A 57 -7.01 6.46 10.09
C ALA A 57 -5.99 7.14 10.99
N LEU A 58 -4.75 7.20 10.53
CA LEU A 58 -3.68 7.85 11.27
C LEU A 58 -3.63 9.31 10.86
N GLY A 59 -4.07 9.57 9.63
CA GLY A 59 -4.07 10.90 9.07
C GLY A 59 -3.03 11.02 7.98
N ILE A 60 -2.55 9.88 7.48
CA ILE A 60 -1.55 9.86 6.43
C ILE A 60 -2.17 10.23 5.11
N LYS A 61 -1.92 11.46 4.71
CA LYS A 61 -2.45 11.99 3.48
C LYS A 61 -1.44 11.83 2.34
N GLN A 62 -0.21 12.28 2.58
CA GLN A 62 0.84 12.19 1.58
C GLN A 62 1.94 11.24 2.04
N VAL A 63 2.39 10.37 1.14
CA VAL A 63 3.44 9.41 1.49
C VAL A 63 4.63 9.52 0.54
N ALA A 64 5.73 8.93 0.96
CA ALA A 64 6.96 8.91 0.18
C ALA A 64 7.20 7.49 -0.34
N PHE A 65 6.96 7.28 -1.63
CA PHE A 65 7.14 5.96 -2.22
C PHE A 65 8.60 5.69 -2.55
N ASP A 66 9.22 4.84 -1.74
CA ASP A 66 10.62 4.47 -1.93
C ASP A 66 10.76 2.95 -1.91
N ARG A 67 9.85 2.28 -2.61
CA ARG A 67 9.83 0.81 -2.68
C ARG A 67 11.24 0.24 -2.80
N GLY A 68 12.03 0.81 -3.70
CA GLY A 68 13.39 0.35 -3.91
C GLY A 68 13.60 -0.20 -5.31
N PRO A 69 13.88 -1.50 -5.47
CA PRO A 69 14.09 -2.12 -6.78
C PRO A 69 12.79 -2.29 -7.54
N TYR A 70 11.67 -2.16 -6.85
CA TYR A 70 10.36 -2.30 -7.47
C TYR A 70 10.16 -1.29 -8.59
N LYS A 71 9.58 -1.74 -9.69
CA LYS A 71 9.30 -0.88 -10.83
C LYS A 71 7.87 -1.07 -11.30
N TYR A 72 7.30 -0.05 -11.93
CA TYR A 72 5.93 -0.13 -12.45
C TYR A 72 5.71 -1.50 -13.10
N HIS A 73 4.86 -2.33 -12.51
CA HIS A 73 4.65 -3.67 -13.04
C HIS A 73 3.16 -4.00 -13.25
N GLY A 74 2.47 -4.31 -12.16
CA GLY A 74 1.05 -4.64 -12.26
C GLY A 74 0.32 -4.37 -10.97
N ARG A 75 0.91 -4.81 -9.86
CA ARG A 75 0.32 -4.62 -8.54
C ARG A 75 0.26 -3.13 -8.21
N VAL A 76 1.44 -2.51 -8.16
CA VAL A 76 1.57 -1.09 -7.88
C VAL A 76 0.44 -0.27 -8.48
N LYS A 77 0.02 -0.63 -9.67
CA LYS A 77 -1.04 0.09 -10.34
C LYS A 77 -2.32 0.08 -9.51
N ALA A 78 -3.06 -1.02 -9.59
CA ALA A 78 -4.31 -1.17 -8.85
C ALA A 78 -4.14 -0.89 -7.36
N LEU A 79 -3.01 -1.30 -6.82
CA LEU A 79 -2.74 -1.10 -5.40
C LEU A 79 -2.55 0.37 -5.08
N ALA A 80 -1.72 1.01 -5.88
CA ALA A 80 -1.43 2.42 -5.68
C ALA A 80 -2.67 3.27 -5.83
N GLU A 81 -3.62 2.86 -6.68
CA GLU A 81 -4.85 3.62 -6.81
C GLU A 81 -5.62 3.46 -5.52
N GLY A 82 -5.70 2.23 -5.02
CA GLY A 82 -6.37 2.00 -3.76
C GLY A 82 -5.88 2.95 -2.70
N ALA A 83 -4.56 2.90 -2.50
CA ALA A 83 -3.88 3.72 -1.53
C ALA A 83 -4.01 5.20 -1.87
N ARG A 84 -4.06 5.52 -3.15
CA ARG A 84 -4.19 6.91 -3.59
C ARG A 84 -5.66 7.31 -3.69
N GLU A 85 -6.49 6.32 -4.00
CA GLU A 85 -7.92 6.52 -4.13
C GLU A 85 -8.53 6.62 -2.72
N GLY A 86 -7.95 5.85 -1.81
CA GLY A 86 -8.42 5.85 -0.44
C GLY A 86 -8.08 7.14 0.30
N GLY A 87 -6.82 7.61 0.18
CA GLY A 87 -6.44 8.84 0.84
C GLY A 87 -4.98 9.24 0.69
N LEU A 88 -4.10 8.26 0.55
CA LEU A 88 -2.66 8.53 0.44
C LEU A 88 -2.27 9.17 -0.88
N GLU A 89 -1.25 10.01 -0.81
CA GLU A 89 -0.73 10.70 -1.99
C GLU A 89 0.79 10.50 -2.09
N PHE A 90 1.20 9.46 -2.81
CA PHE A 90 2.62 9.16 -2.98
C PHE A 90 3.00 9.13 -4.46
N ARG A 1 6.89 13.10 8.06
CA ARG A 1 6.79 12.46 6.73
C ARG A 1 6.67 10.94 6.85
N LEU A 2 5.71 10.38 6.13
CA LEU A 2 5.50 8.93 6.14
C LEU A 2 5.88 8.31 4.81
N ARG A 3 6.61 7.19 4.88
CA ARG A 3 7.08 6.51 3.68
C ARG A 3 6.24 5.26 3.40
N LEU A 4 5.70 5.19 2.19
CA LEU A 4 4.90 4.05 1.76
C LEU A 4 5.79 3.00 1.13
N SER A 5 5.48 1.73 1.35
CA SER A 5 6.29 0.65 0.79
C SER A 5 5.43 -0.55 0.41
N VAL A 6 5.26 -0.77 -0.89
CA VAL A 6 4.46 -1.89 -1.36
C VAL A 6 5.32 -3.04 -1.84
N PHE A 7 5.12 -4.20 -1.21
CA PHE A 7 5.86 -5.39 -1.56
C PHE A 7 5.03 -6.36 -2.39
N ARG A 8 5.60 -6.79 -3.52
CA ARG A 8 4.94 -7.73 -4.41
C ARG A 8 5.93 -8.79 -4.86
N SER A 9 5.65 -10.05 -4.53
CA SER A 9 6.53 -11.15 -4.91
C SER A 9 6.14 -11.71 -6.28
N LEU A 10 5.08 -12.50 -6.28
CA LEU A 10 4.57 -13.09 -7.52
C LEU A 10 3.06 -12.94 -7.58
N LYS A 11 2.38 -13.53 -6.61
CA LYS A 11 0.92 -13.45 -6.54
C LYS A 11 0.49 -12.77 -5.24
N HIS A 12 1.41 -12.06 -4.60
CA HIS A 12 1.13 -11.37 -3.35
C HIS A 12 1.29 -9.86 -3.49
N ILE A 13 0.75 -9.12 -2.53
CA ILE A 13 0.81 -7.68 -2.52
C ILE A 13 0.66 -7.15 -1.10
N TYR A 14 1.62 -6.33 -0.66
CA TYR A 14 1.59 -5.80 0.71
C TYR A 14 2.03 -4.35 0.78
N ALA A 15 1.09 -3.43 1.06
CA ALA A 15 1.44 -2.02 1.20
C ALA A 15 1.68 -1.71 2.65
N GLN A 16 2.87 -1.22 2.93
CA GLN A 16 3.25 -0.87 4.28
C GLN A 16 3.46 0.63 4.39
N ILE A 17 2.65 1.27 5.20
CA ILE A 17 2.75 2.70 5.40
C ILE A 17 3.49 2.98 6.69
N ILE A 18 4.74 3.37 6.56
CA ILE A 18 5.62 3.64 7.70
C ILE A 18 5.85 5.12 7.92
N ASP A 19 6.30 5.46 9.12
CA ASP A 19 6.61 6.83 9.48
C ASP A 19 8.08 7.09 9.21
N ASP A 20 8.33 7.99 8.25
CA ASP A 20 9.69 8.35 7.82
C ASP A 20 10.22 9.56 8.59
N GLU A 21 9.67 9.80 9.77
CA GLU A 21 10.12 10.87 10.64
C GLU A 21 10.82 10.21 11.79
N LYS A 22 10.12 9.21 12.29
CA LYS A 22 10.60 8.33 13.31
C LYS A 22 10.25 6.93 12.83
N GLY A 23 11.25 6.10 12.60
CA GLY A 23 11.00 4.77 12.08
C GLY A 23 9.83 4.09 12.77
N VAL A 24 8.63 4.28 12.24
CA VAL A 24 7.44 3.70 12.86
C VAL A 24 6.44 3.13 11.85
N THR A 25 6.28 1.81 11.83
CA THR A 25 5.33 1.18 10.94
C THR A 25 3.92 1.36 11.51
N LEU A 26 3.09 2.10 10.78
CA LEU A 26 1.73 2.37 11.25
C LEU A 26 0.72 1.38 10.68
N VAL A 27 0.60 1.34 9.36
CA VAL A 27 -0.36 0.44 8.72
C VAL A 27 0.31 -0.49 7.72
N SER A 28 -0.21 -1.71 7.65
CA SER A 28 0.29 -2.72 6.74
C SER A 28 -0.84 -3.67 6.34
N ALA A 29 -1.20 -3.66 5.06
CA ALA A 29 -2.27 -4.50 4.56
C ALA A 29 -1.84 -5.31 3.35
N SER A 30 -2.61 -6.36 3.05
CA SER A 30 -2.31 -7.24 1.92
C SER A 30 -3.59 -7.84 1.35
N SER A 31 -3.64 -8.01 0.04
CA SER A 31 -4.80 -8.57 -0.63
C SER A 31 -5.16 -9.95 -0.07
N LEU A 32 -4.16 -10.82 0.05
CA LEU A 32 -4.38 -12.17 0.56
C LEU A 32 -4.68 -12.15 2.07
N ALA A 33 -4.53 -10.99 2.70
CA ALA A 33 -4.78 -10.86 4.12
C ALA A 33 -6.26 -10.68 4.43
N LEU A 34 -6.87 -9.69 3.79
CA LEU A 34 -8.28 -9.40 3.99
C LEU A 34 -9.13 -10.63 3.79
N LYS A 35 -8.86 -11.35 2.71
CA LYS A 35 -9.61 -12.56 2.39
C LYS A 35 -9.12 -13.20 1.08
N LEU A 36 -8.61 -12.37 0.18
CA LEU A 36 -8.13 -12.85 -1.12
C LEU A 36 -7.35 -14.15 -0.98
N LYS A 37 -7.62 -15.08 -1.91
CA LYS A 37 -6.94 -16.38 -1.90
C LYS A 37 -6.40 -16.72 -3.29
N GLY A 38 -7.23 -16.49 -4.30
CA GLY A 38 -6.82 -16.79 -5.67
C GLY A 38 -6.89 -15.58 -6.57
N ASN A 39 -5.96 -14.65 -6.39
CA ASN A 39 -5.91 -13.44 -7.19
C ASN A 39 -4.61 -12.68 -6.96
N LYS A 40 -4.26 -11.81 -7.90
CA LYS A 40 -3.03 -11.02 -7.78
C LYS A 40 -3.35 -9.54 -7.52
N THR A 41 -3.52 -8.77 -8.58
CA THR A 41 -3.82 -7.34 -8.46
C THR A 41 -5.33 -7.11 -8.48
N GLU A 42 -6.11 -8.18 -8.37
CA GLU A 42 -7.56 -8.08 -8.37
C GLU A 42 -8.03 -7.18 -7.23
N VAL A 43 -7.59 -7.49 -6.02
CA VAL A 43 -7.98 -6.72 -4.85
C VAL A 43 -6.94 -5.64 -4.52
N ALA A 44 -5.74 -5.77 -5.10
CA ALA A 44 -4.66 -4.81 -4.85
C ALA A 44 -5.18 -3.40 -4.57
N ARG A 45 -6.18 -2.98 -5.35
CA ARG A 45 -6.76 -1.66 -5.14
C ARG A 45 -7.48 -1.64 -3.81
N GLN A 46 -8.47 -2.51 -3.70
CA GLN A 46 -9.23 -2.64 -2.48
C GLN A 46 -8.27 -2.74 -1.30
N VAL A 47 -7.05 -3.23 -1.56
CA VAL A 47 -6.06 -3.34 -0.51
C VAL A 47 -5.47 -1.97 -0.21
N GLY A 48 -5.24 -1.18 -1.25
CA GLY A 48 -4.71 0.15 -1.05
C GLY A 48 -5.73 1.03 -0.41
N ARG A 49 -6.99 0.87 -0.79
CA ARG A 49 -8.05 1.68 -0.23
C ARG A 49 -8.17 1.37 1.24
N ALA A 50 -7.97 0.09 1.57
CA ALA A 50 -8.03 -0.34 2.96
C ALA A 50 -6.92 0.33 3.76
N LEU A 51 -5.68 0.17 3.30
CA LEU A 51 -4.54 0.78 3.98
C LEU A 51 -4.66 2.28 3.93
N ALA A 52 -5.06 2.80 2.78
CA ALA A 52 -5.25 4.24 2.61
C ALA A 52 -6.34 4.71 3.55
N GLU A 53 -7.26 3.81 3.86
CA GLU A 53 -8.34 4.13 4.76
C GLU A 53 -7.83 4.10 6.21
N LYS A 54 -6.76 3.32 6.43
CA LYS A 54 -6.14 3.23 7.75
C LYS A 54 -5.19 4.41 7.93
N ALA A 55 -4.18 4.47 7.07
CA ALA A 55 -3.20 5.55 7.10
C ALA A 55 -3.92 6.87 7.23
N LEU A 56 -4.99 7.00 6.46
CA LEU A 56 -5.82 8.19 6.49
C LEU A 56 -6.31 8.49 7.89
N ALA A 57 -6.68 7.44 8.61
CA ALA A 57 -7.17 7.57 9.98
C ALA A 57 -6.18 8.35 10.83
N LEU A 58 -4.92 8.35 10.42
CA LEU A 58 -3.87 9.09 11.11
C LEU A 58 -3.80 10.50 10.53
N GLY A 59 -4.20 10.60 9.27
CA GLY A 59 -4.17 11.86 8.56
C GLY A 59 -3.07 11.86 7.51
N ILE A 60 -2.60 10.66 7.17
CA ILE A 60 -1.56 10.51 6.18
C ILE A 60 -2.07 10.86 4.80
N LYS A 61 -1.64 12.02 4.34
CA LYS A 61 -2.04 12.54 3.06
C LYS A 61 -1.07 12.14 1.98
N GLN A 62 0.17 12.58 2.14
CA GLN A 62 1.22 12.28 1.17
C GLN A 62 2.22 11.28 1.77
N VAL A 63 2.77 10.43 0.93
CA VAL A 63 3.73 9.44 1.40
C VAL A 63 4.98 9.40 0.52
N ALA A 64 6.01 8.75 1.04
CA ALA A 64 7.28 8.60 0.32
C ALA A 64 7.43 7.16 -0.15
N PHE A 65 7.23 6.93 -1.44
CA PHE A 65 7.34 5.60 -1.99
C PHE A 65 8.79 5.21 -2.27
N ASP A 66 9.32 4.32 -1.43
CA ASP A 66 10.68 3.83 -1.57
C ASP A 66 10.69 2.32 -1.73
N ARG A 67 9.71 1.82 -2.48
CA ARG A 67 9.56 0.38 -2.72
C ARG A 67 10.92 -0.29 -2.96
N GLY A 68 11.83 0.45 -3.59
CA GLY A 68 13.15 -0.07 -3.87
C GLY A 68 13.41 -0.21 -5.35
N PRO A 69 13.87 -1.38 -5.82
CA PRO A 69 14.15 -1.62 -7.24
C PRO A 69 12.92 -2.10 -8.00
N TYR A 70 11.78 -1.45 -7.76
CA TYR A 70 10.54 -1.83 -8.42
C TYR A 70 10.27 -0.93 -9.63
N LYS A 71 9.53 -1.47 -10.59
CA LYS A 71 9.18 -0.73 -11.79
C LYS A 71 7.68 -0.86 -12.05
N TYR A 72 7.11 0.12 -12.76
CA TYR A 72 5.68 0.11 -13.05
C TYR A 72 5.28 -1.26 -13.62
N HIS A 73 4.69 -2.09 -12.75
CA HIS A 73 4.28 -3.44 -13.14
C HIS A 73 2.74 -3.59 -13.16
N GLY A 74 2.19 -4.39 -12.24
CA GLY A 74 0.75 -4.59 -12.20
C GLY A 74 0.17 -4.41 -10.80
N ARG A 75 0.92 -4.85 -9.79
CA ARG A 75 0.47 -4.73 -8.40
C ARG A 75 0.44 -3.26 -7.96
N VAL A 76 1.63 -2.68 -7.80
CA VAL A 76 1.77 -1.28 -7.39
C VAL A 76 0.69 -0.40 -8.01
N LYS A 77 0.25 -0.73 -9.20
CA LYS A 77 -0.77 0.03 -9.87
C LYS A 77 -2.08 -0.01 -9.11
N ALA A 78 -2.83 -1.09 -9.31
CA ALA A 78 -4.12 -1.30 -8.65
C ALA A 78 -4.05 -0.92 -7.19
N LEU A 79 -2.95 -1.27 -6.54
CA LEU A 79 -2.77 -0.97 -5.13
C LEU A 79 -2.56 0.52 -4.93
N ALA A 80 -1.67 1.08 -5.72
CA ALA A 80 -1.36 2.50 -5.62
C ALA A 80 -2.61 3.34 -5.77
N GLU A 81 -3.59 2.84 -6.53
CA GLU A 81 -4.84 3.55 -6.65
C GLU A 81 -5.57 3.40 -5.33
N GLY A 82 -5.62 2.17 -4.83
CA GLY A 82 -6.23 1.93 -3.53
C GLY A 82 -5.74 2.95 -2.52
N ALA A 83 -4.42 2.94 -2.37
CA ALA A 83 -3.73 3.82 -1.45
C ALA A 83 -3.94 5.29 -1.81
N ARG A 84 -3.96 5.58 -3.10
CA ARG A 84 -4.15 6.96 -3.57
C ARG A 84 -5.64 7.29 -3.66
N GLU A 85 -6.43 6.28 -4.00
CA GLU A 85 -7.86 6.42 -4.12
C GLU A 85 -8.44 6.62 -2.72
N GLY A 86 -7.85 5.90 -1.76
CA GLY A 86 -8.28 6.01 -0.38
C GLY A 86 -7.94 7.38 0.20
N GLY A 87 -6.69 7.82 0.05
CA GLY A 87 -6.31 9.13 0.56
C GLY A 87 -4.83 9.48 0.44
N LEU A 88 -3.97 8.47 0.40
CA LEU A 88 -2.52 8.69 0.33
C LEU A 88 -2.06 9.21 -1.02
N GLU A 89 -1.05 10.07 -0.98
CA GLU A 89 -0.46 10.66 -2.17
C GLU A 89 1.06 10.46 -2.17
N PHE A 90 1.52 9.42 -2.85
CA PHE A 90 2.94 9.12 -2.92
C PHE A 90 3.44 9.13 -4.37
N ARG A 1 7.31 13.22 7.61
CA ARG A 1 6.79 12.59 6.36
C ARG A 1 6.72 11.08 6.49
N LEU A 2 5.68 10.49 5.92
CA LEU A 2 5.50 9.05 5.97
C LEU A 2 5.83 8.44 4.61
N ARG A 3 6.60 7.35 4.62
CA ARG A 3 7.00 6.69 3.39
C ARG A 3 6.23 5.39 3.16
N LEU A 4 5.66 5.26 1.98
CA LEU A 4 4.91 4.07 1.62
C LEU A 4 5.84 3.05 1.00
N SER A 5 5.64 1.78 1.33
CA SER A 5 6.48 0.72 0.79
C SER A 5 5.67 -0.54 0.54
N VAL A 6 5.45 -0.82 -0.73
CA VAL A 6 4.68 -1.99 -1.11
C VAL A 6 5.57 -3.18 -1.45
N PHE A 7 5.30 -4.30 -0.81
CA PHE A 7 6.06 -5.51 -1.02
C PHE A 7 5.25 -6.57 -1.75
N ARG A 8 5.92 -7.27 -2.65
CA ARG A 8 5.29 -8.34 -3.43
C ARG A 8 6.32 -9.40 -3.77
N SER A 9 6.08 -10.62 -3.29
CA SER A 9 7.00 -11.72 -3.56
C SER A 9 6.61 -12.44 -4.85
N LEU A 10 5.31 -12.65 -5.02
CA LEU A 10 4.77 -13.33 -6.18
C LEU A 10 3.25 -13.42 -6.08
N LYS A 11 2.79 -13.97 -4.97
CA LYS A 11 1.37 -14.11 -4.72
C LYS A 11 0.96 -13.35 -3.45
N HIS A 12 1.94 -12.81 -2.73
CA HIS A 12 1.67 -12.08 -1.50
C HIS A 12 1.93 -10.59 -1.67
N ILE A 13 0.86 -9.80 -1.54
CA ILE A 13 0.96 -8.36 -1.66
C ILE A 13 0.87 -7.71 -0.28
N TYR A 14 1.77 -6.77 0.01
CA TYR A 14 1.78 -6.12 1.31
C TYR A 14 2.23 -4.67 1.24
N ALA A 15 1.31 -3.71 1.44
CA ALA A 15 1.68 -2.31 1.44
C ALA A 15 1.95 -1.88 2.86
N GLN A 16 3.14 -1.32 3.06
CA GLN A 16 3.55 -0.89 4.38
C GLN A 16 3.71 0.62 4.42
N ILE A 17 2.84 1.25 5.20
CA ILE A 17 2.87 2.69 5.35
C ILE A 17 3.63 3.04 6.62
N ILE A 18 4.87 3.48 6.45
CA ILE A 18 5.75 3.79 7.58
C ILE A 18 5.97 5.29 7.76
N ASP A 19 6.41 5.65 8.97
CA ASP A 19 6.73 7.03 9.30
C ASP A 19 8.19 7.30 8.96
N ASP A 20 8.38 8.19 7.99
CA ASP A 20 9.71 8.55 7.49
C ASP A 20 10.29 9.77 8.23
N GLU A 21 9.81 9.99 9.44
CA GLU A 21 10.30 11.09 10.28
C GLU A 21 11.06 10.40 11.39
N LYS A 22 10.40 9.40 11.92
CA LYS A 22 10.93 8.52 12.92
C LYS A 22 10.57 7.14 12.45
N GLY A 23 11.55 6.30 12.17
CA GLY A 23 11.26 4.97 11.67
C GLY A 23 10.14 4.29 12.43
N VAL A 24 8.91 4.49 11.98
CA VAL A 24 7.76 3.93 12.67
C VAL A 24 6.71 3.34 11.72
N THR A 25 6.56 2.01 11.75
CA THR A 25 5.56 1.36 10.91
C THR A 25 4.18 1.56 11.52
N LEU A 26 3.29 2.21 10.78
CA LEU A 26 1.95 2.48 11.28
C LEU A 26 0.91 1.50 10.73
N VAL A 27 0.80 1.42 9.41
CA VAL A 27 -0.18 0.53 8.80
C VAL A 27 0.46 -0.41 7.78
N SER A 28 -0.04 -1.64 7.76
CA SER A 28 0.43 -2.66 6.84
C SER A 28 -0.69 -3.63 6.51
N ALA A 29 -1.11 -3.66 5.24
CA ALA A 29 -2.19 -4.55 4.82
C ALA A 29 -1.77 -5.48 3.69
N SER A 30 -2.56 -6.53 3.48
CA SER A 30 -2.27 -7.50 2.44
C SER A 30 -3.56 -8.05 1.83
N SER A 31 -3.66 -7.98 0.50
CA SER A 31 -4.84 -8.44 -0.23
C SER A 31 -5.16 -9.91 0.06
N LEU A 32 -4.14 -10.76 0.08
CA LEU A 32 -4.34 -12.19 0.33
C LEU A 32 -4.93 -12.45 1.72
N ALA A 33 -4.96 -11.42 2.56
CA ALA A 33 -5.49 -11.55 3.91
C ALA A 33 -7.01 -11.42 3.95
N LEU A 34 -7.50 -10.31 3.40
CA LEU A 34 -8.92 -10.03 3.38
C LEU A 34 -9.70 -11.19 2.77
N LYS A 35 -9.19 -11.72 1.68
CA LYS A 35 -9.85 -12.84 1.00
C LYS A 35 -9.09 -13.25 -0.26
N LEU A 36 -8.50 -12.27 -0.94
CA LEU A 36 -7.75 -12.53 -2.17
C LEU A 36 -6.86 -13.77 -2.05
N LYS A 37 -6.57 -14.38 -3.19
CA LYS A 37 -5.72 -15.57 -3.21
C LYS A 37 -4.64 -15.44 -4.28
N GLY A 38 -4.30 -14.20 -4.63
CA GLY A 38 -3.28 -13.97 -5.63
C GLY A 38 -3.75 -14.36 -7.02
N ASN A 39 -4.76 -13.68 -7.52
CA ASN A 39 -5.30 -13.96 -8.85
C ASN A 39 -4.83 -12.91 -9.86
N LYS A 40 -4.97 -11.64 -9.48
CA LYS A 40 -4.56 -10.53 -10.34
C LYS A 40 -4.83 -9.20 -9.65
N THR A 41 -4.83 -8.12 -10.43
CA THR A 41 -5.08 -6.79 -9.88
C THR A 41 -6.58 -6.54 -9.74
N GLU A 42 -7.24 -7.40 -8.98
CA GLU A 42 -8.68 -7.27 -8.76
C GLU A 42 -8.97 -6.49 -7.48
N VAL A 43 -8.47 -7.00 -6.36
CA VAL A 43 -8.67 -6.36 -5.07
C VAL A 43 -7.52 -5.42 -4.71
N ALA A 44 -6.38 -5.56 -5.39
CA ALA A 44 -5.21 -4.72 -5.13
C ALA A 44 -5.62 -3.31 -4.74
N ARG A 45 -6.63 -2.78 -5.41
CA ARG A 45 -7.11 -1.45 -5.10
C ARG A 45 -7.75 -1.47 -3.73
N GLN A 46 -8.77 -2.29 -3.59
CA GLN A 46 -9.45 -2.44 -2.33
C GLN A 46 -8.44 -2.68 -1.22
N VAL A 47 -7.25 -3.19 -1.60
CA VAL A 47 -6.20 -3.42 -0.61
C VAL A 47 -5.54 -2.10 -0.25
N GLY A 48 -5.41 -1.23 -1.24
CA GLY A 48 -4.83 0.07 -1.00
C GLY A 48 -5.82 1.00 -0.36
N ARG A 49 -7.10 0.84 -0.73
CA ARG A 49 -8.15 1.68 -0.16
C ARG A 49 -8.26 1.37 1.33
N ALA A 50 -8.08 0.09 1.66
CA ALA A 50 -8.13 -0.34 3.05
C ALA A 50 -6.94 0.25 3.79
N LEU A 51 -5.75 0.15 3.20
CA LEU A 51 -4.55 0.71 3.79
C LEU A 51 -4.72 2.20 3.93
N ALA A 52 -5.11 2.80 2.83
CA ALA A 52 -5.35 4.23 2.78
C ALA A 52 -6.42 4.64 3.76
N GLU A 53 -7.29 3.70 4.10
CA GLU A 53 -8.34 3.94 5.05
C GLU A 53 -7.74 4.03 6.44
N LYS A 54 -6.71 3.22 6.67
CA LYS A 54 -6.00 3.18 7.93
C LYS A 54 -5.04 4.34 8.03
N ALA A 55 -4.06 4.33 7.13
CA ALA A 55 -3.06 5.40 7.07
C ALA A 55 -3.74 6.75 7.25
N LEU A 56 -4.88 6.90 6.58
CA LEU A 56 -5.66 8.11 6.66
C LEU A 56 -6.07 8.42 8.09
N ALA A 57 -6.45 7.39 8.82
CA ALA A 57 -6.88 7.53 10.21
C ALA A 57 -5.86 8.33 11.02
N LEU A 58 -4.60 8.30 10.58
CA LEU A 58 -3.55 9.05 11.23
C LEU A 58 -3.45 10.44 10.61
N GLY A 59 -3.84 10.51 9.34
CA GLY A 59 -3.81 11.75 8.61
C GLY A 59 -2.80 11.72 7.49
N ILE A 60 -2.34 10.52 7.14
CA ILE A 60 -1.37 10.36 6.08
C ILE A 60 -2.06 10.50 4.72
N LYS A 61 -1.88 11.65 4.10
CA LYS A 61 -2.48 11.93 2.82
C LYS A 61 -1.42 11.90 1.72
N GLN A 62 -0.17 12.12 2.11
CA GLN A 62 0.93 12.12 1.16
C GLN A 62 2.06 11.23 1.66
N VAL A 63 2.45 10.28 0.83
CA VAL A 63 3.52 9.35 1.20
C VAL A 63 4.67 9.38 0.21
N ALA A 64 5.78 8.81 0.64
CA ALA A 64 6.98 8.71 -0.19
C ALA A 64 7.21 7.25 -0.54
N PHE A 65 7.04 6.93 -1.81
CA PHE A 65 7.20 5.55 -2.26
C PHE A 65 8.67 5.19 -2.46
N ASP A 66 9.17 4.32 -1.59
CA ASP A 66 10.55 3.86 -1.65
C ASP A 66 10.60 2.34 -1.74
N ARG A 67 9.65 1.77 -2.48
CA ARG A 67 9.56 0.31 -2.65
C ARG A 67 10.94 -0.31 -2.89
N GLY A 68 11.79 0.41 -3.63
CA GLY A 68 13.12 -0.10 -3.91
C GLY A 68 13.35 -0.36 -5.38
N PRO A 69 13.78 -1.58 -5.75
CA PRO A 69 14.02 -1.94 -7.15
C PRO A 69 12.74 -2.19 -7.93
N TYR A 70 11.59 -2.05 -7.27
CA TYR A 70 10.31 -2.27 -7.92
C TYR A 70 10.13 -1.33 -9.11
N LYS A 71 9.48 -1.83 -10.15
CA LYS A 71 9.23 -1.04 -11.35
C LYS A 71 7.78 -1.15 -11.79
N TYR A 72 7.03 -0.05 -11.63
CA TYR A 72 5.60 0.02 -12.00
C TYR A 72 5.10 -1.31 -12.57
N HIS A 73 4.33 -2.04 -11.77
CA HIS A 73 3.79 -3.33 -12.19
C HIS A 73 2.29 -3.43 -11.94
N GLY A 74 1.70 -4.53 -12.41
CA GLY A 74 0.26 -4.75 -12.25
C GLY A 74 -0.28 -4.27 -10.93
N ARG A 75 0.11 -4.93 -9.84
CA ARG A 75 -0.34 -4.56 -8.50
C ARG A 75 -0.23 -3.05 -8.29
N VAL A 76 1.00 -2.55 -8.26
CA VAL A 76 1.29 -1.12 -8.07
C VAL A 76 0.18 -0.25 -8.61
N LYS A 77 -0.30 -0.56 -9.80
CA LYS A 77 -1.35 0.21 -10.43
C LYS A 77 -2.59 0.24 -9.53
N ALA A 78 -3.35 -0.84 -9.55
CA ALA A 78 -4.57 -0.94 -8.76
C ALA A 78 -4.30 -0.75 -7.26
N LEU A 79 -3.17 -1.27 -6.79
CA LEU A 79 -2.81 -1.18 -5.40
C LEU A 79 -2.57 0.27 -4.99
N ALA A 80 -1.80 0.96 -5.81
CA ALA A 80 -1.46 2.34 -5.53
C ALA A 80 -2.68 3.24 -5.57
N GLU A 81 -3.66 2.92 -6.41
CA GLU A 81 -4.87 3.73 -6.46
C GLU A 81 -5.59 3.56 -5.14
N GLY A 82 -5.72 2.33 -4.66
CA GLY A 82 -6.36 2.09 -3.39
C GLY A 82 -5.82 3.03 -2.33
N ALA A 83 -4.50 2.91 -2.14
CA ALA A 83 -3.77 3.69 -1.17
C ALA A 83 -3.93 5.19 -1.43
N ARG A 84 -3.85 5.60 -2.68
CA ARG A 84 -4.00 7.00 -3.02
C ARG A 84 -5.48 7.37 -3.07
N GLU A 85 -6.26 6.56 -3.77
CA GLU A 85 -7.70 6.77 -3.89
C GLU A 85 -8.28 6.91 -2.48
N GLY A 86 -7.83 6.02 -1.59
CA GLY A 86 -8.27 6.04 -0.22
C GLY A 86 -7.93 7.36 0.45
N GLY A 87 -6.67 7.80 0.32
CA GLY A 87 -6.28 9.07 0.91
C GLY A 87 -4.80 9.43 0.70
N LEU A 88 -3.94 8.43 0.56
CA LEU A 88 -2.51 8.66 0.41
C LEU A 88 -2.13 9.25 -0.94
N GLU A 89 -1.06 10.03 -0.92
CA GLU A 89 -0.55 10.67 -2.13
C GLU A 89 0.95 10.38 -2.27
N PHE A 90 1.29 9.32 -2.98
CA PHE A 90 2.68 8.92 -3.17
C PHE A 90 3.03 8.80 -4.64
N ARG A 1 7.20 13.30 7.40
CA ARG A 1 6.42 12.63 6.31
C ARG A 1 6.44 11.11 6.47
N LEU A 2 5.47 10.45 5.85
CA LEU A 2 5.38 8.99 5.91
C LEU A 2 5.77 8.38 4.58
N ARG A 3 6.59 7.34 4.62
CA ARG A 3 7.05 6.66 3.41
C ARG A 3 6.25 5.38 3.17
N LEU A 4 5.67 5.27 1.97
CA LEU A 4 4.89 4.11 1.59
C LEU A 4 5.80 3.07 0.95
N SER A 5 5.56 1.80 1.24
CA SER A 5 6.36 0.72 0.68
C SER A 5 5.55 -0.55 0.53
N VAL A 6 5.24 -0.93 -0.71
CA VAL A 6 4.47 -2.16 -0.96
C VAL A 6 5.37 -3.29 -1.43
N PHE A 7 5.36 -4.37 -0.67
CA PHE A 7 6.16 -5.53 -0.98
C PHE A 7 5.38 -6.61 -1.71
N ARG A 8 6.07 -7.28 -2.62
CA ARG A 8 5.47 -8.37 -3.38
C ARG A 8 6.52 -9.39 -3.77
N SER A 9 6.35 -10.61 -3.30
CA SER A 9 7.30 -11.68 -3.59
C SER A 9 6.86 -12.47 -4.82
N LEU A 10 5.55 -12.63 -4.95
CA LEU A 10 4.96 -13.36 -6.07
C LEU A 10 3.45 -13.37 -5.93
N LYS A 11 2.98 -13.98 -4.85
CA LYS A 11 1.56 -14.05 -4.56
C LYS A 11 1.25 -13.36 -3.22
N HIS A 12 2.26 -12.71 -2.64
CA HIS A 12 2.10 -12.03 -1.36
C HIS A 12 2.32 -10.52 -1.51
N ILE A 13 1.22 -9.78 -1.51
CA ILE A 13 1.26 -8.34 -1.63
C ILE A 13 1.13 -7.70 -0.25
N TYR A 14 1.97 -6.72 0.04
CA TYR A 14 1.93 -6.07 1.36
C TYR A 14 2.31 -4.59 1.30
N ALA A 15 1.35 -3.69 1.51
CA ALA A 15 1.65 -2.27 1.53
C ALA A 15 1.94 -1.84 2.96
N GLN A 16 3.14 -1.31 3.16
CA GLN A 16 3.55 -0.86 4.47
C GLN A 16 3.70 0.65 4.48
N ILE A 17 2.84 1.31 5.23
CA ILE A 17 2.89 2.75 5.34
C ILE A 17 3.68 3.12 6.58
N ILE A 18 4.94 3.46 6.37
CA ILE A 18 5.85 3.78 7.46
C ILE A 18 6.05 5.28 7.63
N ASP A 19 6.63 5.66 8.76
CA ASP A 19 6.92 7.05 9.05
C ASP A 19 8.38 7.32 8.75
N ASP A 20 8.62 8.12 7.72
CA ASP A 20 9.97 8.46 7.26
C ASP A 20 10.52 9.70 7.95
N GLU A 21 10.03 9.97 9.16
CA GLU A 21 10.50 11.08 9.97
C GLU A 21 11.26 10.44 11.12
N LYS A 22 10.59 9.46 11.67
CA LYS A 22 11.11 8.61 12.70
C LYS A 22 10.73 7.21 12.28
N GLY A 23 11.71 6.35 12.04
CA GLY A 23 11.40 5.00 11.59
C GLY A 23 10.26 4.38 12.35
N VAL A 24 9.04 4.58 11.85
CA VAL A 24 7.86 4.05 12.55
C VAL A 24 6.83 3.43 11.60
N THR A 25 6.65 2.11 11.68
CA THR A 25 5.66 1.43 10.86
C THR A 25 4.28 1.65 11.47
N LEU A 26 3.38 2.26 10.72
CA LEU A 26 2.05 2.56 11.22
C LEU A 26 1.01 1.59 10.68
N VAL A 27 0.88 1.53 9.36
CA VAL A 27 -0.10 0.66 8.73
C VAL A 27 0.55 -0.35 7.79
N SER A 28 -0.05 -1.54 7.73
CA SER A 28 0.44 -2.60 6.88
C SER A 28 -0.73 -3.48 6.44
N ALA A 29 -1.00 -3.48 5.14
CA ALA A 29 -2.10 -4.25 4.59
C ALA A 29 -1.61 -5.23 3.52
N SER A 30 -2.38 -6.30 3.31
CA SER A 30 -2.04 -7.30 2.32
C SER A 30 -3.29 -7.94 1.74
N SER A 31 -3.39 -7.94 0.41
CA SER A 31 -4.54 -8.54 -0.27
C SER A 31 -4.73 -9.99 0.12
N LEU A 32 -3.70 -10.80 -0.11
CA LEU A 32 -3.75 -12.23 0.21
C LEU A 32 -4.01 -12.44 1.70
N ALA A 33 -3.72 -11.42 2.50
CA ALA A 33 -3.92 -11.49 3.95
C ALA A 33 -5.38 -11.33 4.34
N LEU A 34 -5.98 -10.23 3.89
CA LEU A 34 -7.37 -9.94 4.19
C LEU A 34 -8.27 -11.12 3.86
N LYS A 35 -8.12 -11.63 2.66
CA LYS A 35 -8.93 -12.76 2.20
C LYS A 35 -8.60 -13.13 0.77
N LEU A 36 -8.27 -12.11 -0.03
CA LEU A 36 -7.95 -12.30 -1.45
C LEU A 36 -7.17 -13.60 -1.69
N LYS A 37 -7.71 -14.44 -2.57
CA LYS A 37 -7.07 -15.71 -2.90
C LYS A 37 -6.98 -15.94 -4.41
N GLY A 38 -7.60 -15.05 -5.19
CA GLY A 38 -7.56 -15.19 -6.64
C GLY A 38 -7.06 -13.93 -7.32
N ASN A 39 -7.98 -13.21 -7.97
CA ASN A 39 -7.63 -11.97 -8.66
C ASN A 39 -6.96 -10.98 -7.72
N LYS A 40 -5.64 -10.82 -7.88
CA LYS A 40 -4.88 -9.91 -7.04
C LYS A 40 -4.98 -8.47 -7.54
N THR A 41 -4.78 -8.29 -8.84
CA THR A 41 -4.85 -6.96 -9.45
C THR A 41 -6.27 -6.41 -9.39
N GLU A 42 -7.24 -7.29 -9.59
CA GLU A 42 -8.65 -6.88 -9.56
C GLU A 42 -8.97 -6.17 -8.25
N VAL A 43 -8.51 -6.73 -7.15
CA VAL A 43 -8.75 -6.14 -5.83
C VAL A 43 -7.60 -5.24 -5.40
N ALA A 44 -6.43 -5.43 -5.99
CA ALA A 44 -5.25 -4.63 -5.65
C ALA A 44 -5.62 -3.22 -5.24
N ARG A 45 -6.53 -2.61 -5.98
CA ARG A 45 -6.98 -1.27 -5.67
C ARG A 45 -7.71 -1.28 -4.35
N GLN A 46 -8.76 -2.07 -4.31
CA GLN A 46 -9.55 -2.22 -3.10
C GLN A 46 -8.62 -2.53 -1.93
N VAL A 47 -7.44 -3.08 -2.23
CA VAL A 47 -6.48 -3.38 -1.18
C VAL A 47 -5.76 -2.10 -0.77
N GLY A 48 -5.57 -1.19 -1.74
CA GLY A 48 -4.94 0.06 -1.44
C GLY A 48 -5.90 1.01 -0.76
N ARG A 49 -7.19 0.87 -1.08
CA ARG A 49 -8.21 1.73 -0.49
C ARG A 49 -8.39 1.35 0.98
N ALA A 50 -8.36 0.06 1.27
CA ALA A 50 -8.47 -0.42 2.63
C ALA A 50 -7.25 0.04 3.41
N LEU A 51 -6.10 -0.05 2.75
CA LEU A 51 -4.83 0.38 3.33
C LEU A 51 -4.91 1.86 3.57
N ALA A 52 -5.21 2.57 2.51
CA ALA A 52 -5.36 4.02 2.55
C ALA A 52 -6.39 4.39 3.59
N GLU A 53 -7.29 3.47 3.88
CA GLU A 53 -8.31 3.68 4.88
C GLU A 53 -7.65 3.67 6.25
N LYS A 54 -6.67 2.78 6.40
CA LYS A 54 -5.92 2.65 7.64
C LYS A 54 -5.01 3.84 7.83
N ALA A 55 -4.05 3.95 6.91
CA ALA A 55 -3.09 5.06 6.94
C ALA A 55 -3.83 6.36 7.20
N LEU A 56 -4.98 6.48 6.55
CA LEU A 56 -5.83 7.65 6.70
C LEU A 56 -6.26 7.83 8.15
N ALA A 57 -6.58 6.72 8.81
CA ALA A 57 -7.00 6.74 10.19
C ALA A 57 -6.02 7.50 11.07
N LEU A 58 -4.77 7.58 10.61
CA LEU A 58 -3.74 8.31 11.32
C LEU A 58 -3.74 9.76 10.84
N GLY A 59 -4.17 9.93 9.60
CA GLY A 59 -4.21 11.23 8.98
C GLY A 59 -3.17 11.35 7.89
N ILE A 60 -2.60 10.22 7.49
CA ILE A 60 -1.59 10.20 6.46
C ILE A 60 -2.20 10.62 5.13
N LYS A 61 -1.80 11.81 4.69
CA LYS A 61 -2.29 12.36 3.48
C LYS A 61 -1.38 12.05 2.31
N GLN A 62 -0.12 12.42 2.44
CA GLN A 62 0.88 12.19 1.41
C GLN A 62 1.91 11.18 1.89
N VAL A 63 2.48 10.42 0.96
CA VAL A 63 3.48 9.43 1.33
C VAL A 63 4.69 9.47 0.40
N ALA A 64 5.77 8.88 0.89
CA ALA A 64 7.01 8.77 0.13
C ALA A 64 7.11 7.32 -0.34
N PHE A 65 6.53 7.05 -1.49
CA PHE A 65 6.50 5.70 -2.01
C PHE A 65 7.80 5.29 -2.70
N ASP A 66 8.53 4.41 -2.03
CA ASP A 66 9.79 3.90 -2.55
C ASP A 66 10.06 2.50 -2.03
N ARG A 67 9.76 1.47 -2.81
CA ARG A 67 10.00 0.11 -2.36
C ARG A 67 11.40 -0.36 -2.76
N GLY A 68 12.23 0.56 -3.22
CA GLY A 68 13.58 0.21 -3.63
C GLY A 68 13.64 -0.23 -5.08
N PRO A 69 13.97 -1.50 -5.35
CA PRO A 69 14.05 -2.02 -6.71
C PRO A 69 12.68 -2.39 -7.27
N TYR A 70 11.71 -1.51 -7.07
CA TYR A 70 10.35 -1.74 -7.56
C TYR A 70 9.99 -0.77 -8.67
N LYS A 71 9.42 -1.31 -9.75
CA LYS A 71 9.02 -0.50 -10.88
C LYS A 71 7.60 -0.85 -11.30
N TYR A 72 6.92 0.11 -11.95
CA TYR A 72 5.54 -0.09 -12.41
C TYR A 72 5.29 -1.55 -12.81
N HIS A 73 4.77 -2.33 -11.88
CA HIS A 73 4.51 -3.75 -12.12
C HIS A 73 3.03 -4.02 -12.35
N GLY A 74 2.66 -5.30 -12.30
CA GLY A 74 1.29 -5.70 -12.51
C GLY A 74 0.40 -5.42 -11.30
N ARG A 75 1.01 -5.21 -10.15
CA ARG A 75 0.25 -4.94 -8.91
C ARG A 75 0.17 -3.43 -8.60
N VAL A 76 1.33 -2.83 -8.32
CA VAL A 76 1.45 -1.41 -7.95
C VAL A 76 0.37 -0.50 -8.51
N LYS A 77 0.39 -0.25 -9.83
CA LYS A 77 -0.60 0.66 -10.43
C LYS A 77 -1.95 0.66 -9.67
N ALA A 78 -2.56 -0.53 -9.61
CA ALA A 78 -3.88 -0.74 -8.99
C ALA A 78 -3.87 -0.60 -7.49
N LEU A 79 -2.90 -1.23 -6.83
CA LEU A 79 -2.80 -1.14 -5.38
C LEU A 79 -2.58 0.30 -4.98
N ALA A 80 -1.64 0.92 -5.67
CA ALA A 80 -1.28 2.29 -5.43
C ALA A 80 -2.47 3.23 -5.58
N GLU A 81 -3.35 3.00 -6.57
CA GLU A 81 -4.53 3.86 -6.69
C GLU A 81 -5.36 3.68 -5.44
N GLY A 82 -5.44 2.45 -4.95
CA GLY A 82 -6.17 2.18 -3.72
C GLY A 82 -5.71 3.12 -2.65
N ALA A 83 -4.41 3.03 -2.36
CA ALA A 83 -3.79 3.84 -1.34
C ALA A 83 -3.91 5.31 -1.69
N ARG A 84 -3.94 5.63 -2.98
CA ARG A 84 -4.08 7.01 -3.43
C ARG A 84 -5.55 7.40 -3.57
N GLU A 85 -6.40 6.40 -3.79
CA GLU A 85 -7.82 6.63 -3.94
C GLU A 85 -8.44 6.72 -2.55
N GLY A 86 -7.94 5.87 -1.65
CA GLY A 86 -8.42 5.85 -0.29
C GLY A 86 -8.13 7.15 0.43
N GLY A 87 -6.89 7.65 0.30
CA GLY A 87 -6.54 8.92 0.96
C GLY A 87 -5.09 9.33 0.80
N LEU A 88 -4.18 8.36 0.69
CA LEU A 88 -2.76 8.65 0.57
C LEU A 88 -2.38 9.23 -0.78
N GLU A 89 -1.38 10.10 -0.76
CA GLU A 89 -0.86 10.72 -1.95
C GLU A 89 0.65 10.56 -2.03
N PHE A 90 1.09 9.59 -2.81
CA PHE A 90 2.51 9.31 -2.95
C PHE A 90 2.91 9.19 -4.41
N ARG A 1 4.72 12.96 4.63
CA ARG A 1 6.12 12.53 4.92
C ARG A 1 6.26 11.02 4.91
N LEU A 2 5.48 10.37 5.77
CA LEU A 2 5.49 8.91 5.90
C LEU A 2 5.84 8.24 4.57
N ARG A 3 6.74 7.27 4.64
CA ARG A 3 7.18 6.56 3.43
C ARG A 3 6.37 5.28 3.19
N LEU A 4 5.78 5.19 2.00
CA LEU A 4 4.99 4.02 1.61
C LEU A 4 5.88 2.97 0.95
N SER A 5 5.56 1.70 1.16
CA SER A 5 6.35 0.60 0.59
C SER A 5 5.48 -0.64 0.32
N VAL A 6 5.39 -1.06 -0.94
CA VAL A 6 4.59 -2.23 -1.29
C VAL A 6 5.46 -3.46 -1.51
N PHE A 7 4.99 -4.61 -1.03
CA PHE A 7 5.72 -5.84 -1.19
C PHE A 7 4.92 -6.95 -1.84
N ARG A 8 5.33 -7.29 -3.05
CA ARG A 8 4.72 -8.37 -3.80
C ARG A 8 5.78 -9.42 -4.12
N SER A 9 5.58 -10.64 -3.63
CA SER A 9 6.54 -11.71 -3.87
C SER A 9 6.21 -12.46 -5.15
N LEU A 10 5.23 -13.35 -5.06
CA LEU A 10 4.79 -14.13 -6.21
C LEU A 10 3.28 -14.08 -6.32
N LYS A 11 2.60 -14.57 -5.29
CA LYS A 11 1.15 -14.58 -5.24
C LYS A 11 0.67 -13.76 -4.04
N HIS A 12 1.54 -12.90 -3.52
CA HIS A 12 1.21 -12.07 -2.36
C HIS A 12 1.26 -10.59 -2.71
N ILE A 13 0.63 -9.78 -1.88
CA ILE A 13 0.58 -8.34 -2.07
C ILE A 13 0.46 -7.63 -0.72
N TYR A 14 1.34 -6.67 -0.46
CA TYR A 14 1.32 -5.96 0.80
C TYR A 14 1.73 -4.49 0.64
N ALA A 15 1.20 -3.65 1.50
CA ALA A 15 1.54 -2.22 1.50
C ALA A 15 1.85 -1.80 2.93
N GLN A 16 3.05 -1.30 3.14
CA GLN A 16 3.46 -0.86 4.45
C GLN A 16 3.67 0.64 4.46
N ILE A 17 2.83 1.34 5.20
CA ILE A 17 2.93 2.77 5.30
C ILE A 17 3.69 3.12 6.57
N ILE A 18 4.99 3.35 6.39
CA ILE A 18 5.89 3.63 7.51
C ILE A 18 6.15 5.12 7.70
N ASP A 19 6.68 5.45 8.87
CA ASP A 19 7.03 6.82 9.19
C ASP A 19 8.52 7.01 8.94
N ASP A 20 8.82 7.78 7.88
CA ASP A 20 10.20 8.06 7.47
C ASP A 20 10.79 9.28 8.17
N GLU A 21 10.26 9.57 9.35
CA GLU A 21 10.77 10.68 10.17
C GLU A 21 11.43 10.02 11.35
N LYS A 22 10.69 9.07 11.89
CA LYS A 22 11.14 8.21 12.95
C LYS A 22 10.74 6.82 12.51
N GLY A 23 11.70 5.94 12.33
CA GLY A 23 11.39 4.60 11.85
C GLY A 23 10.20 4.00 12.57
N VAL A 24 9.01 4.23 12.02
CA VAL A 24 7.79 3.73 12.66
C VAL A 24 6.77 3.17 11.65
N THR A 25 6.54 1.87 11.70
CA THR A 25 5.55 1.26 10.82
C THR A 25 4.16 1.52 11.39
N LEU A 26 3.32 2.22 10.63
CA LEU A 26 1.99 2.56 11.09
C LEU A 26 0.92 1.63 10.55
N VAL A 27 0.79 1.57 9.23
CA VAL A 27 -0.21 0.71 8.63
C VAL A 27 0.40 -0.32 7.68
N SER A 28 -0.23 -1.48 7.63
CA SER A 28 0.22 -2.57 6.77
C SER A 28 -0.98 -3.43 6.36
N ALA A 29 -1.28 -3.42 5.06
CA ALA A 29 -2.41 -4.18 4.54
C ALA A 29 -1.98 -5.15 3.43
N SER A 30 -2.79 -6.16 3.21
CA SER A 30 -2.52 -7.16 2.18
C SER A 30 -3.82 -7.74 1.62
N SER A 31 -3.91 -7.84 0.30
CA SER A 31 -5.11 -8.37 -0.34
C SER A 31 -5.45 -9.76 0.21
N LEU A 32 -4.44 -10.61 0.33
CA LEU A 32 -4.64 -11.96 0.85
C LEU A 32 -4.86 -11.96 2.36
N ALA A 33 -4.68 -10.78 2.98
CA ALA A 33 -4.86 -10.64 4.42
C ALA A 33 -6.33 -10.78 4.81
N LEU A 34 -7.17 -9.97 4.18
CA LEU A 34 -8.60 -9.98 4.45
C LEU A 34 -9.16 -11.38 4.35
N LYS A 35 -8.82 -12.04 3.25
CA LYS A 35 -9.28 -13.41 3.01
C LYS A 35 -8.77 -13.91 1.67
N LEU A 36 -8.63 -12.99 0.71
CA LEU A 36 -8.16 -13.34 -0.63
C LEU A 36 -6.88 -14.17 -0.57
N LYS A 37 -6.41 -14.59 -1.74
CA LYS A 37 -5.20 -15.39 -1.83
C LYS A 37 -4.18 -14.74 -2.75
N GLY A 38 -4.65 -14.23 -3.88
CA GLY A 38 -3.77 -13.58 -4.83
C GLY A 38 -3.90 -14.14 -6.23
N ASN A 39 -4.64 -13.43 -7.07
CA ASN A 39 -4.86 -13.87 -8.45
C ASN A 39 -4.27 -12.87 -9.43
N LYS A 40 -4.47 -11.58 -9.15
CA LYS A 40 -3.96 -10.52 -10.02
C LYS A 40 -4.23 -9.15 -9.41
N THR A 41 -4.13 -8.10 -10.23
CA THR A 41 -4.36 -6.75 -9.77
C THR A 41 -5.85 -6.39 -9.86
N GLU A 42 -6.69 -7.25 -9.28
CA GLU A 42 -8.13 -7.03 -9.29
C GLU A 42 -8.57 -6.31 -8.01
N VAL A 43 -8.13 -6.83 -6.87
CA VAL A 43 -8.48 -6.24 -5.59
C VAL A 43 -7.42 -5.24 -5.12
N ALA A 44 -6.22 -5.34 -5.68
CA ALA A 44 -5.11 -4.46 -5.31
C ALA A 44 -5.60 -3.06 -4.98
N ARG A 45 -6.58 -2.57 -5.73
CA ARG A 45 -7.13 -1.26 -5.48
C ARG A 45 -7.88 -1.29 -4.18
N GLN A 46 -8.90 -2.14 -4.14
CA GLN A 46 -9.69 -2.31 -2.95
C GLN A 46 -8.78 -2.53 -1.75
N VAL A 47 -7.56 -3.02 -2.02
CA VAL A 47 -6.59 -3.23 -0.95
C VAL A 47 -5.92 -1.92 -0.61
N GLY A 48 -5.75 -1.06 -1.62
CA GLY A 48 -5.15 0.22 -1.40
C GLY A 48 -6.11 1.18 -0.76
N ARG A 49 -7.40 1.03 -1.07
CA ARG A 49 -8.41 1.90 -0.50
C ARG A 49 -8.59 1.56 0.97
N ALA A 50 -8.62 0.26 1.27
CA ALA A 50 -8.73 -0.19 2.65
C ALA A 50 -7.48 0.23 3.41
N LEU A 51 -6.34 0.14 2.72
CA LEU A 51 -5.06 0.53 3.30
C LEU A 51 -5.09 2.03 3.54
N ALA A 52 -5.39 2.74 2.48
CA ALA A 52 -5.50 4.19 2.52
C ALA A 52 -6.52 4.60 3.56
N GLU A 53 -7.45 3.70 3.86
CA GLU A 53 -8.44 3.95 4.87
C GLU A 53 -7.78 3.89 6.23
N LYS A 54 -6.84 2.97 6.35
CA LYS A 54 -6.07 2.77 7.57
C LYS A 54 -5.12 3.93 7.77
N ALA A 55 -4.15 4.01 6.87
CA ALA A 55 -3.15 5.08 6.90
C ALA A 55 -3.83 6.41 7.18
N LEU A 56 -4.96 6.59 6.53
CA LEU A 56 -5.76 7.79 6.70
C LEU A 56 -6.18 7.97 8.15
N ALA A 57 -6.55 6.87 8.78
CA ALA A 57 -6.98 6.87 10.17
C ALA A 57 -5.95 7.56 11.06
N LEU A 58 -4.70 7.58 10.60
CA LEU A 58 -3.63 8.24 11.33
C LEU A 58 -3.56 9.69 10.89
N GLY A 59 -3.98 9.92 9.65
CA GLY A 59 -3.96 11.24 9.07
C GLY A 59 -2.90 11.35 7.99
N ILE A 60 -2.40 10.20 7.56
CA ILE A 60 -1.38 10.16 6.52
C ILE A 60 -1.98 10.55 5.19
N LYS A 61 -1.64 11.75 4.76
CA LYS A 61 -2.14 12.30 3.53
C LYS A 61 -1.20 12.02 2.37
N GLN A 62 0.06 12.40 2.53
CA GLN A 62 1.07 12.20 1.50
C GLN A 62 2.09 11.17 1.97
N VAL A 63 2.57 10.36 1.05
CA VAL A 63 3.55 9.34 1.39
C VAL A 63 4.75 9.35 0.45
N ALA A 64 5.83 8.77 0.93
CA ALA A 64 7.06 8.64 0.16
C ALA A 64 7.15 7.21 -0.33
N PHE A 65 6.51 6.94 -1.45
CA PHE A 65 6.47 5.59 -1.98
C PHE A 65 7.74 5.20 -2.70
N ASP A 66 8.53 4.36 -2.05
CA ASP A 66 9.78 3.87 -2.59
C ASP A 66 10.09 2.49 -2.05
N ARG A 67 9.77 1.45 -2.81
CA ARG A 67 10.05 0.11 -2.33
C ARG A 67 11.49 -0.30 -2.62
N GLY A 68 12.22 0.54 -3.36
CA GLY A 68 13.60 0.24 -3.68
C GLY A 68 13.83 0.08 -5.18
N PRO A 69 14.10 -1.15 -5.66
CA PRO A 69 14.34 -1.41 -7.07
C PRO A 69 13.06 -1.83 -7.79
N TYR A 70 11.94 -1.26 -7.38
CA TYR A 70 10.65 -1.57 -7.97
C TYR A 70 10.46 -0.90 -9.32
N LYS A 71 9.90 -1.65 -10.26
CA LYS A 71 9.65 -1.14 -11.59
C LYS A 71 8.16 -1.23 -11.91
N TYR A 72 7.46 -0.11 -11.76
CA TYR A 72 6.00 -0.04 -12.01
C TYR A 72 5.42 -1.39 -12.42
N HIS A 73 4.79 -2.07 -11.48
CA HIS A 73 4.20 -3.38 -11.74
C HIS A 73 2.69 -3.35 -11.55
N GLY A 74 2.00 -4.37 -12.08
CA GLY A 74 0.56 -4.46 -11.98
C GLY A 74 0.02 -4.03 -10.62
N ARG A 75 0.43 -4.72 -9.57
CA ARG A 75 -0.02 -4.40 -8.22
C ARG A 75 0.08 -2.89 -7.95
N VAL A 76 1.32 -2.41 -7.84
CA VAL A 76 1.59 -1.00 -7.59
C VAL A 76 0.56 -0.09 -8.25
N LYS A 77 0.14 -0.46 -9.45
CA LYS A 77 -0.84 0.32 -10.17
C LYS A 77 -2.16 0.36 -9.40
N ALA A 78 -2.94 -0.71 -9.52
CA ALA A 78 -4.21 -0.81 -8.84
C ALA A 78 -4.08 -0.59 -7.33
N LEU A 79 -2.96 -1.05 -6.77
CA LEU A 79 -2.71 -0.91 -5.36
C LEU A 79 -2.48 0.53 -4.98
N ALA A 80 -1.60 1.17 -5.70
CA ALA A 80 -1.25 2.56 -5.42
C ALA A 80 -2.46 3.48 -5.61
N GLU A 81 -3.38 3.12 -6.51
CA GLU A 81 -4.58 3.95 -6.67
C GLU A 81 -5.41 3.80 -5.42
N GLY A 82 -5.58 2.57 -4.95
CA GLY A 82 -6.31 2.33 -3.72
C GLY A 82 -5.85 3.26 -2.64
N ALA A 83 -4.54 3.15 -2.38
CA ALA A 83 -3.88 3.95 -1.37
C ALA A 83 -3.97 5.43 -1.71
N ARG A 84 -3.94 5.75 -2.99
CA ARG A 84 -4.02 7.14 -3.43
C ARG A 84 -5.48 7.57 -3.61
N GLU A 85 -6.36 6.59 -3.83
CA GLU A 85 -7.77 6.85 -4.00
C GLU A 85 -8.43 6.94 -2.63
N GLY A 86 -7.92 6.13 -1.71
CA GLY A 86 -8.44 6.11 -0.35
C GLY A 86 -8.12 7.39 0.40
N GLY A 87 -6.86 7.86 0.28
CA GLY A 87 -6.47 9.10 0.95
C GLY A 87 -5.00 9.47 0.80
N LEU A 88 -4.13 8.48 0.68
CA LEU A 88 -2.69 8.72 0.57
C LEU A 88 -2.29 9.31 -0.77
N GLU A 89 -1.26 10.15 -0.72
CA GLU A 89 -0.73 10.79 -1.92
C GLU A 89 0.77 10.58 -2.01
N PHE A 90 1.18 9.58 -2.77
CA PHE A 90 2.60 9.26 -2.93
C PHE A 90 2.98 9.13 -4.40
N ARG A 1 5.17 13.26 5.10
CA ARG A 1 6.49 12.68 5.47
C ARG A 1 6.46 11.16 5.43
N LEU A 2 5.39 10.59 5.96
CA LEU A 2 5.23 9.14 6.02
C LEU A 2 5.64 8.50 4.69
N ARG A 3 6.57 7.56 4.76
CA ARG A 3 7.07 6.89 3.57
C ARG A 3 6.32 5.58 3.30
N LEU A 4 5.73 5.48 2.11
CA LEU A 4 5.00 4.29 1.70
C LEU A 4 5.95 3.30 1.03
N SER A 5 5.76 2.01 1.26
CA SER A 5 6.62 1.00 0.67
C SER A 5 5.85 -0.27 0.35
N VAL A 6 5.62 -0.51 -0.93
CA VAL A 6 4.87 -1.69 -1.36
C VAL A 6 5.80 -2.84 -1.75
N PHE A 7 5.66 -3.94 -1.03
CA PHE A 7 6.47 -5.13 -1.28
C PHE A 7 5.66 -6.22 -1.96
N ARG A 8 6.29 -6.91 -2.90
CA ARG A 8 5.66 -8.00 -3.63
C ARG A 8 6.71 -9.02 -4.05
N SER A 9 6.49 -10.27 -3.70
CA SER A 9 7.44 -11.33 -4.03
C SER A 9 7.11 -11.94 -5.39
N LEU A 10 6.21 -12.93 -5.40
CA LEU A 10 5.81 -13.59 -6.62
C LEU A 10 4.29 -13.63 -6.72
N LYS A 11 3.67 -14.24 -5.72
CA LYS A 11 2.21 -14.35 -5.66
C LYS A 11 1.68 -13.64 -4.41
N HIS A 12 2.50 -12.75 -3.84
CA HIS A 12 2.13 -12.01 -2.66
C HIS A 12 2.12 -10.51 -2.93
N ILE A 13 1.36 -9.78 -2.12
CA ILE A 13 1.27 -8.33 -2.26
C ILE A 13 1.19 -7.67 -0.88
N TYR A 14 1.98 -6.62 -0.68
CA TYR A 14 2.00 -5.93 0.60
C TYR A 14 2.33 -4.46 0.45
N ALA A 15 1.80 -3.65 1.36
CA ALA A 15 2.06 -2.22 1.39
C ALA A 15 2.38 -1.81 2.82
N GLN A 16 3.48 -1.12 2.99
CA GLN A 16 3.91 -0.69 4.31
C GLN A 16 3.95 0.82 4.39
N ILE A 17 3.07 1.37 5.20
CA ILE A 17 3.00 2.80 5.38
C ILE A 17 3.72 3.16 6.66
N ILE A 18 4.96 3.62 6.51
CA ILE A 18 5.81 3.95 7.63
C ILE A 18 5.95 5.46 7.84
N ASP A 19 6.36 5.83 9.04
CA ASP A 19 6.58 7.23 9.39
C ASP A 19 8.04 7.56 9.11
N ASP A 20 8.25 8.44 8.13
CA ASP A 20 9.59 8.84 7.71
C ASP A 20 10.12 10.05 8.49
N GLU A 21 9.57 10.27 9.68
CA GLU A 21 10.02 11.34 10.55
C GLU A 21 10.79 10.65 11.66
N LYS A 22 10.12 9.64 12.18
CA LYS A 22 10.68 8.75 13.16
C LYS A 22 10.36 7.37 12.64
N GLY A 23 11.39 6.58 12.35
CA GLY A 23 11.16 5.26 11.80
C GLY A 23 10.06 4.52 12.53
N VAL A 24 8.82 4.68 12.04
CA VAL A 24 7.69 4.03 12.70
C VAL A 24 6.71 3.39 11.72
N THR A 25 6.63 2.06 11.74
CA THR A 25 5.71 1.33 10.88
C THR A 25 4.31 1.44 11.48
N LEU A 26 3.38 2.05 10.75
CA LEU A 26 2.03 2.23 11.25
C LEU A 26 1.05 1.25 10.62
N VAL A 27 1.04 1.16 9.29
CA VAL A 27 0.12 0.27 8.62
C VAL A 27 0.82 -0.68 7.65
N SER A 28 0.32 -1.91 7.61
CA SER A 28 0.85 -2.94 6.73
C SER A 28 -0.27 -3.90 6.33
N ALA A 29 -0.60 -3.92 5.04
CA ALA A 29 -1.68 -4.77 4.55
C ALA A 29 -1.23 -5.68 3.41
N SER A 30 -2.02 -6.73 3.17
CA SER A 30 -1.74 -7.68 2.10
C SER A 30 -3.03 -8.28 1.57
N SER A 31 -3.22 -8.21 0.25
CA SER A 31 -4.42 -8.75 -0.38
C SER A 31 -4.60 -10.23 -0.05
N LEU A 32 -3.49 -10.92 0.21
CA LEU A 32 -3.54 -12.34 0.54
C LEU A 32 -4.05 -12.56 1.96
N ALA A 33 -3.63 -11.70 2.89
CA ALA A 33 -4.07 -11.81 4.27
C ALA A 33 -5.58 -11.68 4.35
N LEU A 34 -6.14 -10.93 3.43
CA LEU A 34 -7.58 -10.71 3.35
C LEU A 34 -8.24 -11.73 2.43
N LYS A 35 -7.47 -12.76 2.05
CA LYS A 35 -7.94 -13.82 1.14
C LYS A 35 -9.37 -13.58 0.64
N LEU A 36 -9.53 -12.49 -0.10
CA LEU A 36 -10.82 -12.12 -0.66
C LEU A 36 -11.13 -12.94 -1.90
N LYS A 37 -12.32 -12.75 -2.46
CA LYS A 37 -12.74 -13.46 -3.65
C LYS A 37 -12.16 -12.82 -4.91
N GLY A 38 -10.82 -12.80 -4.99
CA GLY A 38 -10.17 -12.20 -6.14
C GLY A 38 -9.04 -13.07 -6.67
N ASN A 39 -8.13 -12.46 -7.43
CA ASN A 39 -7.01 -13.19 -8.01
C ASN A 39 -5.69 -12.65 -7.47
N LYS A 40 -5.33 -11.43 -7.86
CA LYS A 40 -4.09 -10.81 -7.42
C LYS A 40 -4.18 -9.29 -7.54
N THR A 41 -4.01 -8.79 -8.77
CA THR A 41 -4.06 -7.36 -9.03
C THR A 41 -5.49 -6.85 -8.95
N GLU A 42 -6.46 -7.74 -9.15
CA GLU A 42 -7.86 -7.37 -9.11
C GLU A 42 -8.22 -6.72 -7.77
N VAL A 43 -7.64 -7.25 -6.69
CA VAL A 43 -7.90 -6.73 -5.35
C VAL A 43 -6.87 -5.70 -4.94
N ALA A 44 -5.67 -5.78 -5.54
CA ALA A 44 -4.59 -4.85 -5.22
C ALA A 44 -5.12 -3.48 -4.83
N ARG A 45 -6.13 -3.01 -5.56
CA ARG A 45 -6.72 -1.71 -5.25
C ARG A 45 -7.41 -1.78 -3.92
N GLN A 46 -8.39 -2.67 -3.84
CA GLN A 46 -9.12 -2.87 -2.61
C GLN A 46 -8.13 -3.04 -1.45
N VAL A 47 -6.93 -3.52 -1.78
CA VAL A 47 -5.91 -3.69 -0.76
C VAL A 47 -5.34 -2.33 -0.37
N GLY A 48 -5.23 -1.44 -1.37
CA GLY A 48 -4.74 -0.11 -1.12
C GLY A 48 -5.78 0.73 -0.44
N ARG A 49 -7.04 0.55 -0.82
CA ARG A 49 -8.13 1.31 -0.22
C ARG A 49 -8.18 0.98 1.25
N ALA A 50 -7.90 -0.27 1.58
CA ALA A 50 -7.89 -0.71 2.97
C ALA A 50 -6.74 -0.04 3.71
N LEU A 51 -5.56 -0.03 3.09
CA LEU A 51 -4.38 0.59 3.68
C LEU A 51 -4.63 2.07 3.81
N ALA A 52 -4.99 2.67 2.69
CA ALA A 52 -5.29 4.08 2.65
C ALA A 52 -6.40 4.40 3.62
N GLU A 53 -7.23 3.41 3.90
CA GLU A 53 -8.30 3.57 4.84
C GLU A 53 -7.74 3.54 6.25
N LYS A 54 -6.60 2.85 6.43
CA LYS A 54 -5.92 2.78 7.73
C LYS A 54 -5.06 4.02 7.91
N ALA A 55 -4.07 4.17 7.03
CA ALA A 55 -3.16 5.31 7.08
C ALA A 55 -3.95 6.60 7.27
N LEU A 56 -5.05 6.69 6.56
CA LEU A 56 -5.93 7.84 6.66
C LEU A 56 -6.37 8.08 8.09
N ALA A 57 -6.66 6.99 8.78
CA ALA A 57 -7.11 7.06 10.18
C ALA A 57 -6.12 7.87 11.02
N LEU A 58 -4.87 7.93 10.57
CA LEU A 58 -3.85 8.71 11.25
C LEU A 58 -3.85 10.12 10.69
N GLY A 59 -4.26 10.23 9.43
CA GLY A 59 -4.30 11.50 8.76
C GLY A 59 -3.25 11.58 7.68
N ILE A 60 -2.69 10.43 7.31
CA ILE A 60 -1.67 10.37 6.28
C ILE A 60 -2.25 10.75 4.94
N LYS A 61 -1.90 11.96 4.51
CA LYS A 61 -2.37 12.49 3.26
C LYS A 61 -1.43 12.16 2.12
N GLN A 62 -0.17 12.55 2.28
CA GLN A 62 0.85 12.30 1.28
C GLN A 62 1.89 11.34 1.82
N VAL A 63 2.42 10.48 0.96
CA VAL A 63 3.42 9.51 1.38
C VAL A 63 4.65 9.56 0.48
N ALA A 64 5.75 9.00 0.99
CA ALA A 64 6.99 8.95 0.26
C ALA A 64 7.24 7.54 -0.26
N PHE A 65 7.01 7.33 -1.55
CA PHE A 65 7.18 6.02 -2.15
C PHE A 65 8.65 5.76 -2.49
N ASP A 66 9.25 4.86 -1.71
CA ASP A 66 10.65 4.49 -1.92
C ASP A 66 10.79 2.98 -1.98
N ARG A 67 9.89 2.34 -2.74
CA ARG A 67 9.88 0.90 -2.90
C ARG A 67 11.29 0.34 -3.06
N GLY A 68 12.16 1.10 -3.70
CA GLY A 68 13.53 0.67 -3.90
C GLY A 68 13.79 0.19 -5.32
N PRO A 69 14.15 -1.10 -5.51
CA PRO A 69 14.43 -1.65 -6.82
C PRO A 69 13.17 -2.22 -7.49
N TYR A 70 12.01 -1.79 -7.03
CA TYR A 70 10.74 -2.26 -7.59
C TYR A 70 10.40 -1.52 -8.88
N LYS A 71 9.90 -2.27 -9.86
CA LYS A 71 9.52 -1.69 -11.13
C LYS A 71 7.99 -1.66 -11.27
N TYR A 72 7.49 -0.69 -12.02
CA TYR A 72 6.05 -0.55 -12.23
C TYR A 72 5.43 -1.90 -12.59
N HIS A 73 4.70 -2.49 -11.64
CA HIS A 73 4.07 -3.79 -11.86
C HIS A 73 2.56 -3.70 -11.62
N GLY A 74 1.84 -4.73 -12.09
CA GLY A 74 0.39 -4.77 -11.93
C GLY A 74 -0.06 -4.38 -10.54
N ARG A 75 0.64 -4.88 -9.53
CA ARG A 75 0.28 -4.58 -8.14
C ARG A 75 0.31 -3.08 -7.90
N VAL A 76 1.51 -2.49 -7.90
CA VAL A 76 1.69 -1.05 -7.69
C VAL A 76 0.58 -0.25 -8.34
N LYS A 77 0.19 -0.64 -9.54
CA LYS A 77 -0.86 0.08 -10.24
C LYS A 77 -2.15 0.09 -9.45
N ALA A 78 -2.87 -1.03 -9.49
CA ALA A 78 -4.13 -1.16 -8.77
C ALA A 78 -3.96 -0.91 -7.28
N LEU A 79 -2.83 -1.32 -6.73
CA LEU A 79 -2.55 -1.14 -5.32
C LEU A 79 -2.39 0.32 -4.97
N ALA A 80 -1.56 0.99 -5.75
CA ALA A 80 -1.29 2.39 -5.52
C ALA A 80 -2.56 3.23 -5.64
N GLU A 81 -3.50 2.79 -6.47
CA GLU A 81 -4.76 3.53 -6.57
C GLU A 81 -5.52 3.34 -5.27
N GLY A 82 -5.54 2.10 -4.77
CA GLY A 82 -6.20 1.84 -3.50
C GLY A 82 -5.74 2.82 -2.46
N ALA A 83 -4.43 2.84 -2.27
CA ALA A 83 -3.78 3.70 -1.31
C ALA A 83 -3.95 5.16 -1.69
N ARG A 84 -4.03 5.44 -3.00
CA ARG A 84 -4.22 6.81 -3.47
C ARG A 84 -5.70 7.15 -3.61
N GLU A 85 -6.51 6.12 -3.79
CA GLU A 85 -7.95 6.27 -3.92
C GLU A 85 -8.54 6.41 -2.52
N GLY A 86 -7.96 5.64 -1.59
CA GLY A 86 -8.41 5.68 -0.21
C GLY A 86 -8.10 7.03 0.43
N GLY A 87 -6.86 7.52 0.28
CA GLY A 87 -6.52 8.82 0.86
C GLY A 87 -5.07 9.24 0.69
N LEU A 88 -4.16 8.28 0.61
CA LEU A 88 -2.73 8.58 0.49
C LEU A 88 -2.33 9.13 -0.87
N GLU A 89 -1.35 10.02 -0.86
CA GLU A 89 -0.82 10.62 -2.08
C GLU A 89 0.69 10.47 -2.15
N PHE A 90 1.15 9.44 -2.85
CA PHE A 90 2.58 9.18 -2.98
C PHE A 90 3.01 9.15 -4.45
N ARG A 1 7.22 13.44 7.75
CA ARG A 1 6.41 12.85 6.66
C ARG A 1 6.33 11.34 6.78
N LEU A 2 5.52 10.73 5.93
CA LEU A 2 5.36 9.28 5.93
C LEU A 2 5.73 8.69 4.58
N ARG A 3 6.55 7.64 4.61
CA ARG A 3 6.99 6.97 3.39
C ARG A 3 6.22 5.68 3.15
N LEU A 4 5.65 5.56 1.95
CA LEU A 4 4.90 4.39 1.57
C LEU A 4 5.80 3.34 0.94
N SER A 5 5.47 2.07 1.15
CA SER A 5 6.25 0.97 0.58
C SER A 5 5.32 -0.13 0.09
N VAL A 6 5.83 -0.96 -0.82
CA VAL A 6 5.05 -2.06 -1.36
C VAL A 6 5.94 -3.25 -1.65
N PHE A 7 5.57 -4.39 -1.12
CA PHE A 7 6.35 -5.59 -1.31
C PHE A 7 5.55 -6.77 -1.82
N ARG A 8 5.99 -7.29 -2.96
CA ARG A 8 5.37 -8.45 -3.57
C ARG A 8 6.46 -9.45 -3.93
N SER A 9 6.34 -10.67 -3.43
CA SER A 9 7.35 -11.69 -3.69
C SER A 9 7.02 -12.47 -4.97
N LEU A 10 6.29 -13.58 -4.82
CA LEU A 10 5.90 -14.39 -5.97
C LEU A 10 4.40 -14.27 -6.20
N LYS A 11 3.64 -14.76 -5.23
CA LYS A 11 2.18 -14.70 -5.29
C LYS A 11 1.65 -13.89 -4.12
N HIS A 12 2.47 -12.95 -3.64
CA HIS A 12 2.10 -12.11 -2.51
C HIS A 12 2.09 -10.63 -2.90
N ILE A 13 1.42 -9.83 -2.08
CA ILE A 13 1.32 -8.40 -2.30
C ILE A 13 1.21 -7.68 -0.95
N TYR A 14 2.06 -6.68 -0.74
CA TYR A 14 2.06 -5.96 0.52
C TYR A 14 2.37 -4.47 0.32
N ALA A 15 1.99 -3.69 1.32
CA ALA A 15 2.24 -2.25 1.32
C ALA A 15 2.50 -1.81 2.75
N GLN A 16 3.62 -1.12 2.95
CA GLN A 16 3.99 -0.65 4.27
C GLN A 16 4.00 0.86 4.32
N ILE A 17 3.08 1.42 5.08
CA ILE A 17 2.97 2.86 5.23
C ILE A 17 3.71 3.28 6.50
N ILE A 18 4.98 3.62 6.32
CA ILE A 18 5.85 3.98 7.44
C ILE A 18 5.95 5.50 7.65
N ASP A 19 6.41 5.85 8.85
CA ASP A 19 6.61 7.25 9.23
C ASP A 19 8.07 7.61 8.97
N ASP A 20 8.26 8.55 8.03
CA ASP A 20 9.59 9.00 7.62
C ASP A 20 10.04 10.23 8.41
N GLU A 21 9.56 10.34 9.63
CA GLU A 21 9.95 11.43 10.53
C GLU A 21 10.78 10.79 11.61
N LYS A 22 10.20 9.70 12.10
CA LYS A 22 10.82 8.84 13.06
C LYS A 22 10.50 7.43 12.57
N GLY A 23 11.53 6.66 12.25
CA GLY A 23 11.31 5.33 11.72
C GLY A 23 10.19 4.60 12.44
N VAL A 24 8.96 4.77 11.96
CA VAL A 24 7.81 4.14 12.61
C VAL A 24 6.83 3.53 11.62
N THR A 25 6.72 2.21 11.61
CA THR A 25 5.77 1.53 10.74
C THR A 25 4.36 1.70 11.29
N LEU A 26 3.49 2.33 10.52
CA LEU A 26 2.12 2.57 10.96
C LEU A 26 1.15 1.54 10.42
N VAL A 27 0.98 1.49 9.11
CA VAL A 27 0.03 0.56 8.51
C VAL A 27 0.70 -0.41 7.53
N SER A 28 0.16 -1.61 7.47
CA SER A 28 0.66 -2.66 6.59
C SER A 28 -0.49 -3.58 6.18
N ALA A 29 -0.62 -3.81 4.87
CA ALA A 29 -1.69 -4.67 4.37
C ALA A 29 -1.24 -5.55 3.22
N SER A 30 -1.97 -6.65 3.01
CA SER A 30 -1.66 -7.58 1.93
C SER A 30 -2.94 -8.27 1.45
N SER A 31 -3.17 -8.26 0.14
CA SER A 31 -4.36 -8.91 -0.41
C SER A 31 -4.46 -10.36 0.03
N LEU A 32 -3.31 -10.95 0.37
CA LEU A 32 -3.27 -12.34 0.83
C LEU A 32 -3.86 -12.47 2.22
N ALA A 33 -3.37 -11.67 3.15
CA ALA A 33 -3.86 -11.70 4.53
C ALA A 33 -5.35 -11.38 4.56
N LEU A 34 -5.78 -10.59 3.59
CA LEU A 34 -7.19 -10.20 3.48
C LEU A 34 -7.97 -11.18 2.61
N LYS A 35 -7.34 -12.33 2.29
CA LYS A 35 -7.94 -13.37 1.45
C LYS A 35 -9.33 -13.01 0.94
N LEU A 36 -9.40 -11.95 0.13
CA LEU A 36 -10.65 -11.48 -0.43
C LEU A 36 -11.06 -12.35 -1.62
N LYS A 37 -12.24 -12.07 -2.18
CA LYS A 37 -12.73 -12.82 -3.33
C LYS A 37 -12.35 -12.12 -4.63
N GLY A 38 -11.06 -12.15 -4.95
CA GLY A 38 -10.58 -11.52 -6.17
C GLY A 38 -9.35 -12.19 -6.73
N ASN A 39 -8.38 -11.39 -7.15
CA ASN A 39 -7.14 -11.93 -7.72
C ASN A 39 -5.93 -11.11 -7.26
N LYS A 40 -4.79 -11.34 -7.89
CA LYS A 40 -3.57 -10.63 -7.54
C LYS A 40 -3.74 -9.13 -7.70
N THR A 41 -3.68 -8.66 -8.94
CA THR A 41 -3.83 -7.23 -9.24
C THR A 41 -5.30 -6.82 -9.14
N GLU A 42 -6.21 -7.77 -9.33
CA GLU A 42 -7.64 -7.50 -9.26
C GLU A 42 -8.01 -6.88 -7.92
N VAL A 43 -7.41 -7.38 -6.85
CA VAL A 43 -7.70 -6.85 -5.51
C VAL A 43 -6.70 -5.78 -5.10
N ALA A 44 -5.51 -5.79 -5.72
CA ALA A 44 -4.47 -4.81 -5.39
C ALA A 44 -5.06 -3.47 -4.99
N ARG A 45 -6.09 -3.04 -5.70
CA ARG A 45 -6.74 -1.78 -5.37
C ARG A 45 -7.41 -1.90 -4.04
N GLN A 46 -8.34 -2.84 -3.97
CA GLN A 46 -9.04 -3.11 -2.73
C GLN A 46 -8.03 -3.24 -1.59
N VAL A 47 -6.80 -3.63 -1.93
CA VAL A 47 -5.76 -3.75 -0.92
C VAL A 47 -5.25 -2.37 -0.56
N GLY A 48 -5.20 -1.48 -1.56
CA GLY A 48 -4.74 -0.14 -1.32
C GLY A 48 -5.82 0.67 -0.64
N ARG A 49 -7.08 0.35 -0.93
CA ARG A 49 -8.19 1.04 -0.32
C ARG A 49 -8.21 0.69 1.15
N ALA A 50 -7.84 -0.56 1.45
CA ALA A 50 -7.75 -1.02 2.82
C ALA A 50 -6.56 -0.38 3.50
N LEU A 51 -5.44 -0.31 2.77
CA LEU A 51 -4.22 0.32 3.28
C LEU A 51 -4.49 1.78 3.53
N ALA A 52 -5.13 2.41 2.55
CA ALA A 52 -5.48 3.81 2.61
C ALA A 52 -6.56 4.04 3.66
N GLU A 53 -7.35 3.01 3.91
CA GLU A 53 -8.41 3.08 4.89
C GLU A 53 -7.79 3.18 6.27
N LYS A 54 -6.68 2.47 6.44
CA LYS A 54 -5.95 2.45 7.69
C LYS A 54 -5.06 3.67 7.78
N ALA A 55 -4.10 3.73 6.87
CA ALA A 55 -3.17 4.86 6.82
C ALA A 55 -3.91 6.17 7.07
N LEU A 56 -5.08 6.28 6.46
CA LEU A 56 -5.90 7.46 6.61
C LEU A 56 -6.31 7.66 8.07
N ALA A 57 -6.63 6.56 8.74
CA ALA A 57 -7.03 6.58 10.13
C ALA A 57 -6.01 7.32 10.99
N LEU A 58 -4.78 7.41 10.49
CA LEU A 58 -3.71 8.12 11.19
C LEU A 58 -3.73 9.57 10.74
N GLY A 59 -4.22 9.77 9.52
CA GLY A 59 -4.29 11.08 8.92
C GLY A 59 -3.27 11.22 7.81
N ILE A 60 -2.76 10.09 7.34
CA ILE A 60 -1.78 10.08 6.28
C ILE A 60 -2.41 10.47 4.96
N LYS A 61 -2.14 11.71 4.58
CA LYS A 61 -2.67 12.27 3.37
C LYS A 61 -1.69 12.13 2.22
N GLN A 62 -0.44 12.47 2.48
CA GLN A 62 0.61 12.38 1.48
C GLN A 62 1.73 11.47 1.96
N VAL A 63 2.28 10.67 1.05
CA VAL A 63 3.34 9.76 1.41
C VAL A 63 4.54 9.90 0.48
N ALA A 64 5.64 9.28 0.90
CA ALA A 64 6.87 9.29 0.13
C ALA A 64 7.01 7.91 -0.52
N PHE A 65 6.77 7.85 -1.82
CA PHE A 65 6.81 6.57 -2.51
C PHE A 65 8.23 6.16 -2.87
N ASP A 66 8.71 5.17 -2.12
CA ASP A 66 10.03 4.60 -2.30
C ASP A 66 9.90 3.09 -2.18
N ARG A 67 9.96 2.39 -3.30
CA ARG A 67 9.81 0.94 -3.28
C ARG A 67 11.16 0.26 -3.12
N GLY A 68 12.13 0.70 -3.92
CA GLY A 68 13.46 0.12 -3.85
C GLY A 68 13.83 -0.60 -5.14
N PRO A 69 13.97 -1.94 -5.11
CA PRO A 69 14.33 -2.73 -6.29
C PRO A 69 13.10 -3.19 -7.07
N TYR A 70 12.01 -2.44 -6.97
CA TYR A 70 10.77 -2.78 -7.66
C TYR A 70 10.62 -1.97 -8.94
N LYS A 71 9.74 -2.45 -9.82
CA LYS A 71 9.47 -1.79 -11.08
C LYS A 71 7.97 -1.67 -11.29
N TYR A 72 7.54 -0.60 -11.95
CA TYR A 72 6.11 -0.37 -12.21
C TYR A 72 5.45 -1.66 -12.68
N HIS A 73 4.71 -2.30 -11.78
CA HIS A 73 4.02 -3.55 -12.10
C HIS A 73 2.53 -3.46 -11.78
N GLY A 74 1.78 -4.49 -12.17
CA GLY A 74 0.35 -4.52 -11.94
C GLY A 74 -0.02 -4.15 -10.51
N ARG A 75 0.72 -4.68 -9.54
CA ARG A 75 0.46 -4.40 -8.14
C ARG A 75 0.47 -2.91 -7.86
N VAL A 76 1.65 -2.30 -7.91
CA VAL A 76 1.80 -0.87 -7.67
C VAL A 76 0.67 -0.07 -8.29
N LYS A 77 0.31 -0.42 -9.51
CA LYS A 77 -0.76 0.28 -10.20
C LYS A 77 -2.05 0.24 -9.41
N ALA A 78 -2.71 -0.91 -9.45
CA ALA A 78 -3.97 -1.11 -8.74
C ALA A 78 -3.84 -0.84 -7.25
N LEU A 79 -2.71 -1.21 -6.66
CA LEU A 79 -2.49 -1.01 -5.24
C LEU A 79 -2.36 0.47 -4.92
N ALA A 80 -1.53 1.14 -5.68
CA ALA A 80 -1.29 2.56 -5.48
C ALA A 80 -2.58 3.36 -5.59
N GLU A 81 -3.51 2.92 -6.45
CA GLU A 81 -4.77 3.62 -6.55
C GLU A 81 -5.54 3.41 -5.26
N GLY A 82 -5.60 2.15 -4.82
CA GLY A 82 -6.27 1.85 -3.56
C GLY A 82 -5.82 2.81 -2.49
N ALA A 83 -4.51 2.80 -2.28
CA ALA A 83 -3.85 3.62 -1.27
C ALA A 83 -4.11 5.10 -1.52
N ARG A 84 -4.04 5.52 -2.79
CA ARG A 84 -4.30 6.91 -3.12
C ARG A 84 -5.80 7.17 -3.16
N GLU A 85 -6.51 6.36 -3.94
CA GLU A 85 -7.95 6.45 -4.06
C GLU A 85 -8.56 6.51 -2.67
N GLY A 86 -8.01 5.68 -1.77
CA GLY A 86 -8.48 5.64 -0.40
C GLY A 86 -8.23 6.95 0.33
N GLY A 87 -7.00 7.47 0.25
CA GLY A 87 -6.70 8.74 0.92
C GLY A 87 -5.25 9.19 0.77
N LEU A 88 -4.32 8.26 0.62
CA LEU A 88 -2.91 8.57 0.50
C LEU A 88 -2.54 9.24 -0.82
N GLU A 89 -1.55 10.11 -0.75
CA GLU A 89 -1.06 10.81 -1.93
C GLU A 89 0.46 10.67 -2.05
N PHE A 90 0.89 9.63 -2.77
CA PHE A 90 2.30 9.36 -2.94
C PHE A 90 2.69 9.39 -4.42
N ARG A 1 6.85 13.26 7.98
CA ARG A 1 6.70 12.60 6.66
C ARG A 1 6.58 11.09 6.81
N LEU A 2 5.83 10.47 5.91
CA LEU A 2 5.63 9.02 5.94
C LEU A 2 5.98 8.41 4.59
N ARG A 3 6.72 7.30 4.63
CA ARG A 3 7.15 6.62 3.41
C ARG A 3 6.36 5.34 3.16
N LEU A 4 5.77 5.26 1.98
CA LEU A 4 4.99 4.11 1.59
C LEU A 4 5.88 3.09 0.87
N SER A 5 5.61 1.80 1.11
CA SER A 5 6.40 0.74 0.49
C SER A 5 5.53 -0.48 0.17
N VAL A 6 5.28 -0.74 -1.12
CA VAL A 6 4.46 -1.89 -1.51
C VAL A 6 5.31 -3.06 -1.98
N PHE A 7 5.12 -4.21 -1.33
CA PHE A 7 5.87 -5.41 -1.69
C PHE A 7 5.05 -6.36 -2.56
N ARG A 8 5.77 -7.16 -3.33
CA ARG A 8 5.16 -8.14 -4.21
C ARG A 8 6.12 -9.32 -4.38
N SER A 9 5.69 -10.50 -3.97
CA SER A 9 6.53 -11.69 -4.07
C SER A 9 6.36 -12.38 -5.43
N LEU A 10 5.10 -12.54 -5.82
CA LEU A 10 4.76 -13.17 -7.10
C LEU A 10 3.26 -13.20 -7.26
N LYS A 11 2.60 -13.90 -6.35
CA LYS A 11 1.15 -13.99 -6.34
C LYS A 11 0.61 -13.35 -5.07
N HIS A 12 1.42 -12.47 -4.49
CA HIS A 12 1.07 -11.77 -3.26
C HIS A 12 1.10 -10.26 -3.46
N ILE A 13 0.66 -9.53 -2.44
CA ILE A 13 0.63 -8.09 -2.49
C ILE A 13 0.59 -7.51 -1.08
N TYR A 14 1.45 -6.52 -0.82
CA TYR A 14 1.51 -5.91 0.50
C TYR A 14 1.89 -4.44 0.41
N ALA A 15 1.38 -3.64 1.34
CA ALA A 15 1.71 -2.22 1.38
C ALA A 15 2.05 -1.81 2.81
N GLN A 16 3.25 -1.30 3.01
CA GLN A 16 3.67 -0.88 4.32
C GLN A 16 3.82 0.64 4.37
N ILE A 17 2.95 1.26 5.15
CA ILE A 17 3.00 2.70 5.30
C ILE A 17 3.74 3.04 6.59
N ILE A 18 4.97 3.50 6.43
CA ILE A 18 5.83 3.81 7.57
C ILE A 18 6.03 5.31 7.80
N ASP A 19 6.44 5.65 9.02
CA ASP A 19 6.73 7.02 9.39
C ASP A 19 8.19 7.33 9.08
N ASP A 20 8.39 8.27 8.16
CA ASP A 20 9.71 8.68 7.70
C ASP A 20 10.27 9.85 8.51
N GLU A 21 9.74 10.02 9.72
CA GLU A 21 10.22 11.07 10.63
C GLU A 21 10.93 10.33 11.74
N LYS A 22 10.24 9.30 12.19
CA LYS A 22 10.73 8.38 13.17
C LYS A 22 10.38 7.02 12.60
N GLY A 23 11.39 6.20 12.33
CA GLY A 23 11.12 4.89 11.75
C GLY A 23 9.99 4.18 12.47
N VAL A 24 8.76 4.46 12.04
CA VAL A 24 7.59 3.87 12.70
C VAL A 24 6.55 3.33 11.72
N THR A 25 6.39 2.01 11.70
CA THR A 25 5.39 1.39 10.83
C THR A 25 4.00 1.67 11.38
N LEU A 26 3.21 2.44 10.64
CA LEU A 26 1.87 2.80 11.08
C LEU A 26 0.83 1.80 10.61
N VAL A 27 0.74 1.59 9.30
CA VAL A 27 -0.24 0.67 8.76
C VAL A 27 0.37 -0.31 7.75
N SER A 28 -0.24 -1.48 7.64
CA SER A 28 0.21 -2.50 6.72
C SER A 28 -0.98 -3.34 6.26
N ALA A 29 -1.23 -3.35 4.95
CA ALA A 29 -2.35 -4.10 4.40
C ALA A 29 -1.94 -5.00 3.24
N SER A 30 -2.63 -6.12 3.10
CA SER A 30 -2.35 -7.07 2.02
C SER A 30 -3.62 -7.83 1.62
N SER A 31 -3.80 -8.05 0.32
CA SER A 31 -4.98 -8.75 -0.18
C SER A 31 -5.19 -10.08 0.56
N LEU A 32 -4.28 -11.03 0.35
CA LEU A 32 -4.36 -12.34 0.98
C LEU A 32 -4.39 -12.23 2.51
N ALA A 33 -4.14 -11.04 3.03
CA ALA A 33 -4.13 -10.82 4.48
C ALA A 33 -5.52 -10.93 5.07
N LEU A 34 -6.41 -10.04 4.64
CA LEU A 34 -7.77 -10.01 5.14
C LEU A 34 -8.43 -11.37 5.03
N LYS A 35 -8.39 -11.95 3.84
CA LYS A 35 -8.99 -13.26 3.60
C LYS A 35 -8.85 -13.67 2.14
N LEU A 36 -8.99 -12.69 1.26
CA LEU A 36 -8.91 -12.95 -0.17
C LEU A 36 -7.47 -12.97 -0.67
N LYS A 37 -7.05 -14.13 -1.19
CA LYS A 37 -5.70 -14.29 -1.70
C LYS A 37 -5.52 -13.53 -3.01
N GLY A 38 -4.45 -12.78 -3.11
CA GLY A 38 -4.17 -12.01 -4.32
C GLY A 38 -3.86 -12.89 -5.51
N ASN A 39 -4.82 -12.98 -6.43
CA ASN A 39 -4.63 -13.79 -7.64
C ASN A 39 -4.11 -12.93 -8.79
N LYS A 40 -4.47 -11.66 -8.77
CA LYS A 40 -4.04 -10.72 -9.81
C LYS A 40 -4.33 -9.29 -9.38
N THR A 41 -4.35 -8.37 -10.36
CA THR A 41 -4.63 -6.97 -10.06
C THR A 41 -6.12 -6.69 -10.07
N GLU A 42 -6.88 -7.53 -9.35
CA GLU A 42 -8.32 -7.38 -9.27
C GLU A 42 -8.72 -6.57 -8.04
N VAL A 43 -8.28 -7.02 -6.87
CA VAL A 43 -8.60 -6.35 -5.62
C VAL A 43 -7.53 -5.35 -5.21
N ALA A 44 -6.33 -5.49 -5.78
CA ALA A 44 -5.21 -4.60 -5.45
C ALA A 44 -5.69 -3.19 -5.09
N ARG A 45 -6.65 -2.69 -5.85
CA ARG A 45 -7.20 -1.37 -5.58
C ARG A 45 -7.92 -1.39 -4.25
N GLN A 46 -8.93 -2.25 -4.20
CA GLN A 46 -9.70 -2.43 -2.99
C GLN A 46 -8.75 -2.65 -1.81
N VAL A 47 -7.54 -3.13 -2.11
CA VAL A 47 -6.55 -3.33 -1.06
C VAL A 47 -5.88 -2.01 -0.73
N GLY A 48 -5.74 -1.15 -1.75
CA GLY A 48 -5.15 0.14 -1.53
C GLY A 48 -6.12 1.09 -0.87
N ARG A 49 -7.42 0.86 -1.08
CA ARG A 49 -8.43 1.72 -0.48
C ARG A 49 -8.59 1.35 0.98
N ALA A 50 -8.53 0.06 1.27
CA ALA A 50 -8.60 -0.39 2.65
C ALA A 50 -7.33 0.04 3.37
N LEU A 51 -6.23 0.05 2.62
CA LEU A 51 -4.94 0.47 3.14
C LEU A 51 -4.94 1.98 3.34
N ALA A 52 -5.33 2.68 2.28
CA ALA A 52 -5.42 4.13 2.33
C ALA A 52 -6.46 4.54 3.35
N GLU A 53 -7.39 3.63 3.60
CA GLU A 53 -8.42 3.87 4.59
C GLU A 53 -7.81 3.67 5.96
N LYS A 54 -6.81 2.78 6.03
CA LYS A 54 -6.07 2.50 7.25
C LYS A 54 -5.14 3.65 7.55
N ALA A 55 -4.14 3.80 6.69
CA ALA A 55 -3.15 4.87 6.81
C ALA A 55 -3.84 6.19 7.12
N LEU A 56 -4.95 6.41 6.43
CA LEU A 56 -5.73 7.61 6.62
C LEU A 56 -6.17 7.75 8.07
N ALA A 57 -6.52 6.62 8.66
CA ALA A 57 -6.96 6.58 10.05
C ALA A 57 -5.91 7.23 10.97
N LEU A 58 -4.67 7.27 10.51
CA LEU A 58 -3.59 7.89 11.25
C LEU A 58 -3.52 9.36 10.86
N GLY A 59 -3.96 9.64 9.64
CA GLY A 59 -3.95 10.97 9.10
C GLY A 59 -2.88 11.12 8.04
N ILE A 60 -2.43 9.99 7.50
CA ILE A 60 -1.41 9.99 6.47
C ILE A 60 -2.00 10.40 5.14
N LYS A 61 -1.70 11.63 4.76
CA LYS A 61 -2.20 12.19 3.53
C LYS A 61 -1.24 11.94 2.38
N GLN A 62 0.00 12.39 2.55
CA GLN A 62 1.02 12.22 1.52
C GLN A 62 2.07 11.22 1.99
N VAL A 63 2.63 10.46 1.05
CA VAL A 63 3.65 9.48 1.41
C VAL A 63 4.84 9.53 0.45
N ALA A 64 5.91 8.88 0.88
CA ALA A 64 7.13 8.80 0.09
C ALA A 64 7.27 7.37 -0.42
N PHE A 65 6.86 7.15 -1.65
CA PHE A 65 6.88 5.81 -2.21
C PHE A 65 8.26 5.42 -2.73
N ASP A 66 8.89 4.49 -2.01
CA ASP A 66 10.21 4.00 -2.37
C ASP A 66 10.38 2.56 -1.89
N ARG A 67 9.95 1.59 -2.69
CA ARG A 67 10.10 0.20 -2.27
C ARG A 67 11.54 -0.28 -2.46
N GLY A 68 12.23 0.32 -3.43
CA GLY A 68 13.61 -0.06 -3.70
C GLY A 68 13.80 -0.53 -5.13
N PRO A 69 14.04 -1.84 -5.34
CA PRO A 69 14.23 -2.41 -6.66
C PRO A 69 12.93 -2.88 -7.30
N TYR A 70 11.85 -2.15 -7.01
CA TYR A 70 10.53 -2.49 -7.55
C TYR A 70 10.22 -1.69 -8.80
N LYS A 71 9.65 -2.37 -9.78
CA LYS A 71 9.27 -1.72 -11.03
C LYS A 71 7.75 -1.66 -11.14
N TYR A 72 7.24 -0.64 -11.82
CA TYR A 72 5.80 -0.47 -12.00
C TYR A 72 5.14 -1.79 -12.39
N HIS A 73 4.59 -2.49 -11.40
CA HIS A 73 3.93 -3.78 -11.63
C HIS A 73 2.43 -3.68 -11.46
N GLY A 74 1.71 -4.63 -12.05
CA GLY A 74 0.25 -4.66 -11.98
C GLY A 74 -0.29 -4.29 -10.60
N ARG A 75 0.22 -4.94 -9.56
CA ARG A 75 -0.21 -4.66 -8.20
C ARG A 75 -0.06 -3.18 -7.88
N VAL A 76 1.19 -2.71 -7.86
CA VAL A 76 1.48 -1.31 -7.58
C VAL A 76 0.48 -0.38 -8.25
N LYS A 77 0.08 -0.73 -9.46
CA LYS A 77 -0.88 0.07 -10.19
C LYS A 77 -2.19 0.15 -9.44
N ALA A 78 -2.97 -0.92 -9.53
CA ALA A 78 -4.26 -0.99 -8.87
C ALA A 78 -4.16 -0.71 -7.37
N LEU A 79 -3.07 -1.15 -6.75
CA LEU A 79 -2.88 -0.93 -5.33
C LEU A 79 -2.61 0.52 -5.03
N ALA A 80 -1.63 1.07 -5.74
CA ALA A 80 -1.25 2.45 -5.53
C ALA A 80 -2.43 3.39 -5.74
N GLU A 81 -3.36 3.04 -6.64
CA GLU A 81 -4.54 3.87 -6.81
C GLU A 81 -5.38 3.74 -5.56
N GLY A 82 -5.54 2.51 -5.09
CA GLY A 82 -6.28 2.27 -3.86
C GLY A 82 -5.80 3.21 -2.78
N ALA A 83 -4.50 3.09 -2.54
CA ALA A 83 -3.81 3.89 -1.53
C ALA A 83 -3.90 5.37 -1.85
N ARG A 84 -3.89 5.69 -3.13
CA ARG A 84 -3.99 7.08 -3.57
C ARG A 84 -5.44 7.51 -3.74
N GLU A 85 -6.32 6.54 -3.96
CA GLU A 85 -7.72 6.81 -4.14
C GLU A 85 -8.38 6.90 -2.76
N GLY A 86 -7.87 6.09 -1.83
CA GLY A 86 -8.39 6.08 -0.48
C GLY A 86 -8.04 7.37 0.27
N GLY A 87 -6.80 7.82 0.16
CA GLY A 87 -6.41 9.06 0.83
C GLY A 87 -4.93 9.40 0.70
N LEU A 88 -4.07 8.39 0.60
CA LEU A 88 -2.64 8.61 0.52
C LEU A 88 -2.20 9.21 -0.82
N GLU A 89 -1.22 10.09 -0.75
CA GLU A 89 -0.67 10.72 -1.95
C GLU A 89 0.84 10.56 -1.97
N PHE A 90 1.30 9.61 -2.75
CA PHE A 90 2.73 9.32 -2.84
C PHE A 90 3.16 9.24 -4.31
#